data_8EGV
#
_entry.id   8EGV
#
_cell.length_a   135.209
_cell.length_b   178.287
_cell.length_c   179.500
_cell.angle_alpha   90.000
_cell.angle_beta   90.000
_cell.angle_gamma   90.000
#
_symmetry.space_group_name_H-M   'I 2 2 2'
#
loop_
_entity.id
_entity.type
_entity.pdbx_description
1 polymer 'Chaetomium alpha glucosidase'
2 non-polymer (2R,3R,4R,5S)-1-{2-[4-(2-{[(5M)-3-chloro-5-(1,2,4-oxadiazol-3-yl)phenyl]amino}ethyl)phenyl]ethyl}-2-(hydroxymethyl)piperidine-3,4,5-triol
3 non-polymer GLYCEROL
4 non-polymer 'SULFATE ION'
5 non-polymer 2-acetamido-2-deoxy-beta-D-glucopyranose
6 non-polymer 2-[BIS-(2-HYDROXY-ETHYL)-AMINO]-2-HYDROXYMETHYL-PROPANE-1,3-DIOL
7 water water
#
_entity_poly.entity_id   1
_entity_poly.type   'polypeptide(L)'
_entity_poly.pdbx_seq_one_letter_code
;MGILPSPGMPALLSLVSLLSVLLMGCVAETGVEGESILHSEIGRLNNQSLLWGPYRPNIYFGTRPRIGKSLMTGLMWGKI
ESYTDFQHTVRYTCEQNEGMKGYGWDEYDPRRGGIQSIHDIQNGLDITTSFVKIPGGAHGGSWAARIKGTLNDDAPKDQK
TIVVFYVSQEGENSELEAVPSENEFGYEGDVILKGRSEALGNYKLVVTKGKGVIPQSDHDLSRLRGPGQTVVQSLTYPDE
VLWQAKPILFQQLKAGIDWLVENKYDVADPPPPWQVYLLANKPGSGNVHIVQKVFEGDFEFDILFSSESAGKEVTSKDLE
REVKQATEVFGERFARVFDLKAPFQGDNYKKFGKSMFSNLIGGIGYFYGHSLVDRSYAPEYDEENEGFWEDAAEARARHQ
EALEGPYELFTSIPSRPFFPRGFLWDEGFHLLPIADWDIDLALEIIKSWYNLMDEDGWIAREQILGAEARSKVPKEFQTQ
YPHYANPPTLFLVLDNFVERLRKNNASQPVVKDNLSLDETLSTASVDNPEVGLEYLRRLYPLLRRQFDWFRKTQAGDIKS
YDREAYSTKEAYRWRGRTVSHCLTSGLDDYPRPQPPHPGELHVDLMSWVGVMVKSLISIGSLLGATEDVEFYTKVLDAIE
HNLDDLHWSEKEGCYCDATIDEFEEHKLVCHKGYISLFPFLTGLLKPDSPKLGKLLALIGDESELWSPYGLRSLSKKDEF
YGTAENYWRSPVWININYLAIVQLYNIATQDGPYKETARDLYTRLRKNIVETVYRNWEETGFAWEQYNPETGKGQRTQHF
TGWTSLVVKIMSGHHHHHH
;
_entity_poly.pdbx_strand_id   A,B
#
# COMPACT_ATOMS: atom_id res chain seq x y z
N LEU A 38 24.63 -19.50 -15.59
CA LEU A 38 24.25 -19.39 -17.04
C LEU A 38 22.85 -18.78 -17.16
N HIS A 39 21.96 -19.09 -16.20
CA HIS A 39 20.66 -18.42 -16.14
C HIS A 39 20.90 -16.94 -15.92
N SER A 40 21.86 -16.65 -15.04
CA SER A 40 22.32 -15.31 -14.70
C SER A 40 22.92 -14.62 -15.93
N GLU A 41 23.72 -15.36 -16.71
CA GLU A 41 24.32 -14.86 -17.95
C GLU A 41 23.27 -14.44 -18.99
N ILE A 42 22.31 -15.34 -19.29
CA ILE A 42 21.23 -15.09 -20.23
C ILE A 42 20.42 -13.85 -19.78
N GLY A 43 20.17 -13.73 -18.47
CA GLY A 43 19.46 -12.61 -17.87
C GLY A 43 20.10 -11.26 -18.19
N ARG A 44 21.43 -11.19 -18.03
CA ARG A 44 22.18 -9.96 -18.28
C ARG A 44 22.18 -9.63 -19.78
N LEU A 45 22.32 -10.66 -20.62
CA LEU A 45 22.30 -10.50 -22.08
C LEU A 45 20.92 -10.07 -22.58
N ASN A 46 19.84 -10.57 -21.96
CA ASN A 46 18.47 -10.13 -22.26
C ASN A 46 18.26 -8.66 -21.88
N ASN A 47 18.70 -8.27 -20.66
CA ASN A 47 18.68 -6.89 -20.19
C ASN A 47 19.43 -5.97 -21.15
N GLN A 48 20.63 -6.34 -21.59
CA GLN A 48 21.38 -5.44 -22.44
C GLN A 48 20.64 -5.30 -23.77
N SER A 49 20.05 -6.42 -24.21
CA SER A 49 19.43 -6.53 -25.51
C SER A 49 18.16 -5.68 -25.58
N LEU A 50 17.41 -5.64 -24.47
CA LEU A 50 16.06 -5.09 -24.46
C LEU A 50 16.00 -3.68 -23.88
N LEU A 51 17.12 -3.17 -23.36
CA LEU A 51 17.08 -1.93 -22.59
C LEU A 51 16.50 -0.73 -23.36
N TRP A 52 16.92 -0.50 -24.61
CA TRP A 52 16.45 0.65 -25.39
C TRP A 52 15.29 0.25 -26.30
N GLY A 53 14.38 1.21 -26.53
CA GLY A 53 13.33 0.96 -27.52
C GLY A 53 12.46 2.20 -27.68
N PRO A 54 11.52 2.19 -28.63
CA PRO A 54 10.58 3.30 -28.78
C PRO A 54 9.43 2.98 -27.83
N TYR A 55 9.77 2.86 -26.54
CA TYR A 55 8.93 2.24 -25.53
C TYR A 55 7.94 3.25 -24.95
N ARG A 56 7.50 4.20 -25.78
CA ARG A 56 6.50 5.20 -25.41
C ARG A 56 5.30 5.09 -26.37
N PRO A 57 4.55 3.95 -26.36
CA PRO A 57 3.49 3.74 -27.32
C PRO A 57 2.34 4.73 -27.15
N ASN A 58 2.29 5.47 -26.04
CA ASN A 58 1.27 6.47 -25.79
C ASN A 58 1.50 7.69 -26.71
N ILE A 59 2.68 7.81 -27.35
CA ILE A 59 2.89 8.95 -28.25
C ILE A 59 3.22 8.43 -29.66
N TYR A 60 3.12 9.30 -30.69
CA TYR A 60 3.41 8.81 -32.04
C TYR A 60 4.81 8.24 -32.12
N PHE A 61 5.80 9.01 -31.64
CA PHE A 61 7.17 8.52 -31.75
C PHE A 61 8.01 9.14 -30.64
N GLY A 62 8.58 8.27 -29.82
CA GLY A 62 9.55 8.68 -28.82
C GLY A 62 10.31 7.46 -28.37
N THR A 63 11.36 7.67 -27.58
CA THR A 63 12.14 6.56 -27.07
C THR A 63 12.38 6.78 -25.58
N ARG A 64 12.62 5.67 -24.87
CA ARG A 64 13.12 5.67 -23.50
C ARG A 64 13.76 4.33 -23.24
N PRO A 65 14.71 4.24 -22.29
CA PRO A 65 15.22 2.95 -21.84
C PRO A 65 14.32 2.41 -20.73
N ARG A 66 14.52 1.12 -20.41
CA ARG A 66 13.79 0.51 -19.31
C ARG A 66 14.43 0.91 -18.00
N ILE A 67 14.35 2.20 -17.70
CA ILE A 67 14.88 2.81 -16.49
C ILE A 67 13.90 3.91 -16.11
N GLY A 68 13.44 3.89 -14.84
CA GLY A 68 12.41 4.81 -14.39
C GLY A 68 12.74 6.28 -14.62
N LYS A 69 13.97 6.68 -14.26
CA LYS A 69 14.36 8.09 -14.28
C LYS A 69 15.57 8.23 -15.18
N SER A 70 15.34 8.61 -16.44
CA SER A 70 16.42 8.52 -17.41
C SER A 70 16.15 9.48 -18.57
N LEU A 71 16.75 9.19 -19.72
CA LEU A 71 16.65 10.03 -20.91
C LEU A 71 15.45 9.57 -21.72
N MET A 72 14.57 10.52 -22.11
CA MET A 72 13.42 10.23 -22.95
C MET A 72 13.38 11.24 -24.11
N THR A 73 12.88 10.77 -25.27
CA THR A 73 12.71 11.65 -26.40
C THR A 73 11.28 11.52 -26.95
N GLY A 74 10.83 12.56 -27.65
CA GLY A 74 9.57 12.48 -28.37
C GLY A 74 9.53 13.49 -29.53
N LEU A 75 8.74 13.13 -30.55
CA LEU A 75 8.60 13.90 -31.77
C LEU A 75 7.24 14.62 -31.74
N MET A 76 7.22 15.87 -32.18
CA MET A 76 5.99 16.56 -32.50
C MET A 76 6.14 17.14 -33.92
N TRP A 77 5.01 17.37 -34.59
CA TRP A 77 4.99 18.05 -35.87
C TRP A 77 3.61 18.65 -36.03
N GLY A 78 3.53 19.80 -36.71
CA GLY A 78 2.27 20.22 -37.29
C GLY A 78 2.44 21.32 -38.33
N LYS A 79 1.51 21.39 -39.29
CA LYS A 79 1.54 22.48 -40.27
C LYS A 79 1.21 23.78 -39.55
N ILE A 80 1.71 24.89 -40.09
CA ILE A 80 1.31 26.21 -39.62
C ILE A 80 0.90 27.04 -40.85
N GLU A 81 -0.34 27.52 -40.86
CA GLU A 81 -0.89 28.31 -41.94
C GLU A 81 -1.37 29.66 -41.42
N SER A 82 -1.37 29.84 -40.10
CA SER A 82 -1.90 31.07 -39.53
C SER A 82 -1.20 31.38 -38.21
N TYR A 83 -1.64 32.45 -37.54
CA TYR A 83 -1.06 32.86 -36.27
C TYR A 83 -1.67 32.07 -35.10
N THR A 84 -2.67 31.19 -35.34
CA THR A 84 -3.33 30.57 -34.19
C THR A 84 -3.58 29.06 -34.40
N ASP A 85 -3.13 28.49 -35.52
CA ASP A 85 -3.53 27.15 -35.88
C ASP A 85 -2.59 26.07 -35.31
N PHE A 86 -1.31 26.38 -35.06
CA PHE A 86 -0.31 25.38 -34.73
C PHE A 86 -0.68 24.67 -33.42
N GLN A 87 -1.25 25.39 -32.44
CA GLN A 87 -1.75 24.76 -31.23
C GLN A 87 -2.82 23.72 -31.54
N HIS A 88 -3.52 23.78 -32.69
CA HIS A 88 -4.57 22.82 -33.03
C HIS A 88 -4.03 21.71 -33.95
N THR A 89 -2.98 21.97 -34.74
CA THR A 89 -2.49 20.98 -35.68
C THR A 89 -1.42 20.09 -35.05
N VAL A 90 -0.73 20.60 -34.02
CA VAL A 90 0.45 19.88 -33.54
C VAL A 90 0.05 18.49 -33.02
N ARG A 91 0.91 17.50 -33.29
CA ARG A 91 0.70 16.10 -33.02
C ARG A 91 1.73 15.71 -31.99
N TYR A 92 1.32 14.95 -30.97
CA TYR A 92 2.29 14.44 -30.02
C TYR A 92 1.78 13.11 -29.43
N THR A 93 0.71 13.17 -28.62
CA THR A 93 0.11 11.96 -28.08
C THR A 93 -0.85 11.33 -29.10
N CYS A 94 -0.92 9.99 -29.08
CA CYS A 94 -1.70 9.24 -30.06
C CYS A 94 -3.20 9.52 -29.89
N GLU A 95 -3.88 9.75 -31.01
CA GLU A 95 -5.33 9.87 -31.02
C GLU A 95 -5.81 9.17 -32.28
N GLN A 96 -7.13 9.06 -32.43
CA GLN A 96 -7.70 8.56 -33.69
C GLN A 96 -9.04 9.24 -33.84
N ASN A 97 -9.19 10.01 -34.92
CA ASN A 97 -10.37 10.81 -35.23
C ASN A 97 -10.33 11.03 -36.73
N GLU A 98 -11.21 11.92 -37.24
CA GLU A 98 -11.35 12.14 -38.66
C GLU A 98 -10.05 12.69 -39.28
N GLY A 99 -9.22 13.42 -38.51
CA GLY A 99 -8.06 14.08 -39.09
C GLY A 99 -6.84 13.19 -39.23
N MET A 100 -6.99 11.91 -38.83
CA MET A 100 -5.90 10.96 -38.92
C MET A 100 -6.37 9.72 -39.71
N LYS A 101 -5.81 9.49 -40.89
CA LYS A 101 -6.23 8.35 -41.67
C LYS A 101 -5.87 7.06 -40.91
N GLY A 102 -4.65 7.02 -40.36
CA GLY A 102 -4.22 5.83 -39.69
C GLY A 102 -2.72 5.88 -39.42
N TYR A 103 -2.24 4.90 -38.66
CA TYR A 103 -0.82 4.86 -38.32
C TYR A 103 -0.56 3.52 -37.70
N GLY A 104 0.70 3.06 -37.79
CA GLY A 104 1.09 1.86 -37.05
C GLY A 104 2.44 1.35 -37.54
N TRP A 105 2.91 0.27 -36.93
CA TRP A 105 4.20 -0.34 -37.22
C TRP A 105 4.07 -1.26 -38.43
N ASP A 106 4.96 -1.06 -39.41
CA ASP A 106 4.94 -1.96 -40.56
C ASP A 106 5.75 -3.21 -40.24
N GLU A 107 6.79 -3.04 -39.41
CA GLU A 107 7.64 -4.13 -38.99
C GLU A 107 8.17 -3.70 -37.65
N TYR A 108 8.33 -4.67 -36.74
CA TYR A 108 8.90 -4.26 -35.47
C TYR A 108 9.41 -5.49 -34.72
N ASP A 109 10.56 -5.31 -34.05
CA ASP A 109 11.12 -6.30 -33.16
C ASP A 109 11.88 -5.52 -32.09
N PRO A 110 11.51 -5.64 -30.80
CA PRO A 110 12.06 -4.75 -29.78
C PRO A 110 13.56 -4.89 -29.60
N ARG A 111 14.15 -6.02 -30.01
CA ARG A 111 15.60 -6.13 -29.92
C ARG A 111 16.27 -5.39 -31.08
N ARG A 112 15.54 -5.13 -32.17
CA ARG A 112 16.23 -4.64 -33.37
C ARG A 112 15.74 -3.25 -33.80
N GLY A 113 14.43 -3.01 -33.67
CA GLY A 113 13.82 -1.78 -34.16
C GLY A 113 12.72 -2.10 -35.18
N GLY A 114 12.34 -1.09 -35.96
CA GLY A 114 11.27 -1.28 -36.91
C GLY A 114 10.96 -0.01 -37.70
N ILE A 115 9.83 -0.02 -38.41
CA ILE A 115 9.44 1.13 -39.19
C ILE A 115 7.95 1.41 -38.91
N GLN A 116 7.65 2.66 -38.59
CA GLN A 116 6.27 3.05 -38.37
C GLN A 116 5.85 3.98 -39.51
N SER A 117 4.59 3.84 -39.93
CA SER A 117 4.09 4.83 -40.88
C SER A 117 2.84 5.54 -40.32
N ILE A 118 2.78 6.86 -40.57
CA ILE A 118 1.77 7.74 -40.00
C ILE A 118 1.13 8.48 -41.18
N HIS A 119 -0.20 8.38 -41.29
CA HIS A 119 -0.97 8.99 -42.38
C HIS A 119 -1.88 10.07 -41.78
N ASP A 120 -1.43 11.33 -41.84
CA ASP A 120 -2.03 12.46 -41.14
C ASP A 120 -2.74 13.34 -42.18
N ILE A 121 -4.09 13.31 -42.16
CA ILE A 121 -4.91 14.09 -43.06
C ILE A 121 -4.85 15.57 -42.68
N GLN A 122 -5.02 15.88 -41.40
CA GLN A 122 -5.11 17.27 -40.98
C GLN A 122 -3.85 18.00 -41.42
N ASN A 123 -2.70 17.32 -41.28
CA ASN A 123 -1.42 17.97 -41.54
C ASN A 123 -0.88 17.67 -42.94
N GLY A 124 -1.69 17.00 -43.76
CA GLY A 124 -1.34 16.72 -45.16
C GLY A 124 -0.03 15.93 -45.29
N LEU A 125 0.28 15.04 -44.33
CA LEU A 125 1.62 14.43 -44.37
C LEU A 125 1.55 12.91 -44.20
N ASP A 126 2.41 12.22 -44.96
CA ASP A 126 2.71 10.82 -44.73
C ASP A 126 4.10 10.76 -44.14
N ILE A 127 4.17 10.23 -42.91
CA ILE A 127 5.39 10.23 -42.14
C ILE A 127 5.83 8.79 -41.95
N THR A 128 7.15 8.61 -42.01
CA THR A 128 7.81 7.36 -41.67
C THR A 128 8.77 7.67 -40.53
N THR A 129 8.76 6.84 -39.47
CA THR A 129 9.76 6.91 -38.42
C THR A 129 10.46 5.55 -38.37
N SER A 130 11.76 5.50 -38.71
CA SER A 130 12.50 4.24 -38.67
C SER A 130 13.40 4.28 -37.45
N PHE A 131 13.41 3.21 -36.68
CA PHE A 131 14.19 3.19 -35.45
C PHE A 131 15.05 1.92 -35.48
N VAL A 132 16.31 2.04 -35.07
CA VAL A 132 17.17 0.87 -35.13
C VAL A 132 18.15 0.92 -33.96
N LYS A 133 18.51 -0.26 -33.44
CA LYS A 133 19.40 -0.38 -32.30
C LYS A 133 20.75 -0.96 -32.77
N ILE A 134 21.83 -0.51 -32.15
CA ILE A 134 23.16 -0.99 -32.54
C ILE A 134 23.89 -1.41 -31.27
N PRO A 135 24.00 -2.74 -31.01
CA PRO A 135 24.56 -3.24 -29.75
C PRO A 135 26.01 -2.81 -29.56
N GLY A 136 26.48 -2.77 -28.32
CA GLY A 136 27.85 -2.33 -28.10
C GLY A 136 28.02 -1.54 -26.81
N GLY A 137 29.20 -1.67 -26.19
CA GLY A 137 29.48 -1.01 -24.92
C GLY A 137 28.81 -1.73 -23.76
N ALA A 138 28.58 -1.00 -22.67
CA ALA A 138 28.16 -1.60 -21.42
C ALA A 138 26.83 -1.01 -20.96
N HIS A 139 26.15 -0.24 -21.83
CA HIS A 139 25.06 0.60 -21.33
C HIS A 139 23.79 0.35 -22.14
N GLY A 140 23.74 -0.82 -22.76
CA GLY A 140 22.56 -1.22 -23.51
C GLY A 140 22.60 -0.71 -24.94
N GLY A 141 23.79 -0.32 -25.43
CA GLY A 141 23.98 -0.06 -26.85
C GLY A 141 23.51 1.34 -27.28
N SER A 142 23.52 1.51 -28.59
CA SER A 142 23.18 2.77 -29.26
C SER A 142 21.92 2.56 -30.10
N TRP A 143 21.42 3.66 -30.71
CA TRP A 143 20.21 3.60 -31.52
C TRP A 143 20.18 4.78 -32.49
N ALA A 144 19.37 4.67 -33.54
CA ALA A 144 19.23 5.74 -34.51
C ALA A 144 17.78 5.82 -34.99
N ALA A 145 17.34 7.00 -35.43
CA ALA A 145 16.01 7.07 -36.00
C ALA A 145 16.05 7.98 -37.21
N ARG A 146 15.29 7.61 -38.24
CA ARG A 146 15.10 8.53 -39.34
C ARG A 146 13.66 9.00 -39.32
N ILE A 147 13.47 10.32 -39.33
CA ILE A 147 12.12 10.87 -39.45
C ILE A 147 11.95 11.41 -40.86
N LYS A 148 10.96 10.93 -41.61
CA LYS A 148 10.79 11.38 -42.98
C LYS A 148 9.35 11.83 -43.22
N GLY A 149 9.15 13.08 -43.68
CA GLY A 149 7.79 13.49 -43.99
C GLY A 149 7.60 13.87 -45.46
N THR A 150 6.53 13.34 -46.08
CA THR A 150 6.21 13.58 -47.49
C THR A 150 4.81 14.17 -47.56
N LEU A 151 4.68 15.37 -48.16
CA LEU A 151 3.33 15.92 -48.26
C LEU A 151 2.49 15.00 -49.14
N ASN A 152 1.19 14.89 -48.84
CA ASN A 152 0.33 14.13 -49.73
C ASN A 152 -0.11 15.03 -50.88
N ASP A 153 -0.90 14.46 -51.79
CA ASP A 153 -1.34 15.15 -52.99
C ASP A 153 -2.24 16.34 -52.67
N ASP A 154 -2.90 16.30 -51.52
CA ASP A 154 -3.83 17.36 -51.18
C ASP A 154 -3.10 18.57 -50.62
N ALA A 155 -1.94 18.41 -49.95
CA ALA A 155 -1.38 19.52 -49.20
C ALA A 155 -0.85 20.58 -50.16
N PRO A 156 -0.91 21.88 -49.78
CA PRO A 156 -0.24 22.93 -50.56
C PRO A 156 1.24 22.57 -50.66
N LYS A 157 1.84 22.79 -51.84
CA LYS A 157 3.19 22.32 -52.12
C LYS A 157 4.22 23.08 -51.27
N ASP A 158 3.83 24.28 -50.84
CA ASP A 158 4.71 25.14 -50.08
C ASP A 158 4.33 25.15 -48.59
N GLN A 159 3.53 24.15 -48.16
CA GLN A 159 3.19 23.98 -46.75
C GLN A 159 4.41 24.18 -45.87
N LYS A 160 4.21 24.94 -44.79
CA LYS A 160 5.19 25.00 -43.72
C LYS A 160 4.80 24.03 -42.60
N THR A 161 5.75 23.14 -42.25
CA THR A 161 5.57 22.19 -41.15
C THR A 161 6.62 22.46 -40.07
N ILE A 162 6.16 22.68 -38.83
CA ILE A 162 7.07 22.78 -37.68
C ILE A 162 7.34 21.38 -37.16
N VAL A 163 8.62 21.07 -36.90
CA VAL A 163 9.01 19.79 -36.32
C VAL A 163 9.85 20.04 -35.07
N VAL A 164 9.52 19.29 -34.03
CA VAL A 164 10.22 19.42 -32.75
C VAL A 164 10.68 18.04 -32.34
N PHE A 165 11.97 17.95 -31.97
CA PHE A 165 12.44 16.79 -31.23
C PHE A 165 12.70 17.24 -29.78
N TYR A 166 11.99 16.62 -28.85
CA TYR A 166 12.00 17.03 -27.45
C TYR A 166 12.80 16.00 -26.67
N VAL A 167 13.74 16.48 -25.85
CA VAL A 167 14.62 15.58 -25.14
C VAL A 167 14.59 15.95 -23.66
N SER A 168 14.30 14.97 -22.79
CA SER A 168 14.32 15.25 -21.36
C SER A 168 15.22 14.23 -20.66
N GLN A 169 15.76 14.60 -19.46
CA GLN A 169 16.49 13.65 -18.62
C GLN A 169 16.22 13.87 -17.13
N GLU A 170 15.72 12.81 -16.51
CA GLU A 170 15.38 12.73 -15.09
C GLU A 170 16.52 12.06 -14.32
N GLY A 171 16.72 12.51 -13.07
CA GLY A 171 17.75 12.03 -12.15
C GLY A 171 18.50 13.21 -11.51
N GLU A 172 19.11 12.98 -10.33
CA GLU A 172 19.77 14.06 -9.58
C GLU A 172 21.21 14.33 -10.05
N ASN A 173 21.94 13.29 -10.48
CA ASN A 173 23.37 13.35 -10.75
C ASN A 173 23.67 13.03 -12.21
N SER A 174 23.01 13.78 -13.08
CA SER A 174 23.18 13.51 -14.50
C SER A 174 23.13 14.83 -15.24
N GLU A 175 23.68 14.82 -16.44
CA GLU A 175 23.87 16.10 -17.09
C GLU A 175 23.59 15.90 -18.56
N LEU A 176 23.13 16.99 -19.17
CA LEU A 176 22.87 17.01 -20.59
C LEU A 176 23.05 18.45 -21.04
N GLU A 177 23.82 18.62 -22.13
CA GLU A 177 24.18 19.96 -22.60
C GLU A 177 24.17 19.99 -24.13
N ALA A 178 23.55 21.02 -24.71
CA ALA A 178 23.63 21.26 -26.15
C ALA A 178 24.88 22.05 -26.46
N VAL A 179 25.72 21.51 -27.34
CA VAL A 179 26.89 22.23 -27.80
C VAL A 179 26.38 23.44 -28.59
N PRO A 180 26.77 24.69 -28.22
CA PRO A 180 26.29 25.89 -28.91
C PRO A 180 26.67 25.88 -30.39
N SER A 181 25.91 26.66 -31.17
CA SER A 181 26.07 26.84 -32.61
C SER A 181 27.32 27.68 -32.87
N GLU A 182 27.89 27.56 -34.09
CA GLU A 182 28.85 28.54 -34.59
C GLU A 182 28.11 29.84 -34.88
N ASN A 183 26.93 29.72 -35.49
CA ASN A 183 26.19 30.83 -36.07
C ASN A 183 25.40 31.59 -35.00
N GLU A 184 25.01 32.82 -35.35
CA GLU A 184 24.51 33.78 -34.38
C GLU A 184 23.17 33.36 -33.75
N PHE A 185 22.30 32.76 -34.57
CA PHE A 185 20.87 32.75 -34.36
C PHE A 185 20.32 31.33 -34.25
N GLY A 186 21.20 30.32 -34.32
CA GLY A 186 20.76 28.95 -34.49
C GLY A 186 21.76 28.15 -35.32
N TYR A 187 21.32 26.99 -35.83
CA TYR A 187 22.22 25.96 -36.35
C TYR A 187 22.08 25.83 -37.87
N GLU A 188 23.24 25.80 -38.56
CA GLU A 188 23.28 25.49 -39.98
C GLU A 188 23.35 23.99 -40.17
N GLY A 189 24.00 23.29 -39.23
CA GLY A 189 24.21 21.86 -39.41
C GLY A 189 23.51 21.08 -38.29
N ASP A 190 24.22 20.10 -37.73
CA ASP A 190 23.63 19.17 -36.79
C ASP A 190 23.66 19.76 -35.38
N VAL A 191 22.71 19.32 -34.55
CA VAL A 191 22.67 19.69 -33.15
C VAL A 191 23.27 18.54 -32.34
N ILE A 192 24.25 18.84 -31.50
CA ILE A 192 24.86 17.76 -30.73
C ILE A 192 24.51 17.99 -29.27
N LEU A 193 23.91 16.96 -28.62
CA LEU A 193 23.74 17.03 -27.18
C LEU A 193 24.75 16.05 -26.58
N LYS A 194 25.50 16.52 -25.58
CA LYS A 194 26.36 15.64 -24.80
C LYS A 194 25.74 15.49 -23.42
N GLY A 195 25.68 14.26 -22.93
CA GLY A 195 25.10 14.05 -21.61
C GLY A 195 25.81 12.92 -20.89
N ARG A 196 25.38 12.68 -19.64
CA ARG A 196 25.99 11.64 -18.84
C ARG A 196 25.01 11.30 -17.73
N SER A 197 24.94 10.00 -17.38
CA SER A 197 24.24 9.56 -16.19
C SER A 197 24.90 8.27 -15.69
N GLU A 198 24.65 7.91 -14.41
CA GLU A 198 25.12 6.63 -13.88
C GLU A 198 24.57 5.47 -14.70
N ALA A 199 23.29 5.55 -15.09
CA ALA A 199 22.68 4.43 -15.81
C ALA A 199 23.22 4.34 -17.23
N LEU A 200 23.46 5.49 -17.89
CA LEU A 200 23.82 5.43 -19.30
C LEU A 200 25.31 5.70 -19.54
N GLY A 201 26.05 6.13 -18.49
CA GLY A 201 27.43 6.54 -18.71
C GLY A 201 27.44 7.77 -19.60
N ASN A 202 28.53 7.97 -20.35
CA ASN A 202 28.61 9.09 -21.28
C ASN A 202 27.88 8.74 -22.58
N TYR A 203 27.23 9.75 -23.18
CA TYR A 203 26.61 9.49 -24.47
C TYR A 203 26.48 10.79 -25.26
N LYS A 204 26.22 10.66 -26.56
CA LYS A 204 25.85 11.86 -27.30
C LYS A 204 24.62 11.56 -28.14
N LEU A 205 23.79 12.59 -28.31
CA LEU A 205 22.55 12.49 -29.07
C LEU A 205 22.62 13.57 -30.12
N VAL A 206 22.62 13.19 -31.40
CA VAL A 206 22.71 14.15 -32.48
C VAL A 206 21.37 14.21 -33.24
N VAL A 207 20.90 15.44 -33.50
CA VAL A 207 19.79 15.62 -34.42
C VAL A 207 20.37 16.26 -35.68
N THR A 208 20.40 15.49 -36.77
CA THR A 208 21.13 15.92 -37.95
C THR A 208 20.44 17.09 -38.65
N LYS A 209 21.20 17.73 -39.53
CA LYS A 209 20.73 18.90 -40.26
C LYS A 209 19.44 18.54 -41.00
N GLY A 210 19.46 17.35 -41.62
CA GLY A 210 18.36 16.85 -42.41
C GLY A 210 18.30 17.47 -43.82
N LYS A 211 17.29 17.07 -44.58
CA LYS A 211 17.10 17.49 -45.97
C LYS A 211 15.69 18.07 -46.09
N GLY A 212 15.58 19.19 -46.81
CA GLY A 212 14.36 19.82 -47.28
C GLY A 212 14.53 21.34 -47.25
N VAL A 213 13.59 22.08 -47.83
CA VAL A 213 13.72 23.52 -47.86
C VAL A 213 13.43 24.11 -46.47
N ILE A 214 14.29 25.04 -46.03
CA ILE A 214 14.09 25.82 -44.82
C ILE A 214 13.61 27.21 -45.23
N PRO A 215 12.35 27.61 -44.97
CA PRO A 215 11.88 28.94 -45.38
C PRO A 215 12.76 30.03 -44.77
N GLN A 216 12.81 31.18 -45.46
CA GLN A 216 13.62 32.31 -45.00
C GLN A 216 12.74 33.56 -44.94
N SER A 217 12.79 34.29 -43.84
CA SER A 217 12.00 35.50 -43.70
C SER A 217 12.86 36.72 -44.01
N ASP A 218 12.27 37.65 -44.77
CA ASP A 218 12.91 38.91 -45.13
C ASP A 218 12.46 40.02 -44.18
N HIS A 219 11.68 39.66 -43.15
CA HIS A 219 11.17 40.66 -42.20
C HIS A 219 12.30 41.27 -41.37
N ASP A 220 12.07 42.47 -40.84
CA ASP A 220 12.95 43.10 -39.86
C ASP A 220 13.37 42.17 -38.71
N LEU A 221 12.43 41.34 -38.21
CA LEU A 221 12.71 40.42 -37.11
C LEU A 221 13.95 39.56 -37.39
N SER A 222 14.20 39.26 -38.66
CA SER A 222 15.31 38.37 -38.96
C SER A 222 16.64 38.97 -38.52
N ARG A 223 16.69 40.30 -38.37
CA ARG A 223 17.92 40.92 -37.89
C ARG A 223 18.21 40.46 -36.45
N LEU A 224 17.19 40.04 -35.68
CA LEU A 224 17.35 39.67 -34.28
C LEU A 224 17.15 38.18 -34.04
N ARG A 225 16.40 37.48 -34.92
CA ARG A 225 16.04 36.09 -34.68
C ARG A 225 16.61 35.21 -35.80
N GLY A 226 17.33 35.84 -36.74
CA GLY A 226 17.81 35.11 -37.89
C GLY A 226 16.73 34.97 -38.95
N PRO A 227 17.10 34.66 -40.23
CA PRO A 227 16.12 34.53 -41.31
C PRO A 227 15.29 33.23 -41.24
N GLY A 228 15.74 32.26 -40.44
CA GLY A 228 15.12 30.93 -40.46
C GLY A 228 16.20 29.86 -40.40
N GLN A 229 16.22 29.09 -39.29
CA GLN A 229 17.22 28.05 -39.07
C GLN A 229 16.79 27.14 -37.91
N THR A 230 17.43 25.96 -37.80
CA THR A 230 17.21 25.05 -36.68
C THR A 230 17.56 25.83 -35.41
N VAL A 231 16.79 25.63 -34.33
CA VAL A 231 17.11 26.28 -33.07
C VAL A 231 17.00 25.26 -31.94
N VAL A 232 17.61 25.59 -30.80
CA VAL A 232 17.60 24.72 -29.64
C VAL A 232 17.36 25.59 -28.41
N GLN A 233 16.37 25.20 -27.58
CA GLN A 233 16.27 25.80 -26.26
C GLN A 233 16.57 24.75 -25.19
N SER A 234 17.46 25.13 -24.27
CA SER A 234 17.86 24.24 -23.19
C SER A 234 17.33 24.79 -21.88
N LEU A 235 16.57 23.98 -21.13
CA LEU A 235 15.75 24.52 -20.05
C LEU A 235 15.85 23.58 -18.87
N THR A 236 15.40 24.00 -17.68
CA THR A 236 15.18 23.01 -16.64
C THR A 236 13.87 23.25 -15.88
N TYR A 237 13.25 22.12 -15.51
CA TYR A 237 12.06 22.08 -14.70
C TYR A 237 12.29 21.01 -13.65
N PRO A 238 11.51 20.97 -12.55
CA PRO A 238 11.60 19.83 -11.62
C PRO A 238 11.30 18.57 -12.42
N ASP A 239 12.06 17.51 -12.15
CA ASP A 239 12.03 16.27 -12.90
C ASP A 239 10.62 15.69 -13.07
N GLU A 240 9.72 15.94 -12.12
CA GLU A 240 8.51 15.14 -12.17
C GLU A 240 7.56 15.68 -13.26
N VAL A 241 7.85 16.84 -13.85
CA VAL A 241 6.97 17.40 -14.89
C VAL A 241 7.58 17.36 -16.30
N LEU A 242 8.76 16.75 -16.49
CA LEU A 242 9.40 16.80 -17.81
C LEU A 242 8.59 16.07 -18.88
N TRP A 243 7.71 15.14 -18.47
CA TRP A 243 6.86 14.41 -19.42
C TRP A 243 5.86 15.35 -20.09
N GLN A 244 5.63 16.54 -19.51
CA GLN A 244 4.58 17.40 -20.05
C GLN A 244 5.12 18.26 -21.20
N ALA A 245 5.55 17.59 -22.27
CA ALA A 245 6.32 18.20 -23.35
C ALA A 245 5.53 19.28 -24.09
N LYS A 246 4.24 19.01 -24.32
CA LYS A 246 3.40 19.94 -25.05
C LYS A 246 3.28 21.28 -24.30
N PRO A 247 2.79 21.29 -23.03
CA PRO A 247 2.74 22.53 -22.26
C PRO A 247 4.09 23.25 -22.12
N ILE A 248 5.18 22.49 -21.97
CA ILE A 248 6.49 23.09 -21.83
C ILE A 248 6.86 23.81 -23.14
N LEU A 249 6.57 23.18 -24.28
CA LEU A 249 6.88 23.77 -25.57
C LEU A 249 6.04 25.05 -25.72
N PHE A 250 4.73 24.94 -25.45
CA PHE A 250 3.83 26.08 -25.64
C PHE A 250 4.21 27.27 -24.76
N GLN A 251 4.68 27.00 -23.53
CA GLN A 251 5.06 28.09 -22.64
C GLN A 251 6.27 28.83 -23.26
N GLN A 252 7.17 28.09 -23.94
CA GLN A 252 8.29 28.73 -24.60
C GLN A 252 7.82 29.56 -25.82
N LEU A 253 6.89 29.03 -26.62
CA LEU A 253 6.34 29.71 -27.79
C LEU A 253 5.62 30.99 -27.36
N LYS A 254 4.85 30.86 -26.28
CA LYS A 254 4.15 32.01 -25.74
C LYS A 254 5.12 33.09 -25.25
N ALA A 255 6.23 32.70 -24.60
CA ALA A 255 7.16 33.74 -24.22
C ALA A 255 7.79 34.42 -25.45
N GLY A 256 8.09 33.68 -26.54
CA GLY A 256 8.57 34.29 -27.78
C GLY A 256 7.57 35.32 -28.32
N ILE A 257 6.27 34.99 -28.32
CA ILE A 257 5.24 35.89 -28.82
C ILE A 257 5.11 37.10 -27.89
N ASP A 258 5.22 36.89 -26.58
CA ASP A 258 5.22 38.03 -25.65
C ASP A 258 6.39 38.97 -25.93
N TRP A 259 7.55 38.40 -26.22
CA TRP A 259 8.69 39.23 -26.58
C TRP A 259 8.39 40.05 -27.83
N LEU A 260 7.77 39.44 -28.85
CA LEU A 260 7.44 40.17 -30.07
C LEU A 260 6.57 41.37 -29.72
N VAL A 261 5.52 41.13 -28.91
CA VAL A 261 4.56 42.17 -28.57
C VAL A 261 5.33 43.31 -27.88
N GLU A 262 6.22 42.94 -26.96
CA GLU A 262 6.92 43.89 -26.11
C GLU A 262 7.87 44.73 -26.95
N ASN A 263 8.35 44.15 -28.05
CA ASN A 263 9.41 44.75 -28.84
C ASN A 263 8.87 45.30 -30.15
N LYS A 264 7.56 45.59 -30.21
CA LYS A 264 6.96 46.45 -31.22
C LYS A 264 6.76 45.71 -32.54
N TYR A 265 6.78 44.37 -32.53
CA TYR A 265 6.34 43.61 -33.69
C TYR A 265 4.83 43.37 -33.59
N ASP A 266 4.07 43.96 -34.53
CA ASP A 266 2.63 44.14 -34.38
C ASP A 266 1.87 43.86 -35.69
N VAL A 267 0.56 44.15 -35.70
CA VAL A 267 -0.27 43.70 -36.80
C VAL A 267 -0.14 44.67 -37.98
N ALA A 268 0.54 45.81 -37.79
CA ALA A 268 0.75 46.69 -38.94
C ALA A 268 1.78 46.11 -39.90
N ASP A 269 2.63 45.18 -39.42
CA ASP A 269 3.72 44.59 -40.20
C ASP A 269 4.23 43.33 -39.48
N PRO A 270 3.44 42.24 -39.45
CA PRO A 270 3.77 41.09 -38.62
C PRO A 270 4.76 40.19 -39.35
N PRO A 271 5.72 39.55 -38.62
CA PRO A 271 6.54 38.51 -39.23
C PRO A 271 5.62 37.38 -39.74
N PRO A 272 6.08 36.50 -40.65
CA PRO A 272 5.27 35.34 -41.02
C PRO A 272 4.96 34.38 -39.83
N PRO A 273 3.85 33.61 -39.87
CA PRO A 273 3.46 32.74 -38.76
C PRO A 273 4.60 31.84 -38.31
N TRP A 274 5.24 31.19 -39.28
CA TRP A 274 6.26 30.21 -38.98
C TRP A 274 7.43 30.87 -38.29
N GLN A 275 7.62 32.18 -38.51
CA GLN A 275 8.74 32.84 -37.84
C GLN A 275 8.30 33.28 -36.43
N VAL A 276 7.05 33.70 -36.29
CA VAL A 276 6.45 34.00 -34.99
C VAL A 276 6.55 32.77 -34.07
N TYR A 277 6.43 31.57 -34.63
CA TYR A 277 6.46 30.31 -33.86
C TYR A 277 7.82 29.60 -33.86
N LEU A 278 8.89 30.31 -34.31
CA LEU A 278 10.23 29.76 -34.25
C LEU A 278 10.88 30.30 -32.97
N LEU A 279 11.26 29.40 -32.08
CA LEU A 279 11.78 29.81 -30.76
C LEU A 279 13.10 30.55 -30.97
N ALA A 280 13.38 31.57 -30.13
CA ALA A 280 14.70 32.16 -30.00
C ALA A 280 15.72 31.09 -29.60
N ASN A 281 16.85 30.98 -30.34
CA ASN A 281 17.86 29.97 -30.06
C ASN A 281 18.51 30.29 -28.73
N LYS A 282 18.61 29.31 -27.77
CA LYS A 282 19.38 29.49 -26.54
C LYS A 282 19.83 28.14 -25.98
N PRO A 283 20.79 27.46 -26.63
CA PRO A 283 21.27 26.17 -26.15
C PRO A 283 22.07 26.36 -24.87
N GLY A 284 22.25 25.26 -24.13
CA GLY A 284 22.94 25.30 -22.86
C GLY A 284 22.83 23.95 -22.15
N SER A 285 22.97 24.02 -20.83
CA SER A 285 22.76 22.89 -19.96
C SER A 285 21.32 22.93 -19.53
N GLY A 286 20.74 21.74 -19.32
CA GLY A 286 19.41 21.64 -18.75
C GLY A 286 18.94 20.18 -18.75
N ASN A 287 17.78 19.93 -18.16
CA ASN A 287 17.17 18.61 -18.22
C ASN A 287 16.06 18.58 -19.27
N VAL A 288 15.80 19.72 -19.95
CA VAL A 288 14.95 19.71 -21.15
C VAL A 288 15.69 20.35 -22.32
N HIS A 289 15.64 19.70 -23.50
CA HIS A 289 16.19 20.34 -24.69
C HIS A 289 15.17 20.27 -25.81
N ILE A 290 14.76 21.45 -26.29
CA ILE A 290 13.81 21.50 -27.39
C ILE A 290 14.61 21.80 -28.67
N VAL A 291 14.51 20.90 -29.64
CA VAL A 291 15.15 21.07 -30.93
C VAL A 291 14.05 21.28 -31.97
N GLN A 292 14.04 22.46 -32.59
CA GLN A 292 12.96 22.82 -33.51
C GLN A 292 13.51 23.11 -34.92
N LYS A 293 12.81 22.64 -35.96
CA LYS A 293 13.08 22.97 -37.36
C LYS A 293 11.75 23.31 -38.02
N VAL A 294 11.82 24.16 -39.03
CA VAL A 294 10.69 24.45 -39.88
C VAL A 294 11.08 24.05 -41.29
N PHE A 295 10.17 23.40 -42.00
CA PHE A 295 10.45 22.91 -43.33
C PHE A 295 9.34 23.40 -44.25
N GLU A 296 9.69 23.64 -45.51
CA GLU A 296 8.70 23.93 -46.53
C GLU A 296 8.78 22.77 -47.52
N GLY A 297 7.65 22.08 -47.73
CA GLY A 297 7.66 20.88 -48.57
C GLY A 297 8.16 19.67 -47.80
N ASP A 298 8.66 18.65 -48.49
CA ASP A 298 9.02 17.39 -47.85
C ASP A 298 10.30 17.56 -47.04
N PHE A 299 10.54 16.64 -46.09
CA PHE A 299 11.70 16.79 -45.21
C PHE A 299 12.11 15.43 -44.66
N GLU A 300 13.33 15.37 -44.11
CA GLU A 300 13.77 14.23 -43.32
C GLU A 300 14.94 14.69 -42.47
N PHE A 301 15.14 14.01 -41.34
CA PHE A 301 16.32 14.24 -40.52
C PHE A 301 16.56 13.00 -39.65
N ASP A 302 17.77 12.88 -39.10
CA ASP A 302 18.10 11.69 -38.34
C ASP A 302 18.32 12.04 -36.86
N ILE A 303 18.17 11.03 -36.01
CA ILE A 303 18.56 11.11 -34.61
C ILE A 303 19.58 10.02 -34.37
N LEU A 304 20.78 10.42 -33.94
CA LEU A 304 21.82 9.43 -33.69
C LEU A 304 22.20 9.45 -32.22
N PHE A 305 21.92 8.34 -31.52
CA PHE A 305 22.31 8.18 -30.14
C PHE A 305 23.55 7.29 -30.11
N SER A 306 24.67 7.81 -29.57
CA SER A 306 25.94 7.10 -29.48
C SER A 306 26.33 6.89 -28.02
N SER A 307 26.30 5.64 -27.56
CA SER A 307 26.79 5.27 -26.24
C SER A 307 28.32 5.37 -26.23
N GLU A 308 28.91 6.27 -25.43
CA GLU A 308 30.35 6.41 -25.51
C GLU A 308 31.07 5.08 -25.28
N SER A 309 30.55 4.24 -24.37
CA SER A 309 31.22 3.00 -24.01
C SER A 309 31.24 1.97 -25.15
N ALA A 310 30.63 2.27 -26.31
CA ALA A 310 30.70 1.40 -27.48
C ALA A 310 31.78 1.87 -28.44
N GLY A 311 31.85 1.26 -29.63
CA GLY A 311 32.78 1.65 -30.69
C GLY A 311 32.77 3.14 -31.04
N LYS A 312 32.98 3.45 -32.33
CA LYS A 312 32.93 4.83 -32.79
C LYS A 312 31.46 5.28 -32.74
N GLU A 313 31.20 6.55 -33.06
CA GLU A 313 29.85 7.04 -32.88
C GLU A 313 28.99 6.53 -34.04
N VAL A 314 27.67 6.53 -33.82
CA VAL A 314 26.72 6.11 -34.84
C VAL A 314 26.61 7.17 -35.92
N THR A 315 26.55 6.74 -37.18
CA THR A 315 26.42 7.67 -38.28
C THR A 315 25.11 7.39 -39.00
N SER A 316 24.74 8.30 -39.92
CA SER A 316 23.60 8.12 -40.81
C SER A 316 23.76 6.92 -41.75
N LYS A 317 25.00 6.61 -42.14
CA LYS A 317 25.22 5.51 -43.05
C LYS A 317 24.91 4.21 -42.29
N ASP A 318 25.37 4.14 -41.02
CA ASP A 318 25.07 3.08 -40.10
C ASP A 318 23.55 2.88 -39.91
N LEU A 319 22.81 4.00 -39.77
CA LEU A 319 21.36 3.94 -39.61
C LEU A 319 20.79 3.19 -40.81
N GLU A 320 21.16 3.64 -42.01
CA GLU A 320 20.58 3.12 -43.24
C GLU A 320 20.91 1.65 -43.40
N ARG A 321 22.15 1.26 -43.06
CA ARG A 321 22.55 -0.13 -43.21
C ARG A 321 21.78 -1.01 -42.23
N GLU A 322 21.61 -0.52 -41.00
CA GLU A 322 20.99 -1.37 -40.00
C GLU A 322 19.46 -1.46 -40.19
N VAL A 323 18.85 -0.42 -40.77
CA VAL A 323 17.44 -0.48 -41.18
C VAL A 323 17.25 -1.55 -42.25
N LYS A 324 18.05 -1.50 -43.32
CA LYS A 324 18.05 -2.56 -44.32
C LYS A 324 18.15 -3.94 -43.67
N GLN A 325 19.06 -4.09 -42.71
CA GLN A 325 19.35 -5.42 -42.19
C GLN A 325 18.19 -5.91 -41.32
N ALA A 326 17.60 -5.02 -40.49
CA ALA A 326 16.48 -5.39 -39.63
C ALA A 326 15.31 -5.93 -40.44
N THR A 327 14.99 -5.26 -41.55
CA THR A 327 13.89 -5.66 -42.41
C THR A 327 14.12 -7.07 -42.97
N GLU A 328 15.36 -7.31 -43.40
CA GLU A 328 15.71 -8.61 -43.94
C GLU A 328 15.46 -9.67 -42.86
N VAL A 329 16.00 -9.42 -41.67
CA VAL A 329 15.81 -10.34 -40.55
C VAL A 329 14.34 -10.47 -40.17
N PHE A 330 13.57 -9.36 -40.17
CA PHE A 330 12.16 -9.45 -39.79
C PHE A 330 11.46 -10.43 -40.73
N GLY A 331 11.65 -10.20 -42.05
CA GLY A 331 11.06 -11.02 -43.10
C GLY A 331 11.28 -12.52 -42.88
N GLU A 332 12.52 -12.89 -42.57
CA GLU A 332 12.91 -14.29 -42.47
C GLU A 332 12.26 -14.91 -41.24
N ARG A 333 12.28 -14.18 -40.12
CA ARG A 333 11.67 -14.71 -38.91
C ARG A 333 10.15 -14.88 -39.09
N PHE A 334 9.49 -13.91 -39.73
CA PHE A 334 8.04 -13.96 -39.90
C PHE A 334 7.62 -15.21 -40.66
N ALA A 335 8.31 -15.49 -41.77
CA ALA A 335 7.96 -16.61 -42.66
C ALA A 335 8.10 -17.93 -41.91
N ARG A 336 9.07 -17.97 -40.98
CA ARG A 336 9.29 -19.16 -40.18
C ARG A 336 8.25 -19.26 -39.06
N VAL A 337 8.10 -18.18 -38.27
CA VAL A 337 7.32 -18.30 -37.05
C VAL A 337 5.84 -18.25 -37.40
N PHE A 338 5.45 -17.43 -38.39
CA PHE A 338 4.06 -17.26 -38.76
C PHE A 338 3.86 -17.66 -40.21
N ASP A 339 4.00 -18.97 -40.47
CA ASP A 339 3.79 -19.52 -41.80
C ASP A 339 2.28 -19.72 -41.97
N LEU A 340 1.63 -18.81 -42.72
CA LEU A 340 0.18 -18.84 -42.82
C LEU A 340 -0.29 -20.01 -43.68
N LYS A 341 -1.31 -20.74 -43.20
CA LYS A 341 -1.86 -21.91 -43.86
C LYS A 341 -3.06 -21.53 -44.73
N ALA A 342 -3.37 -22.45 -45.66
CA ALA A 342 -4.52 -22.36 -46.53
C ALA A 342 -5.73 -22.04 -45.67
N PRO A 343 -6.66 -21.19 -46.18
CA PRO A 343 -6.48 -20.51 -47.47
C PRO A 343 -5.91 -19.10 -47.36
N PHE A 344 -4.95 -18.91 -46.42
CA PHE A 344 -4.41 -17.60 -46.08
C PHE A 344 -2.93 -17.48 -46.48
N GLN A 345 -2.50 -18.24 -47.50
CA GLN A 345 -1.07 -18.23 -47.81
C GLN A 345 -0.74 -17.08 -48.75
N GLY A 346 -1.77 -16.45 -49.35
CA GLY A 346 -1.55 -15.41 -50.33
C GLY A 346 -0.83 -14.20 -49.73
N ASP A 347 -0.22 -13.36 -50.60
CA ASP A 347 0.58 -12.22 -50.18
C ASP A 347 -0.28 -11.13 -49.51
N ASN A 348 -1.58 -11.08 -49.79
CA ASN A 348 -2.46 -10.10 -49.18
C ASN A 348 -2.63 -10.42 -47.69
N TYR A 349 -2.72 -11.71 -47.36
CA TYR A 349 -2.89 -12.18 -46.00
C TYR A 349 -1.58 -12.10 -45.24
N LYS A 350 -0.48 -12.19 -45.97
CA LYS A 350 0.84 -12.08 -45.36
C LYS A 350 1.04 -10.62 -44.92
N LYS A 351 0.70 -9.68 -45.80
CA LYS A 351 0.79 -8.27 -45.49
C LYS A 351 -0.08 -7.94 -44.28
N PHE A 352 -1.31 -8.46 -44.27
CA PHE A 352 -2.25 -8.32 -43.18
C PHE A 352 -1.63 -8.87 -41.89
N GLY A 353 -1.07 -10.09 -41.96
CA GLY A 353 -0.55 -10.74 -40.76
C GLY A 353 0.61 -9.91 -40.19
N LYS A 354 1.50 -9.42 -41.06
CA LYS A 354 2.64 -8.60 -40.67
C LYS A 354 2.21 -7.28 -40.01
N SER A 355 1.14 -6.68 -40.52
CA SER A 355 0.59 -5.47 -39.93
C SER A 355 0.00 -5.80 -38.55
N MET A 356 -0.81 -6.86 -38.48
CA MET A 356 -1.46 -7.15 -37.21
C MET A 356 -0.38 -7.50 -36.18
N PHE A 357 0.62 -8.29 -36.60
CA PHE A 357 1.61 -8.71 -35.62
C PHE A 357 2.48 -7.52 -35.20
N SER A 358 2.92 -6.74 -36.19
CA SER A 358 3.85 -5.65 -35.89
C SER A 358 3.24 -4.60 -34.97
N ASN A 359 1.92 -4.38 -35.09
CA ASN A 359 1.22 -3.43 -34.23
C ASN A 359 1.10 -3.98 -32.81
N LEU A 360 0.93 -5.30 -32.68
CA LEU A 360 0.86 -5.88 -31.35
C LEU A 360 2.19 -5.75 -30.63
N ILE A 361 3.28 -6.15 -31.27
CA ILE A 361 4.56 -6.23 -30.56
C ILE A 361 5.13 -4.83 -30.49
N GLY A 362 4.81 -4.02 -31.52
CA GLY A 362 5.24 -2.63 -31.52
C GLY A 362 4.55 -1.78 -30.43
N GLY A 363 3.49 -2.31 -29.81
CA GLY A 363 2.82 -1.58 -28.75
C GLY A 363 3.51 -1.71 -27.37
N ILE A 364 4.55 -2.54 -27.29
CA ILE A 364 5.29 -2.72 -26.04
C ILE A 364 5.77 -1.37 -25.50
N GLY A 365 5.59 -1.17 -24.21
CA GLY A 365 6.01 0.06 -23.58
C GLY A 365 6.69 -0.25 -22.24
N TYR A 366 7.43 0.77 -21.73
CA TYR A 366 7.99 0.81 -20.40
C TYR A 366 7.31 1.95 -19.64
N PHE A 367 6.67 1.60 -18.52
CA PHE A 367 5.88 2.46 -17.66
C PHE A 367 6.53 2.47 -16.28
N TYR A 368 6.53 3.64 -15.63
CA TYR A 368 7.24 3.83 -14.36
C TYR A 368 6.53 4.92 -13.59
N GLY A 369 6.27 4.68 -12.31
CA GLY A 369 5.68 5.71 -11.49
C GLY A 369 4.80 5.12 -10.38
N HIS A 370 4.09 5.99 -9.66
CA HIS A 370 3.15 5.56 -8.64
C HIS A 370 1.78 5.17 -9.22
N SER A 371 1.04 4.36 -8.46
CA SER A 371 -0.34 3.94 -8.76
C SER A 371 -1.26 4.37 -7.63
N LEU A 372 -2.55 4.58 -7.98
CA LEU A 372 -3.58 4.92 -7.03
C LEU A 372 -4.32 3.67 -6.55
N VAL A 373 -4.23 3.38 -5.25
CA VAL A 373 -4.74 2.16 -4.63
C VAL A 373 -5.48 2.45 -3.33
N ASP A 374 -6.67 1.84 -3.18
CA ASP A 374 -7.42 1.94 -1.94
C ASP A 374 -6.92 0.80 -1.07
N ARG A 375 -6.07 1.10 -0.06
CA ARG A 375 -5.55 0.06 0.83
C ARG A 375 -6.35 0.05 2.15
N SER A 376 -7.60 0.51 2.14
CA SER A 376 -8.37 0.42 3.38
C SER A 376 -8.80 -1.01 3.74
N TYR A 377 -8.91 -1.93 2.76
CA TYR A 377 -9.59 -3.20 2.99
C TYR A 377 -10.88 -2.98 3.78
N ALA A 378 -11.67 -1.99 3.38
CA ALA A 378 -12.91 -1.75 4.07
C ALA A 378 -13.73 -3.05 4.09
N PRO A 379 -14.48 -3.31 5.19
CA PRO A 379 -15.27 -4.54 5.29
C PRO A 379 -16.41 -4.62 4.27
N GLU A 380 -16.91 -3.47 3.81
CA GLU A 380 -17.90 -3.45 2.75
C GLU A 380 -17.38 -4.17 1.51
N TYR A 381 -16.06 -4.29 1.35
CA TYR A 381 -15.51 -4.89 0.13
C TYR A 381 -15.58 -6.42 0.18
N ASP A 382 -15.96 -6.98 1.33
CA ASP A 382 -16.14 -8.43 1.39
C ASP A 382 -17.38 -8.86 0.61
N GLU A 383 -18.35 -7.95 0.48
CA GLU A 383 -19.59 -8.21 -0.22
C GLU A 383 -20.29 -9.45 0.35
N GLU A 384 -20.53 -9.47 1.68
CA GLU A 384 -21.13 -10.65 2.29
C GLU A 384 -22.65 -10.53 2.41
N ASN A 385 -23.18 -9.31 2.24
CA ASN A 385 -24.61 -9.16 2.43
C ASN A 385 -25.32 -8.92 1.09
N GLU A 386 -26.65 -9.10 1.10
CA GLU A 386 -27.51 -8.67 0.02
C GLU A 386 -27.36 -7.16 -0.16
N GLY A 387 -27.41 -6.69 -1.41
CA GLY A 387 -27.29 -5.25 -1.66
C GLY A 387 -25.89 -4.72 -1.43
N PHE A 388 -24.89 -5.61 -1.51
CA PHE A 388 -23.51 -5.26 -1.21
C PHE A 388 -22.98 -4.10 -2.03
N TRP A 389 -23.56 -3.84 -3.22
CA TRP A 389 -22.97 -2.88 -4.15
C TRP A 389 -23.07 -1.46 -3.58
N GLU A 390 -24.17 -1.21 -2.87
CA GLU A 390 -24.41 0.05 -2.18
C GLU A 390 -23.43 0.28 -1.05
N ASP A 391 -23.07 -0.76 -0.29
CA ASP A 391 -22.10 -0.59 0.78
C ASP A 391 -20.72 -0.40 0.18
N ALA A 392 -20.38 -1.16 -0.86
CA ALA A 392 -19.07 -0.99 -1.49
C ALA A 392 -18.93 0.44 -2.05
N ALA A 393 -20.01 1.00 -2.62
CA ALA A 393 -20.06 2.40 -3.09
C ALA A 393 -19.78 3.38 -1.95
N GLU A 394 -20.47 3.19 -0.83
CA GLU A 394 -20.23 3.97 0.37
C GLU A 394 -18.75 3.93 0.77
N ALA A 395 -18.13 2.75 0.75
CA ALA A 395 -16.74 2.65 1.16
C ALA A 395 -15.85 3.42 0.19
N ARG A 396 -16.09 3.25 -1.12
CA ARG A 396 -15.37 3.98 -2.16
C ARG A 396 -15.55 5.49 -1.96
N ALA A 397 -16.71 5.90 -1.43
CA ALA A 397 -16.94 7.32 -1.20
C ALA A 397 -16.18 7.80 0.03
N ARG A 398 -15.45 6.91 0.71
CA ARG A 398 -14.60 7.37 1.81
C ARG A 398 -13.31 7.97 1.22
N HIS A 399 -13.02 7.67 -0.06
CA HIS A 399 -11.82 8.10 -0.79
C HIS A 399 -10.54 8.00 0.03
N GLN A 400 -10.26 6.79 0.54
CA GLN A 400 -9.06 6.53 1.30
C GLN A 400 -7.90 6.20 0.37
N GLU A 401 -8.15 6.14 -0.95
CA GLU A 401 -7.06 5.75 -1.84
C GLU A 401 -5.90 6.75 -1.74
N ALA A 402 -4.67 6.27 -1.95
CA ALA A 402 -3.44 7.06 -1.92
C ALA A 402 -2.44 6.50 -2.94
N LEU A 403 -1.53 7.35 -3.42
CA LEU A 403 -0.47 6.92 -4.33
C LEU A 403 0.51 5.97 -3.64
N GLU A 404 0.98 4.98 -4.39
CA GLU A 404 2.00 4.13 -3.82
C GLU A 404 2.92 3.69 -4.94
N GLY A 405 4.05 3.06 -4.57
CA GLY A 405 5.08 2.68 -5.52
C GLY A 405 6.42 3.31 -5.15
N PRO A 406 7.29 3.72 -6.11
CA PRO A 406 7.02 3.57 -7.54
C PRO A 406 7.05 2.13 -8.04
N TYR A 407 6.31 1.90 -9.12
CA TYR A 407 6.38 0.61 -9.80
C TYR A 407 6.89 0.79 -11.23
N GLU A 408 7.34 -0.30 -11.83
CA GLU A 408 7.64 -0.29 -13.25
C GLU A 408 6.94 -1.48 -13.90
N LEU A 409 6.70 -1.37 -15.21
CA LEU A 409 6.09 -2.44 -15.96
C LEU A 409 6.50 -2.28 -17.41
N PHE A 410 6.91 -3.43 -17.93
CA PHE A 410 7.29 -3.62 -19.32
C PHE A 410 6.24 -4.57 -19.90
N THR A 411 5.37 -4.07 -20.79
CA THR A 411 4.20 -4.81 -21.24
C THR A 411 3.79 -4.31 -22.63
N SER A 412 3.15 -5.20 -23.40
CA SER A 412 2.41 -4.73 -24.56
C SER A 412 1.08 -4.18 -24.05
N ILE A 413 0.32 -3.47 -24.89
CA ILE A 413 -0.88 -2.78 -24.44
C ILE A 413 -2.03 -3.04 -25.42
N PRO A 414 -3.29 -2.79 -25.04
CA PRO A 414 -4.36 -3.00 -26.00
C PRO A 414 -4.52 -1.90 -27.05
N SER A 415 -4.24 -0.63 -26.72
CA SER A 415 -4.75 0.49 -27.52
C SER A 415 -3.88 1.73 -27.35
N ARG A 416 -3.10 2.07 -28.38
CA ARG A 416 -2.27 3.26 -28.32
C ARG A 416 -3.10 4.52 -28.13
N PRO A 417 -4.13 4.80 -28.94
CA PRO A 417 -4.87 6.06 -28.81
C PRO A 417 -5.81 6.15 -27.60
N PHE A 418 -6.33 5.00 -27.13
CA PHE A 418 -7.44 5.04 -26.18
C PHE A 418 -7.07 4.49 -24.80
N PHE A 419 -6.21 3.48 -24.70
CA PHE A 419 -5.88 3.04 -23.35
C PHE A 419 -4.49 2.41 -23.31
N PRO A 420 -3.42 3.22 -23.43
CA PRO A 420 -2.09 2.66 -23.68
C PRO A 420 -1.39 2.26 -22.38
N ARG A 421 -1.81 1.15 -21.78
CA ARG A 421 -1.27 0.73 -20.47
C ARG A 421 -1.60 -0.76 -20.26
N GLY A 422 -1.01 -1.35 -19.21
CA GLY A 422 -1.12 -2.79 -19.05
C GLY A 422 -2.51 -3.16 -18.53
N PHE A 423 -3.14 -4.19 -19.10
CA PHE A 423 -4.37 -4.77 -18.58
C PHE A 423 -4.11 -6.26 -18.41
N LEU A 424 -4.46 -6.79 -17.22
CA LEU A 424 -3.92 -8.08 -16.77
C LEU A 424 -4.35 -9.24 -17.69
N TRP A 425 -5.66 -9.46 -17.90
CA TRP A 425 -6.05 -10.60 -18.74
C TRP A 425 -5.78 -10.38 -20.23
N ASP A 426 -5.74 -9.10 -20.70
CA ASP A 426 -5.41 -8.86 -22.09
C ASP A 426 -3.99 -9.36 -22.35
N GLU A 427 -3.06 -9.10 -21.42
CA GLU A 427 -1.66 -9.39 -21.68
C GLU A 427 -1.46 -10.87 -21.98
N GLY A 428 -2.25 -11.73 -21.29
CA GLY A 428 -2.20 -13.15 -21.56
C GLY A 428 -2.47 -13.47 -23.04
N PHE A 429 -3.40 -12.74 -23.66
CA PHE A 429 -3.64 -12.96 -25.08
C PHE A 429 -2.53 -12.30 -25.91
N HIS A 430 -2.13 -11.06 -25.57
CA HIS A 430 -1.07 -10.39 -26.30
C HIS A 430 0.17 -11.31 -26.44
N LEU A 431 0.50 -12.04 -25.36
CA LEU A 431 1.80 -12.72 -25.34
C LEU A 431 1.74 -14.02 -26.14
N LEU A 432 0.54 -14.49 -26.50
CA LEU A 432 0.49 -15.76 -27.24
C LEU A 432 1.22 -15.63 -28.57
N PRO A 433 0.93 -14.65 -29.44
CA PRO A 433 1.77 -14.45 -30.63
C PRO A 433 3.19 -13.99 -30.35
N ILE A 434 3.38 -13.16 -29.34
CA ILE A 434 4.69 -12.58 -29.04
C ILE A 434 5.65 -13.71 -28.59
N ALA A 435 5.14 -14.68 -27.84
CA ALA A 435 5.92 -15.82 -27.37
C ALA A 435 6.36 -16.69 -28.55
N ASP A 436 5.51 -16.83 -29.56
CA ASP A 436 5.93 -17.52 -30.77
C ASP A 436 7.17 -16.84 -31.34
N TRP A 437 7.13 -15.50 -31.39
CA TRP A 437 8.17 -14.71 -32.03
C TRP A 437 9.45 -14.75 -31.22
N ASP A 438 9.33 -14.68 -29.90
CA ASP A 438 10.46 -14.41 -29.03
C ASP A 438 10.04 -14.81 -27.62
N ILE A 439 10.28 -16.09 -27.27
CA ILE A 439 9.81 -16.59 -25.97
C ILE A 439 10.51 -15.85 -24.83
N ASP A 440 11.81 -15.54 -24.97
CA ASP A 440 12.51 -14.80 -23.92
C ASP A 440 11.87 -13.42 -23.70
N LEU A 441 11.39 -12.80 -24.79
CA LEU A 441 10.70 -11.53 -24.63
C LEU A 441 9.42 -11.72 -23.80
N ALA A 442 8.62 -12.73 -24.13
CA ALA A 442 7.36 -12.97 -23.42
C ALA A 442 7.61 -13.24 -21.93
N LEU A 443 8.63 -14.06 -21.63
CA LEU A 443 8.97 -14.41 -20.24
C LEU A 443 9.37 -13.16 -19.45
N GLU A 444 10.08 -12.26 -20.14
CA GLU A 444 10.52 -11.00 -19.59
C GLU A 444 9.29 -10.19 -19.18
N ILE A 445 8.24 -10.20 -20.02
CA ILE A 445 7.04 -9.43 -19.72
C ILE A 445 6.24 -10.10 -18.59
N ILE A 446 6.12 -11.42 -18.63
CA ILE A 446 5.48 -12.14 -17.53
C ILE A 446 6.14 -11.77 -16.20
N LYS A 447 7.49 -11.81 -16.23
CA LYS A 447 8.27 -11.53 -15.03
C LYS A 447 7.96 -10.11 -14.57
N SER A 448 7.87 -9.21 -15.54
CA SER A 448 7.58 -7.83 -15.18
C SER A 448 6.23 -7.74 -14.45
N TRP A 449 5.22 -8.48 -14.96
CA TRP A 449 3.90 -8.35 -14.35
C TRP A 449 3.92 -8.96 -12.95
N TYR A 450 4.54 -10.13 -12.80
CA TYR A 450 4.52 -10.81 -11.52
C TYR A 450 5.33 -10.03 -10.49
N ASN A 451 6.26 -9.19 -10.96
CA ASN A 451 7.01 -8.34 -10.02
C ASN A 451 6.12 -7.25 -9.40
N LEU A 452 4.90 -7.06 -9.92
CA LEU A 452 3.99 -6.12 -9.31
C LEU A 452 3.22 -6.76 -8.16
N MET A 453 3.29 -8.09 -8.02
CA MET A 453 2.32 -8.74 -7.15
C MET A 453 2.65 -8.38 -5.70
N ASP A 454 1.62 -8.09 -4.87
CA ASP A 454 1.82 -7.70 -3.49
C ASP A 454 1.95 -8.96 -2.61
N GLU A 455 2.04 -8.75 -1.29
CA GLU A 455 2.33 -9.84 -0.34
C GLU A 455 1.18 -10.84 -0.28
N ASP A 456 -0.07 -10.37 -0.53
CA ASP A 456 -1.29 -11.17 -0.49
C ASP A 456 -1.47 -12.05 -1.72
N GLY A 457 -0.78 -11.72 -2.83
CA GLY A 457 -1.03 -12.38 -4.10
C GLY A 457 -1.82 -11.55 -5.13
N TRP A 458 -2.01 -10.24 -4.89
CA TRP A 458 -2.80 -9.40 -5.79
C TRP A 458 -1.90 -8.65 -6.78
N ILE A 459 -2.33 -8.62 -8.05
CA ILE A 459 -1.82 -7.70 -9.08
C ILE A 459 -3.00 -6.88 -9.55
N ALA A 460 -2.89 -5.54 -9.58
CA ALA A 460 -4.02 -4.71 -10.03
C ALA A 460 -4.33 -5.01 -11.50
N ARG A 461 -5.62 -5.03 -11.86
CA ARG A 461 -5.99 -5.53 -13.18
C ARG A 461 -5.66 -4.49 -14.26
N GLU A 462 -5.48 -3.20 -13.86
CA GLU A 462 -5.19 -2.12 -14.79
C GLU A 462 -4.01 -1.32 -14.21
N GLN A 463 -2.93 -1.15 -14.98
CA GLN A 463 -1.69 -0.67 -14.42
C GLN A 463 -1.45 0.73 -14.97
N ILE A 464 -1.75 1.75 -14.16
CA ILE A 464 -1.63 3.16 -14.45
C ILE A 464 -0.48 3.76 -13.65
N LEU A 465 0.72 3.79 -14.24
CA LEU A 465 1.98 4.03 -13.54
C LEU A 465 2.51 5.44 -13.84
N GLY A 466 2.38 6.37 -12.86
CA GLY A 466 2.92 7.72 -12.98
C GLY A 466 1.96 8.73 -13.63
N ALA A 467 2.27 10.02 -13.42
CA ALA A 467 1.44 11.14 -13.84
C ALA A 467 1.15 11.07 -15.35
N GLU A 468 2.13 10.63 -16.16
CA GLU A 468 1.94 10.61 -17.61
C GLU A 468 0.85 9.60 -17.96
N ALA A 469 0.91 8.38 -17.41
CA ALA A 469 -0.14 7.39 -17.64
C ALA A 469 -1.48 7.87 -17.09
N ARG A 470 -1.48 8.49 -15.89
CA ARG A 470 -2.71 8.99 -15.31
C ARG A 470 -3.38 10.05 -16.19
N SER A 471 -2.62 10.75 -17.04
CA SER A 471 -3.18 11.85 -17.82
C SER A 471 -4.23 11.32 -18.79
N LYS A 472 -4.21 10.01 -19.07
CA LYS A 472 -5.15 9.43 -20.02
C LYS A 472 -6.35 8.81 -19.30
N VAL A 473 -6.57 9.09 -18.01
CA VAL A 473 -7.57 8.33 -17.25
C VAL A 473 -8.30 9.26 -16.27
N PRO A 474 -9.64 9.38 -16.35
CA PRO A 474 -10.37 10.22 -15.38
C PRO A 474 -10.16 9.69 -13.96
N LYS A 475 -10.09 10.62 -13.00
CA LYS A 475 -9.59 10.32 -11.68
C LYS A 475 -10.48 9.26 -11.01
N GLU A 476 -11.77 9.24 -11.38
CA GLU A 476 -12.77 8.30 -10.87
C GLU A 476 -12.45 6.85 -11.25
N PHE A 477 -11.60 6.65 -12.27
CA PHE A 477 -11.30 5.31 -12.77
C PHE A 477 -9.84 4.94 -12.51
N GLN A 478 -9.09 5.84 -11.84
CA GLN A 478 -7.70 5.49 -11.57
C GLN A 478 -7.57 4.48 -10.42
N THR A 479 -8.42 4.58 -9.40
CA THR A 479 -8.19 3.81 -8.17
C THR A 479 -8.24 2.31 -8.42
N GLN A 480 -7.21 1.58 -7.99
CA GLN A 480 -7.27 0.12 -8.03
C GLN A 480 -7.71 -0.41 -6.64
N TYR A 481 -8.36 -1.59 -6.64
CA TYR A 481 -8.96 -2.23 -5.47
C TYR A 481 -8.38 -3.63 -5.27
N PRO A 482 -7.74 -3.92 -4.11
CA PRO A 482 -7.06 -5.20 -3.91
C PRO A 482 -7.97 -6.42 -3.87
N HIS A 483 -9.29 -6.21 -3.88
CA HIS A 483 -10.18 -7.37 -3.97
C HIS A 483 -10.61 -7.64 -5.42
N TYR A 484 -10.16 -6.80 -6.39
CA TYR A 484 -10.60 -6.99 -7.76
C TYR A 484 -9.64 -7.87 -8.52
N ALA A 485 -10.14 -9.02 -8.99
CA ALA A 485 -9.35 -9.95 -9.77
C ALA A 485 -9.54 -9.61 -11.25
N ASN A 486 -8.99 -10.47 -12.13
CA ASN A 486 -9.14 -10.41 -13.58
C ASN A 486 -8.71 -11.81 -14.05
N PRO A 487 -9.16 -12.34 -15.23
CA PRO A 487 -8.76 -13.68 -15.60
C PRO A 487 -7.24 -13.91 -15.67
N PRO A 488 -6.75 -15.07 -15.17
CA PRO A 488 -5.30 -15.36 -15.14
C PRO A 488 -4.76 -15.95 -16.44
N THR A 489 -4.99 -15.22 -17.54
CA THR A 489 -4.61 -15.64 -18.88
C THR A 489 -3.11 -15.74 -19.05
N LEU A 490 -2.36 -15.04 -18.20
CA LEU A 490 -0.92 -15.20 -18.34
C LEU A 490 -0.53 -16.66 -18.12
N PHE A 491 -1.36 -17.46 -17.44
CA PHE A 491 -1.02 -18.88 -17.32
C PHE A 491 -1.02 -19.61 -18.68
N LEU A 492 -1.92 -19.20 -19.59
CA LEU A 492 -1.92 -19.78 -20.94
C LEU A 492 -0.55 -19.64 -21.59
N VAL A 493 0.09 -18.48 -21.43
CA VAL A 493 1.38 -18.24 -22.07
C VAL A 493 2.40 -19.20 -21.47
N LEU A 494 2.28 -19.34 -20.14
CA LEU A 494 3.09 -20.21 -19.30
C LEU A 494 2.94 -21.66 -19.78
N ASP A 495 1.70 -22.10 -20.08
CA ASP A 495 1.43 -23.45 -20.57
C ASP A 495 2.14 -23.70 -21.89
N ASN A 496 2.19 -22.68 -22.77
CA ASN A 496 2.87 -22.83 -24.04
C ASN A 496 4.36 -22.97 -23.80
N PHE A 497 4.88 -22.17 -22.86
CA PHE A 497 6.29 -22.21 -22.55
C PHE A 497 6.67 -23.61 -22.07
N VAL A 498 5.89 -24.15 -21.14
CA VAL A 498 6.14 -25.46 -20.57
C VAL A 498 6.20 -26.51 -21.67
N GLU A 499 5.20 -26.54 -22.57
CA GLU A 499 5.15 -27.49 -23.67
C GLU A 499 6.40 -27.37 -24.56
N ARG A 500 6.86 -26.15 -24.82
CA ARG A 500 8.08 -26.00 -25.61
C ARG A 500 9.32 -26.46 -24.81
N LEU A 501 9.34 -26.19 -23.50
CA LEU A 501 10.42 -26.64 -22.64
C LEU A 501 10.52 -28.17 -22.66
N ARG A 502 9.37 -28.87 -22.65
CA ARG A 502 9.33 -30.33 -22.72
C ARG A 502 9.79 -30.82 -24.10
N LYS A 503 9.04 -30.49 -25.16
CA LYS A 503 9.44 -30.85 -26.53
C LYS A 503 10.66 -30.05 -26.94
N LEU A 517 23.09 -13.28 -32.45
CA LEU A 517 22.96 -13.29 -30.96
C LEU A 517 21.52 -12.96 -30.57
N ASP A 518 20.84 -12.17 -31.41
CA ASP A 518 19.46 -11.82 -31.16
C ASP A 518 18.60 -13.07 -31.37
N GLU A 519 18.93 -13.82 -32.43
CA GLU A 519 18.27 -15.08 -32.72
C GLU A 519 18.41 -16.00 -31.51
N THR A 520 19.64 -16.13 -30.98
CA THR A 520 19.97 -17.04 -29.89
C THR A 520 19.16 -16.67 -28.65
N LEU A 521 19.27 -15.38 -28.27
CA LEU A 521 18.68 -14.82 -27.07
C LEU A 521 17.18 -15.08 -27.07
N SER A 522 16.55 -14.95 -28.25
CA SER A 522 15.10 -15.02 -28.37
C SER A 522 14.54 -16.35 -27.87
N THR A 523 15.32 -17.45 -27.96
CA THR A 523 14.89 -18.79 -27.55
C THR A 523 15.81 -19.40 -26.49
N ALA A 524 16.61 -18.56 -25.82
CA ALA A 524 17.61 -19.02 -24.88
C ALA A 524 16.99 -19.80 -23.73
N SER A 525 15.73 -19.46 -23.37
CA SER A 525 15.10 -20.02 -22.18
C SER A 525 14.41 -21.35 -22.51
N VAL A 526 14.29 -21.70 -23.80
CA VAL A 526 13.76 -23.03 -24.11
C VAL A 526 14.90 -23.94 -24.59
N ASP A 527 15.89 -23.35 -25.25
CA ASP A 527 17.06 -24.06 -25.77
C ASP A 527 17.95 -24.56 -24.63
N ASN A 528 18.03 -23.82 -23.52
CA ASN A 528 18.77 -24.26 -22.34
C ASN A 528 17.80 -24.65 -21.22
N PRO A 529 17.44 -25.96 -21.05
CA PRO A 529 16.35 -26.37 -20.17
C PRO A 529 16.56 -25.99 -18.71
N GLU A 530 17.84 -25.89 -18.28
CA GLU A 530 18.17 -25.48 -16.93
C GLU A 530 17.86 -23.99 -16.74
N VAL A 531 18.06 -23.18 -17.80
CA VAL A 531 17.66 -21.78 -17.76
C VAL A 531 16.14 -21.65 -17.56
N GLY A 532 15.36 -22.35 -18.42
CA GLY A 532 13.91 -22.31 -18.39
C GLY A 532 13.35 -22.76 -17.06
N LEU A 533 13.95 -23.83 -16.50
CA LEU A 533 13.48 -24.41 -15.25
C LEU A 533 13.73 -23.45 -14.09
N GLU A 534 14.92 -22.83 -14.07
CA GLU A 534 15.24 -21.85 -13.04
C GLU A 534 14.24 -20.67 -13.10
N TYR A 535 13.93 -20.20 -14.31
CA TYR A 535 12.93 -19.13 -14.43
C TYR A 535 11.63 -19.61 -13.77
N LEU A 536 11.21 -20.83 -14.09
CA LEU A 536 10.00 -21.35 -13.49
C LEU A 536 10.14 -21.49 -11.97
N ARG A 537 11.30 -21.95 -11.50
CA ARG A 537 11.54 -22.11 -10.08
C ARG A 537 11.33 -20.77 -9.36
N ARG A 538 11.90 -19.69 -9.91
CA ARG A 538 11.75 -18.40 -9.27
C ARG A 538 10.31 -17.86 -9.35
N LEU A 539 9.59 -18.15 -10.45
CA LEU A 539 8.25 -17.59 -10.63
C LEU A 539 7.21 -18.39 -9.84
N TYR A 540 7.44 -19.71 -9.73
CA TYR A 540 6.46 -20.67 -9.22
C TYR A 540 5.80 -20.21 -7.91
N PRO A 541 6.55 -19.80 -6.87
CA PRO A 541 5.93 -19.27 -5.66
C PRO A 541 4.90 -18.16 -5.90
N LEU A 542 5.12 -17.30 -6.90
CA LEU A 542 4.22 -16.18 -7.11
C LEU A 542 2.93 -16.70 -7.77
N LEU A 543 3.11 -17.62 -8.72
CA LEU A 543 1.98 -18.32 -9.34
C LEU A 543 1.15 -18.95 -8.22
N ARG A 544 1.87 -19.60 -7.27
CA ARG A 544 1.18 -20.30 -6.21
C ARG A 544 0.51 -19.29 -5.27
N ARG A 545 1.18 -18.17 -5.02
CA ARG A 545 0.56 -17.13 -4.20
C ARG A 545 -0.72 -16.64 -4.89
N GLN A 546 -0.69 -16.55 -6.24
CA GLN A 546 -1.84 -15.97 -6.90
C GLN A 546 -3.02 -16.94 -6.82
N PHE A 547 -2.73 -18.24 -6.96
CA PHE A 547 -3.77 -19.27 -6.87
C PHE A 547 -4.51 -19.17 -5.52
N ASP A 548 -3.72 -19.06 -4.44
CA ASP A 548 -4.23 -19.02 -3.08
C ASP A 548 -5.03 -17.75 -2.86
N TRP A 549 -4.55 -16.64 -3.45
CA TRP A 549 -5.24 -15.36 -3.37
C TRP A 549 -6.65 -15.47 -4.00
N PHE A 550 -6.76 -16.11 -5.18
CA PHE A 550 -8.07 -16.36 -5.80
C PHE A 550 -8.99 -17.10 -4.83
N ARG A 551 -8.50 -18.20 -4.24
CA ARG A 551 -9.35 -19.07 -3.39
C ARG A 551 -9.69 -18.35 -2.09
N LYS A 552 -8.81 -17.46 -1.64
CA LYS A 552 -9.09 -16.73 -0.43
C LYS A 552 -10.03 -15.55 -0.68
N THR A 553 -9.86 -14.80 -1.78
CA THR A 553 -10.60 -13.56 -1.91
C THR A 553 -11.80 -13.72 -2.84
N GLN A 554 -11.76 -14.72 -3.74
CA GLN A 554 -12.82 -14.87 -4.75
C GLN A 554 -13.69 -16.12 -4.49
N ALA A 555 -13.78 -16.55 -3.21
CA ALA A 555 -14.51 -17.75 -2.82
C ALA A 555 -16.01 -17.49 -2.93
N GLY A 556 -16.72 -18.54 -3.35
CA GLY A 556 -18.16 -18.51 -3.24
C GLY A 556 -18.64 -19.38 -2.09
N ASP A 557 -19.94 -19.37 -1.88
CA ASP A 557 -20.54 -19.92 -0.68
C ASP A 557 -21.36 -21.16 -1.04
N ILE A 558 -20.77 -22.35 -0.77
CA ILE A 558 -21.45 -23.65 -0.77
C ILE A 558 -22.18 -23.92 0.55
N LYS A 559 -21.48 -23.84 1.70
CA LYS A 559 -21.95 -24.42 2.96
C LYS A 559 -23.16 -23.66 3.55
N SER A 560 -23.31 -22.38 3.23
CA SER A 560 -24.31 -21.60 3.97
C SER A 560 -25.72 -21.75 3.38
N TYR A 561 -25.84 -22.49 2.28
CA TYR A 561 -27.14 -22.63 1.64
C TYR A 561 -27.48 -24.12 1.50
N ASP A 562 -28.68 -24.44 1.00
CA ASP A 562 -28.99 -25.82 0.62
C ASP A 562 -28.30 -26.16 -0.70
N ARG A 563 -26.97 -26.32 -0.67
CA ARG A 563 -26.20 -26.62 -1.87
C ARG A 563 -25.52 -27.97 -1.67
N GLU A 564 -25.82 -28.91 -2.58
CA GLU A 564 -25.19 -30.23 -2.60
C GLU A 564 -24.20 -30.26 -3.75
N ALA A 565 -22.98 -30.70 -3.47
CA ALA A 565 -21.99 -30.85 -4.52
C ALA A 565 -20.91 -31.79 -4.02
N TYR A 566 -20.20 -32.40 -4.98
CA TYR A 566 -19.12 -33.32 -4.69
C TYR A 566 -18.13 -32.74 -3.68
N SER A 567 -17.72 -31.48 -3.86
CA SER A 567 -16.79 -30.83 -2.95
C SER A 567 -17.47 -29.66 -2.25
N THR A 568 -17.18 -29.46 -0.96
CA THR A 568 -17.77 -28.32 -0.25
C THR A 568 -16.86 -27.07 -0.33
N LYS A 569 -15.70 -27.22 -0.95
CA LYS A 569 -14.71 -26.15 -1.09
C LYS A 569 -14.77 -25.44 -2.45
N GLU A 570 -15.00 -26.16 -3.57
CA GLU A 570 -14.75 -25.57 -4.89
C GLU A 570 -15.98 -24.81 -5.41
N ALA A 571 -15.90 -23.47 -5.37
CA ALA A 571 -16.98 -22.54 -5.73
C ALA A 571 -16.45 -21.12 -5.70
N TYR A 572 -16.85 -20.29 -6.67
CA TYR A 572 -16.17 -19.01 -6.88
C TYR A 572 -17.14 -17.94 -7.31
N ARG A 573 -16.88 -16.72 -6.86
CA ARG A 573 -17.72 -15.57 -7.16
C ARG A 573 -16.80 -14.36 -7.30
N TRP A 574 -16.80 -13.75 -8.52
CA TRP A 574 -16.06 -12.53 -8.81
C TRP A 574 -16.54 -11.44 -7.87
N ARG A 575 -15.60 -10.83 -7.15
CA ARG A 575 -15.87 -9.61 -6.39
C ARG A 575 -15.99 -8.42 -7.33
N GLY A 576 -16.75 -7.39 -6.92
CA GLY A 576 -16.73 -6.11 -7.62
C GLY A 576 -17.92 -5.89 -8.55
N ARG A 577 -18.92 -6.77 -8.43
CA ARG A 577 -19.96 -6.62 -9.42
C ARG A 577 -20.94 -5.51 -9.02
N THR A 578 -21.52 -4.85 -10.03
CA THR A 578 -22.58 -3.89 -9.79
C THR A 578 -23.85 -4.44 -10.44
N VAL A 579 -24.94 -3.67 -10.40
CA VAL A 579 -26.23 -4.16 -10.83
C VAL A 579 -26.14 -4.57 -12.29
N SER A 580 -25.42 -3.81 -13.14
CA SER A 580 -25.37 -4.09 -14.57
C SER A 580 -24.02 -4.58 -15.10
N HIS A 581 -23.00 -4.76 -14.24
CA HIS A 581 -21.66 -5.07 -14.71
C HIS A 581 -20.94 -6.09 -13.83
N CYS A 582 -19.94 -6.76 -14.44
CA CYS A 582 -18.92 -7.51 -13.72
C CYS A 582 -17.59 -7.25 -14.40
N LEU A 583 -16.94 -6.14 -14.04
CA LEU A 583 -15.80 -5.68 -14.82
C LEU A 583 -14.60 -6.59 -14.60
N THR A 584 -14.56 -7.25 -13.44
CA THR A 584 -13.38 -8.02 -13.05
C THR A 584 -13.31 -9.28 -13.90
N SER A 585 -14.48 -9.76 -14.36
CA SER A 585 -14.47 -10.98 -15.15
C SER A 585 -13.88 -10.71 -16.53
N GLY A 586 -13.85 -9.42 -16.95
CA GLY A 586 -13.37 -9.08 -18.29
C GLY A 586 -14.50 -9.00 -19.34
N LEU A 587 -15.68 -9.51 -18.96
CA LEU A 587 -16.85 -9.50 -19.83
C LEU A 587 -17.86 -8.51 -19.27
N ASP A 588 -17.55 -7.22 -19.46
CA ASP A 588 -18.08 -6.12 -18.65
C ASP A 588 -19.57 -6.25 -18.38
N ASP A 589 -20.38 -6.32 -19.44
CA ASP A 589 -21.82 -6.29 -19.23
C ASP A 589 -22.47 -7.61 -19.63
N TYR A 590 -21.70 -8.72 -19.72
CA TYR A 590 -22.40 -9.97 -19.97
C TYR A 590 -23.44 -10.15 -18.88
N PRO A 591 -24.67 -10.61 -19.23
CA PRO A 591 -25.76 -10.70 -18.24
C PRO A 591 -25.39 -11.72 -17.16
N ARG A 592 -25.65 -11.34 -15.90
CA ARG A 592 -25.29 -12.15 -14.74
C ARG A 592 -26.56 -12.29 -13.92
N PRO A 593 -26.61 -13.12 -12.85
CA PRO A 593 -27.83 -13.21 -12.02
C PRO A 593 -28.24 -11.83 -11.53
N GLN A 594 -29.55 -11.57 -11.56
CA GLN A 594 -30.11 -10.31 -11.06
C GLN A 594 -31.06 -10.64 -9.90
N PRO A 595 -30.97 -9.96 -8.73
CA PRO A 595 -29.95 -8.97 -8.44
C PRO A 595 -28.61 -9.65 -8.17
N PRO A 596 -27.49 -8.91 -8.14
CA PRO A 596 -26.22 -9.53 -7.73
C PRO A 596 -26.46 -10.00 -6.29
N HIS A 597 -25.66 -10.96 -5.83
CA HIS A 597 -26.03 -11.64 -4.60
C HIS A 597 -24.80 -12.35 -4.04
N PRO A 598 -24.60 -12.38 -2.70
CA PRO A 598 -23.42 -13.02 -2.12
C PRO A 598 -23.38 -14.53 -2.38
N GLY A 599 -24.55 -15.10 -2.72
CA GLY A 599 -24.64 -16.51 -3.05
C GLY A 599 -24.39 -16.80 -4.54
N GLU A 600 -24.10 -15.76 -5.35
CA GLU A 600 -23.77 -16.00 -6.75
C GLU A 600 -22.57 -16.94 -6.88
N LEU A 601 -22.57 -17.72 -7.97
CA LEU A 601 -21.39 -18.48 -8.37
C LEU A 601 -21.20 -18.29 -9.86
N HIS A 602 -19.94 -18.13 -10.29
CA HIS A 602 -19.62 -17.74 -11.66
C HIS A 602 -18.81 -18.86 -12.33
N VAL A 603 -19.33 -19.40 -13.43
CA VAL A 603 -18.74 -20.61 -14.00
C VAL A 603 -17.43 -20.28 -14.71
N ASP A 604 -17.34 -19.06 -15.26
CA ASP A 604 -16.08 -18.67 -15.89
C ASP A 604 -14.96 -18.61 -14.85
N LEU A 605 -15.22 -18.00 -13.67
CA LEU A 605 -14.20 -17.91 -12.63
C LEU A 605 -13.73 -19.30 -12.19
N MET A 606 -14.67 -20.23 -11.98
CA MET A 606 -14.27 -21.58 -11.61
C MET A 606 -13.37 -22.19 -12.69
N SER A 607 -13.73 -21.98 -13.97
CA SER A 607 -12.93 -22.52 -15.06
C SER A 607 -11.52 -21.92 -15.05
N TRP A 608 -11.42 -20.63 -14.71
CA TRP A 608 -10.09 -20.02 -14.68
C TRP A 608 -9.23 -20.63 -13.56
N VAL A 609 -9.87 -20.99 -12.43
CA VAL A 609 -9.15 -21.66 -11.35
C VAL A 609 -8.66 -23.03 -11.82
N GLY A 610 -9.47 -23.69 -12.65
CA GLY A 610 -9.09 -24.92 -13.33
C GLY A 610 -7.87 -24.74 -14.22
N VAL A 611 -7.84 -23.63 -14.96
CA VAL A 611 -6.67 -23.36 -15.78
C VAL A 611 -5.42 -23.31 -14.90
N MET A 612 -5.52 -22.51 -13.81
CA MET A 612 -4.39 -22.27 -12.94
C MET A 612 -3.87 -23.59 -12.33
N VAL A 613 -4.79 -24.42 -11.83
CA VAL A 613 -4.38 -25.64 -11.14
C VAL A 613 -3.73 -26.62 -12.12
N LYS A 614 -4.14 -26.60 -13.40
CA LYS A 614 -3.49 -27.51 -14.33
C LYS A 614 -2.08 -27.04 -14.62
N SER A 615 -1.88 -25.72 -14.67
CA SER A 615 -0.56 -25.14 -14.93
C SER A 615 0.35 -25.49 -13.76
N LEU A 616 -0.20 -25.33 -12.56
CA LEU A 616 0.51 -25.55 -11.32
C LEU A 616 0.90 -27.04 -11.21
N ILE A 617 0.03 -27.96 -11.62
CA ILE A 617 0.38 -29.37 -11.77
C ILE A 617 1.60 -29.51 -12.70
N SER A 618 1.55 -28.91 -13.89
CA SER A 618 2.63 -29.11 -14.85
C SER A 618 3.93 -28.54 -14.29
N ILE A 619 3.83 -27.38 -13.64
CA ILE A 619 5.04 -26.68 -13.30
C ILE A 619 5.58 -27.25 -11.99
N GLY A 620 4.67 -27.51 -11.04
CA GLY A 620 5.02 -28.27 -9.86
C GLY A 620 5.74 -29.58 -10.20
N SER A 621 5.17 -30.34 -11.14
CA SER A 621 5.79 -31.60 -11.54
C SER A 621 7.23 -31.33 -11.99
N LEU A 622 7.41 -30.29 -12.81
CA LEU A 622 8.73 -29.94 -13.32
C LEU A 622 9.71 -29.65 -12.19
N LEU A 623 9.19 -29.13 -11.08
CA LEU A 623 10.04 -28.59 -10.05
C LEU A 623 10.18 -29.62 -8.93
N GLY A 624 9.58 -30.79 -9.11
CA GLY A 624 9.53 -31.86 -8.12
C GLY A 624 8.82 -31.42 -6.83
N ALA A 625 7.73 -30.65 -6.96
CA ALA A 625 7.01 -30.18 -5.79
C ALA A 625 5.88 -31.15 -5.44
N THR A 626 6.27 -32.36 -5.02
CA THR A 626 5.39 -33.51 -4.86
C THR A 626 4.18 -33.18 -3.99
N GLU A 627 4.42 -32.51 -2.84
CA GLU A 627 3.37 -32.25 -1.87
C GLU A 627 2.35 -31.28 -2.49
N ASP A 628 2.85 -30.23 -3.14
CA ASP A 628 2.04 -29.23 -3.81
C ASP A 628 1.13 -29.89 -4.86
N VAL A 629 1.73 -30.75 -5.69
CA VAL A 629 1.09 -31.38 -6.84
C VAL A 629 -0.06 -32.30 -6.42
N GLU A 630 0.10 -33.00 -5.29
CA GLU A 630 -0.96 -33.90 -4.87
C GLU A 630 -2.17 -33.07 -4.40
N PHE A 631 -1.90 -31.92 -3.78
CA PHE A 631 -2.96 -30.98 -3.40
C PHE A 631 -3.68 -30.46 -4.65
N TYR A 632 -2.89 -29.95 -5.61
CA TYR A 632 -3.42 -29.46 -6.88
C TYR A 632 -4.32 -30.52 -7.54
N THR A 633 -3.82 -31.77 -7.58
CA THR A 633 -4.54 -32.88 -8.17
C THR A 633 -5.94 -33.03 -7.57
N LYS A 634 -6.06 -32.92 -6.24
CA LYS A 634 -7.35 -33.13 -5.60
C LYS A 634 -8.27 -31.94 -5.89
N VAL A 635 -7.66 -30.76 -5.97
CA VAL A 635 -8.42 -29.57 -6.28
C VAL A 635 -8.98 -29.67 -7.71
N LEU A 636 -8.18 -30.14 -8.67
CA LEU A 636 -8.65 -30.33 -10.03
C LEU A 636 -9.83 -31.29 -10.05
N ASP A 637 -9.63 -32.49 -9.47
CA ASP A 637 -10.69 -33.48 -9.37
C ASP A 637 -11.94 -32.80 -8.82
N ALA A 638 -11.80 -32.00 -7.76
CA ALA A 638 -12.99 -31.39 -7.19
C ALA A 638 -13.62 -30.36 -8.15
N ILE A 639 -12.83 -29.57 -8.87
CA ILE A 639 -13.44 -28.57 -9.74
C ILE A 639 -14.20 -29.28 -10.86
N GLU A 640 -13.59 -30.35 -11.39
CA GLU A 640 -14.20 -31.15 -12.46
C GLU A 640 -15.61 -31.59 -12.06
N HIS A 641 -15.78 -32.09 -10.82
CA HIS A 641 -17.10 -32.53 -10.38
C HIS A 641 -18.00 -31.34 -10.09
N ASN A 642 -17.46 -30.30 -9.44
CA ASN A 642 -18.32 -29.21 -9.00
C ASN A 642 -18.80 -28.37 -10.20
N LEU A 643 -18.02 -28.37 -11.29
CA LEU A 643 -18.46 -27.63 -12.46
C LEU A 643 -19.84 -28.15 -12.87
N ASP A 644 -19.95 -29.50 -12.90
CA ASP A 644 -21.20 -30.19 -13.20
C ASP A 644 -22.26 -29.94 -12.13
N ASP A 645 -21.93 -30.21 -10.86
CA ASP A 645 -22.95 -30.23 -9.82
C ASP A 645 -23.50 -28.84 -9.59
N LEU A 646 -22.67 -27.78 -9.73
CA LEU A 646 -23.17 -26.45 -9.44
C LEU A 646 -23.51 -25.67 -10.72
N HIS A 647 -22.96 -26.04 -11.88
CA HIS A 647 -23.09 -25.13 -13.01
C HIS A 647 -23.76 -25.76 -14.25
N TRP A 648 -23.89 -27.10 -14.31
CA TRP A 648 -24.42 -27.72 -15.52
C TRP A 648 -25.94 -27.67 -15.55
N SER A 649 -26.50 -27.17 -16.64
CA SER A 649 -27.94 -27.21 -16.85
C SER A 649 -28.29 -28.28 -17.89
N GLU A 650 -28.94 -29.35 -17.39
CA GLU A 650 -29.42 -30.42 -18.26
C GLU A 650 -30.55 -29.90 -19.13
N LYS A 651 -31.48 -29.11 -18.55
CA LYS A 651 -32.56 -28.51 -19.30
C LYS A 651 -32.01 -27.66 -20.44
N GLU A 652 -30.99 -26.83 -20.17
CA GLU A 652 -30.59 -25.87 -21.18
C GLU A 652 -29.51 -26.46 -22.08
N GLY A 653 -28.86 -27.55 -21.68
CA GLY A 653 -27.77 -28.13 -22.44
C GLY A 653 -26.49 -27.26 -22.46
N CYS A 654 -26.16 -26.62 -21.32
CA CYS A 654 -24.92 -25.85 -21.21
C CYS A 654 -24.70 -25.46 -19.75
N TYR A 655 -23.49 -24.93 -19.47
CA TYR A 655 -23.11 -24.37 -18.17
C TYR A 655 -23.76 -23.00 -17.97
N CYS A 656 -24.08 -22.72 -16.70
CA CYS A 656 -24.74 -21.48 -16.30
C CYS A 656 -24.06 -20.99 -15.02
N ASP A 657 -23.99 -19.66 -14.85
CA ASP A 657 -23.78 -19.13 -13.51
C ASP A 657 -24.99 -19.56 -12.65
N ALA A 658 -24.84 -19.43 -11.34
CA ALA A 658 -25.85 -19.81 -10.38
C ALA A 658 -26.01 -18.67 -9.39
N THR A 659 -27.11 -18.72 -8.66
CA THR A 659 -27.43 -17.74 -7.65
C THR A 659 -28.22 -18.47 -6.56
N ILE A 660 -28.83 -17.65 -5.70
CA ILE A 660 -29.65 -18.12 -4.60
C ILE A 660 -30.94 -17.30 -4.69
N ASP A 661 -32.05 -18.03 -4.82
CA ASP A 661 -33.46 -17.63 -4.88
C ASP A 661 -33.90 -16.66 -3.79
N GLU A 662 -35.11 -16.10 -3.98
CA GLU A 662 -35.92 -15.45 -2.96
C GLU A 662 -36.22 -16.45 -1.83
N PHE A 663 -36.13 -17.75 -2.10
CA PHE A 663 -36.49 -18.76 -1.12
C PHE A 663 -35.24 -19.45 -0.57
N GLU A 664 -34.08 -18.85 -0.81
CA GLU A 664 -32.79 -19.34 -0.33
C GLU A 664 -32.35 -20.62 -1.05
N GLU A 665 -32.89 -20.91 -2.22
CA GLU A 665 -32.47 -22.12 -2.91
C GLU A 665 -31.56 -21.77 -4.10
N HIS A 666 -30.58 -22.65 -4.36
CA HIS A 666 -29.74 -22.68 -5.55
C HIS A 666 -30.61 -22.60 -6.80
N LYS A 667 -30.30 -21.65 -7.67
CA LYS A 667 -30.98 -21.55 -8.95
C LYS A 667 -29.91 -21.32 -10.01
N LEU A 668 -30.03 -22.01 -11.16
CA LEU A 668 -29.15 -21.75 -12.29
C LEU A 668 -29.72 -20.56 -13.04
N VAL A 669 -28.84 -19.72 -13.61
CA VAL A 669 -29.28 -18.55 -14.34
C VAL A 669 -28.59 -18.61 -15.70
N CYS A 670 -29.38 -19.04 -16.71
CA CYS A 670 -28.82 -19.41 -18.01
C CYS A 670 -28.87 -18.22 -18.97
N HIS A 671 -27.69 -17.81 -19.47
CA HIS A 671 -27.66 -16.85 -20.57
C HIS A 671 -26.68 -17.39 -21.59
N LYS A 672 -27.22 -17.96 -22.67
CA LYS A 672 -26.37 -18.69 -23.60
C LYS A 672 -25.49 -17.71 -24.35
N GLY A 673 -24.19 -17.96 -24.27
CA GLY A 673 -23.17 -17.08 -24.82
C GLY A 673 -21.81 -17.60 -24.34
N TYR A 674 -20.83 -16.71 -24.30
CA TYR A 674 -19.46 -17.11 -24.06
C TYR A 674 -19.37 -17.82 -22.71
N ILE A 675 -20.04 -17.26 -21.70
CA ILE A 675 -19.96 -17.76 -20.33
C ILE A 675 -20.34 -19.24 -20.33
N SER A 676 -21.36 -19.59 -21.13
CA SER A 676 -21.98 -20.92 -21.16
C SER A 676 -20.99 -21.98 -21.61
N LEU A 677 -19.95 -21.56 -22.36
CA LEU A 677 -18.98 -22.46 -22.97
C LEU A 677 -17.70 -22.57 -22.15
N PHE A 678 -17.61 -21.84 -21.02
CA PHE A 678 -16.30 -21.62 -20.38
C PHE A 678 -15.51 -22.91 -20.11
N PRO A 679 -16.10 -23.98 -19.54
CA PRO A 679 -15.31 -25.19 -19.28
C PRO A 679 -14.67 -25.76 -20.54
N PHE A 680 -15.37 -25.65 -21.67
CA PHE A 680 -14.85 -26.03 -22.98
C PHE A 680 -13.72 -25.10 -23.44
N LEU A 681 -13.92 -23.78 -23.34
CA LEU A 681 -12.96 -22.79 -23.78
C LEU A 681 -11.64 -22.90 -23.01
N THR A 682 -11.73 -23.23 -21.72
CA THR A 682 -10.55 -23.27 -20.87
C THR A 682 -9.92 -24.67 -20.83
N GLY A 683 -10.42 -25.59 -21.67
CA GLY A 683 -9.80 -26.90 -21.89
C GLY A 683 -10.01 -27.90 -20.76
N LEU A 684 -11.12 -27.75 -20.03
CA LEU A 684 -11.37 -28.57 -18.84
C LEU A 684 -12.12 -29.87 -19.18
N LEU A 685 -12.67 -30.04 -20.40
CA LEU A 685 -13.57 -31.15 -20.66
C LEU A 685 -12.86 -32.25 -21.44
N LYS A 686 -13.18 -33.51 -21.12
CA LYS A 686 -12.71 -34.66 -21.88
C LYS A 686 -13.31 -34.65 -23.30
N PRO A 687 -12.54 -35.09 -24.32
CA PRO A 687 -13.01 -35.12 -25.70
C PRO A 687 -14.21 -36.01 -26.04
N ASP A 688 -14.66 -36.77 -25.05
CA ASP A 688 -15.73 -37.74 -25.21
C ASP A 688 -16.88 -37.30 -24.32
N SER A 689 -16.70 -36.15 -23.66
CA SER A 689 -17.71 -35.71 -22.72
C SER A 689 -19.01 -35.51 -23.50
N PRO A 690 -20.15 -36.06 -23.03
CA PRO A 690 -21.45 -35.76 -23.65
C PRO A 690 -21.83 -34.29 -23.49
N LYS A 691 -21.24 -33.65 -22.48
CA LYS A 691 -21.52 -32.24 -22.22
C LYS A 691 -20.85 -31.41 -23.33
N LEU A 692 -19.60 -31.77 -23.64
CA LEU A 692 -18.85 -31.16 -24.73
C LEU A 692 -19.65 -31.23 -26.02
N GLY A 693 -20.23 -32.40 -26.34
CA GLY A 693 -21.06 -32.60 -27.51
C GLY A 693 -22.21 -31.61 -27.63
N LYS A 694 -22.94 -31.36 -26.53
CA LYS A 694 -24.04 -30.40 -26.56
C LYS A 694 -23.54 -28.96 -26.76
N LEU A 695 -22.40 -28.66 -26.11
CA LEU A 695 -21.71 -27.39 -26.22
C LEU A 695 -21.30 -27.18 -27.68
N LEU A 696 -20.88 -28.26 -28.38
CA LEU A 696 -20.54 -28.12 -29.79
C LEU A 696 -21.78 -27.78 -30.62
N ALA A 697 -22.93 -28.31 -30.20
CA ALA A 697 -24.21 -28.06 -30.87
C ALA A 697 -24.65 -26.60 -30.69
N LEU A 698 -24.43 -26.05 -29.49
CA LEU A 698 -24.72 -24.66 -29.20
C LEU A 698 -23.78 -23.79 -30.03
N ILE A 699 -22.49 -24.14 -30.03
CA ILE A 699 -21.49 -23.35 -30.72
C ILE A 699 -21.86 -23.19 -32.20
N GLY A 700 -22.28 -24.31 -32.83
CA GLY A 700 -22.50 -24.35 -34.27
C GLY A 700 -23.89 -23.87 -34.69
N ASP A 701 -24.77 -23.58 -33.72
CA ASP A 701 -26.17 -23.24 -33.93
C ASP A 701 -26.34 -21.79 -34.38
N GLU A 702 -26.69 -21.62 -35.66
CA GLU A 702 -26.83 -20.33 -36.32
C GLU A 702 -27.87 -19.48 -35.57
N SER A 703 -28.84 -20.13 -34.95
CA SER A 703 -29.92 -19.38 -34.32
C SER A 703 -29.47 -18.89 -32.95
N GLU A 704 -28.36 -19.43 -32.42
CA GLU A 704 -27.83 -19.00 -31.13
C GLU A 704 -26.55 -18.16 -31.27
N LEU A 705 -25.39 -18.83 -31.34
CA LEU A 705 -24.07 -18.21 -31.27
C LEU A 705 -23.39 -18.02 -32.63
N TRP A 706 -23.75 -18.82 -33.64
CA TRP A 706 -22.91 -18.93 -34.83
C TRP A 706 -23.29 -17.84 -35.85
N SER A 707 -22.44 -16.83 -36.04
CA SER A 707 -22.76 -15.82 -37.04
C SER A 707 -21.82 -16.11 -38.20
N PRO A 708 -22.02 -15.57 -39.41
CA PRO A 708 -21.04 -15.80 -40.47
C PRO A 708 -19.69 -15.15 -40.15
N TYR A 709 -19.60 -14.41 -39.04
CA TYR A 709 -18.44 -13.56 -38.78
C TYR A 709 -17.69 -14.02 -37.52
N GLY A 710 -18.15 -15.13 -36.92
CA GLY A 710 -17.60 -15.60 -35.66
C GLY A 710 -18.68 -15.91 -34.63
N LEU A 711 -18.25 -16.30 -33.41
CA LEU A 711 -19.25 -16.64 -32.40
C LEU A 711 -19.70 -15.35 -31.74
N ARG A 712 -21.02 -15.17 -31.64
CA ARG A 712 -21.62 -14.07 -30.93
C ARG A 712 -21.36 -14.22 -29.43
N SER A 713 -21.14 -13.08 -28.74
CA SER A 713 -20.82 -13.10 -27.32
C SER A 713 -22.04 -13.58 -26.52
N LEU A 714 -23.24 -13.23 -27.02
CA LEU A 714 -24.52 -13.61 -26.42
C LEU A 714 -25.41 -14.15 -27.53
N SER A 715 -26.29 -15.11 -27.21
CA SER A 715 -27.27 -15.70 -28.13
C SER A 715 -28.34 -14.68 -28.56
N LYS A 716 -28.73 -14.75 -29.84
CA LYS A 716 -29.80 -13.93 -30.40
C LYS A 716 -31.11 -14.25 -29.69
N LYS A 717 -31.19 -15.44 -29.07
CA LYS A 717 -32.40 -15.85 -28.35
C LYS A 717 -32.40 -15.31 -26.93
N ASP A 718 -31.27 -14.80 -26.43
CA ASP A 718 -31.24 -14.36 -25.05
C ASP A 718 -32.00 -13.05 -24.93
N GLU A 719 -32.76 -12.90 -23.85
CA GLU A 719 -33.56 -11.70 -23.67
C GLU A 719 -32.69 -10.44 -23.58
N PHE A 720 -31.38 -10.56 -23.30
CA PHE A 720 -30.54 -9.37 -23.21
C PHE A 720 -29.71 -9.13 -24.49
N TYR A 721 -29.94 -9.92 -25.54
CA TYR A 721 -29.27 -9.72 -26.83
C TYR A 721 -29.39 -8.28 -27.30
N GLY A 722 -28.24 -7.62 -27.49
CA GLY A 722 -28.23 -6.28 -28.06
C GLY A 722 -28.97 -5.23 -27.23
N THR A 723 -28.90 -5.32 -25.90
CA THR A 723 -29.52 -4.32 -25.04
C THR A 723 -28.43 -3.49 -24.35
N ALA A 724 -28.85 -2.36 -23.74
CA ALA A 724 -28.01 -1.46 -22.98
C ALA A 724 -26.84 -1.09 -23.87
N GLU A 725 -25.60 -1.28 -23.39
CA GLU A 725 -24.45 -0.78 -24.11
C GLU A 725 -23.97 -1.84 -25.07
N ASN A 726 -24.51 -3.05 -24.90
CA ASN A 726 -24.31 -4.06 -25.91
C ASN A 726 -22.83 -4.28 -26.15
N TYR A 727 -22.04 -4.35 -25.05
CA TYR A 727 -20.60 -4.50 -25.19
C TYR A 727 -20.26 -5.98 -25.38
N TRP A 728 -20.78 -6.79 -24.43
CA TRP A 728 -20.58 -8.23 -24.46
C TRP A 728 -21.93 -8.94 -24.62
N ARG A 729 -22.90 -8.27 -25.26
CA ARG A 729 -24.23 -8.83 -25.40
C ARG A 729 -24.62 -9.08 -26.87
N SER A 730 -23.63 -9.36 -27.73
CA SER A 730 -23.86 -9.81 -29.09
C SER A 730 -22.57 -9.78 -29.91
N PRO A 731 -21.72 -8.75 -29.77
CA PRO A 731 -20.63 -8.60 -30.75
C PRO A 731 -19.66 -9.77 -30.66
N VAL A 732 -18.90 -9.93 -31.76
CA VAL A 732 -17.92 -11.00 -31.87
C VAL A 732 -16.61 -10.47 -31.32
N TRP A 733 -16.02 -11.17 -30.34
CA TRP A 733 -14.75 -10.79 -29.75
C TRP A 733 -13.70 -11.83 -30.13
N ILE A 734 -12.56 -11.33 -30.58
CA ILE A 734 -11.53 -12.19 -31.13
C ILE A 734 -10.87 -13.06 -30.05
N ASN A 735 -10.74 -12.59 -28.79
CA ASN A 735 -10.00 -13.36 -27.79
C ASN A 735 -10.73 -14.66 -27.44
N ILE A 736 -12.04 -14.57 -27.22
CA ILE A 736 -12.85 -15.74 -26.92
C ILE A 736 -13.06 -16.63 -28.14
N ASN A 737 -13.24 -16.04 -29.34
CA ASN A 737 -13.22 -16.84 -30.56
C ASN A 737 -11.91 -17.63 -30.71
N TYR A 738 -10.79 -17.00 -30.33
CA TYR A 738 -9.49 -17.66 -30.39
C TYR A 738 -9.44 -18.90 -29.50
N LEU A 739 -9.92 -18.79 -28.27
CA LEU A 739 -9.93 -19.94 -27.36
C LEU A 739 -10.80 -21.06 -27.96
N ALA A 740 -11.98 -20.72 -28.50
CA ALA A 740 -12.83 -21.67 -29.17
C ALA A 740 -12.07 -22.38 -30.30
N ILE A 741 -11.42 -21.59 -31.17
CA ILE A 741 -10.67 -22.11 -32.31
C ILE A 741 -9.63 -23.14 -31.87
N VAL A 742 -8.85 -22.78 -30.85
CA VAL A 742 -7.81 -23.63 -30.31
C VAL A 742 -8.41 -24.92 -29.72
N GLN A 743 -9.55 -24.79 -29.01
CA GLN A 743 -10.14 -25.97 -28.42
C GLN A 743 -10.79 -26.90 -29.46
N LEU A 744 -11.41 -26.32 -30.48
CA LEU A 744 -11.99 -27.10 -31.57
C LEU A 744 -10.91 -27.90 -32.29
N TYR A 745 -9.73 -27.29 -32.47
CA TYR A 745 -8.63 -27.91 -33.17
C TYR A 745 -8.10 -29.11 -32.37
N ASN A 746 -8.14 -28.97 -31.05
CA ASN A 746 -7.64 -29.97 -30.13
C ASN A 746 -8.48 -31.23 -30.31
N ILE A 747 -9.81 -31.08 -30.22
CA ILE A 747 -10.78 -32.14 -30.45
C ILE A 747 -10.61 -32.69 -31.86
N ALA A 748 -10.37 -31.81 -32.85
CA ALA A 748 -10.29 -32.24 -34.24
C ALA A 748 -9.07 -33.12 -34.52
N THR A 749 -8.07 -33.12 -33.63
CA THR A 749 -6.85 -33.81 -34.03
C THR A 749 -6.52 -34.92 -33.03
N GLN A 750 -7.57 -35.47 -32.42
CA GLN A 750 -7.51 -36.62 -31.54
C GLN A 750 -8.66 -37.54 -31.94
N ASP A 751 -8.49 -38.85 -31.71
CA ASP A 751 -9.57 -39.83 -31.85
C ASP A 751 -10.66 -39.46 -30.84
N GLY A 752 -11.92 -39.51 -31.28
CA GLY A 752 -13.06 -39.34 -30.39
C GLY A 752 -14.38 -39.23 -31.15
N PRO A 753 -15.53 -39.23 -30.45
CA PRO A 753 -16.82 -39.12 -31.12
C PRO A 753 -17.14 -37.80 -31.83
N TYR A 754 -16.40 -36.71 -31.53
CA TYR A 754 -16.78 -35.39 -32.01
C TYR A 754 -15.71 -34.81 -32.94
N LYS A 755 -14.72 -35.64 -33.27
CA LYS A 755 -13.59 -35.23 -34.08
C LYS A 755 -14.02 -34.56 -35.40
N GLU A 756 -14.99 -35.17 -36.11
CA GLU A 756 -15.42 -34.64 -37.40
C GLU A 756 -16.24 -33.35 -37.22
N THR A 757 -17.18 -33.32 -36.28
CA THR A 757 -17.89 -32.10 -35.94
C THR A 757 -16.87 -31.00 -35.65
N ALA A 758 -15.94 -31.28 -34.74
CA ALA A 758 -14.96 -30.28 -34.34
C ALA A 758 -14.13 -29.87 -35.54
N ARG A 759 -13.76 -30.82 -36.42
CA ARG A 759 -12.96 -30.48 -37.58
C ARG A 759 -13.70 -29.47 -38.47
N ASP A 760 -15.02 -29.67 -38.68
CA ASP A 760 -15.82 -28.81 -39.54
C ASP A 760 -15.94 -27.42 -38.91
N LEU A 761 -16.23 -27.38 -37.60
CA LEU A 761 -16.40 -26.13 -36.87
C LEU A 761 -15.09 -25.34 -36.83
N TYR A 762 -13.97 -26.04 -36.59
CA TYR A 762 -12.65 -25.45 -36.61
C TYR A 762 -12.40 -24.73 -37.94
N THR A 763 -12.59 -25.46 -39.04
CA THR A 763 -12.26 -25.01 -40.38
C THR A 763 -13.00 -23.70 -40.68
N ARG A 764 -14.29 -23.71 -40.40
CA ARG A 764 -15.19 -22.62 -40.70
C ARG A 764 -15.00 -21.45 -39.72
N LEU A 765 -14.85 -21.72 -38.42
CA LEU A 765 -14.72 -20.61 -37.48
C LEU A 765 -13.40 -19.89 -37.76
N ARG A 766 -12.33 -20.66 -38.02
CA ARG A 766 -11.03 -20.07 -38.36
C ARG A 766 -11.17 -19.10 -39.53
N LYS A 767 -11.81 -19.60 -40.59
CA LYS A 767 -11.97 -18.83 -41.81
C LYS A 767 -12.86 -17.62 -41.54
N ASN A 768 -13.98 -17.83 -40.80
CA ASN A 768 -14.92 -16.74 -40.52
C ASN A 768 -14.20 -15.58 -39.82
N ILE A 769 -13.40 -15.94 -38.80
CA ILE A 769 -12.79 -14.96 -37.90
C ILE A 769 -11.68 -14.26 -38.68
N VAL A 770 -10.82 -15.04 -39.35
CA VAL A 770 -9.74 -14.42 -40.09
C VAL A 770 -10.29 -13.45 -41.13
N GLU A 771 -11.28 -13.90 -41.90
CA GLU A 771 -11.76 -13.11 -43.03
C GLU A 771 -12.46 -11.83 -42.54
N THR A 772 -13.16 -11.90 -41.41
CA THR A 772 -13.83 -10.70 -40.87
C THR A 772 -12.77 -9.66 -40.47
N VAL A 773 -11.71 -10.11 -39.77
CA VAL A 773 -10.71 -9.18 -39.34
C VAL A 773 -9.98 -8.63 -40.58
N TYR A 774 -9.69 -9.52 -41.54
CA TYR A 774 -8.98 -9.11 -42.73
C TYR A 774 -9.79 -8.12 -43.58
N ARG A 775 -11.05 -8.45 -43.91
CA ARG A 775 -11.87 -7.54 -44.73
C ARG A 775 -11.94 -6.14 -44.09
N ASN A 776 -12.08 -6.11 -42.76
CA ASN A 776 -12.19 -4.84 -42.07
C ASN A 776 -10.88 -4.07 -42.17
N TRP A 777 -9.77 -4.76 -41.93
CA TRP A 777 -8.45 -4.17 -42.07
C TRP A 777 -8.21 -3.66 -43.48
N GLU A 778 -8.59 -4.49 -44.48
CA GLU A 778 -8.47 -4.08 -45.86
C GLU A 778 -9.20 -2.74 -46.07
N GLU A 779 -10.42 -2.65 -45.55
CA GLU A 779 -11.30 -1.56 -45.93
C GLU A 779 -11.02 -0.32 -45.06
N THR A 780 -10.53 -0.49 -43.82
CA THR A 780 -10.40 0.64 -42.90
C THR A 780 -8.93 0.92 -42.50
N GLY A 781 -8.04 -0.06 -42.69
CA GLY A 781 -6.68 0.01 -42.15
C GLY A 781 -6.59 -0.32 -40.66
N PHE A 782 -7.70 -0.74 -40.02
CA PHE A 782 -7.62 -0.93 -38.56
C PHE A 782 -8.00 -2.33 -38.15
N ALA A 783 -7.43 -2.71 -36.99
CA ALA A 783 -7.92 -3.75 -36.10
C ALA A 783 -8.96 -3.10 -35.21
N TRP A 784 -10.09 -3.78 -35.00
CA TRP A 784 -11.12 -3.26 -34.15
C TRP A 784 -11.27 -4.12 -32.90
N GLU A 785 -11.86 -3.52 -31.86
CA GLU A 785 -12.10 -4.11 -30.57
C GLU A 785 -13.06 -5.29 -30.67
N GLN A 786 -14.04 -5.19 -31.57
CA GLN A 786 -15.06 -6.24 -31.70
C GLN A 786 -15.73 -6.07 -33.07
N TYR A 787 -16.50 -7.09 -33.50
CA TYR A 787 -17.09 -7.11 -34.82
C TYR A 787 -18.60 -7.37 -34.72
N ASN A 788 -19.34 -6.67 -35.57
CA ASN A 788 -20.79 -6.72 -35.60
C ASN A 788 -21.20 -8.05 -36.27
N PRO A 789 -21.98 -8.91 -35.58
CA PRO A 789 -22.37 -10.20 -36.17
C PRO A 789 -23.46 -10.19 -37.26
N GLU A 790 -24.23 -9.09 -37.40
CA GLU A 790 -25.18 -8.92 -38.48
C GLU A 790 -24.50 -8.37 -39.73
N THR A 791 -23.61 -7.38 -39.56
CA THR A 791 -23.03 -6.70 -40.71
C THR A 791 -21.56 -7.09 -40.93
N GLY A 792 -20.87 -7.63 -39.91
CA GLY A 792 -19.46 -7.97 -40.09
C GLY A 792 -18.52 -6.78 -39.84
N LYS A 793 -19.08 -5.60 -39.58
CA LYS A 793 -18.26 -4.40 -39.51
C LYS A 793 -17.53 -4.29 -38.17
N GLY A 794 -16.29 -3.80 -38.21
CA GLY A 794 -15.63 -3.51 -36.94
C GLY A 794 -16.32 -2.35 -36.24
N GLN A 795 -16.45 -2.44 -34.91
CA GLN A 795 -17.05 -1.38 -34.13
C GLN A 795 -16.31 -1.28 -32.79
N ARG A 796 -16.76 -0.33 -31.95
CA ARG A 796 -16.05 0.16 -30.76
C ARG A 796 -14.71 0.68 -31.25
N THR A 797 -13.64 0.54 -30.46
CA THR A 797 -12.45 1.31 -30.81
C THR A 797 -11.56 0.64 -31.86
N GLN A 798 -10.89 1.50 -32.63
CA GLN A 798 -9.86 1.17 -33.59
C GLN A 798 -8.51 1.07 -32.90
N HIS A 799 -7.54 0.56 -33.66
CA HIS A 799 -6.15 0.33 -33.22
C HIS A 799 -6.13 -0.68 -32.08
N PHE A 800 -7.00 -1.69 -32.13
CA PHE A 800 -7.04 -2.62 -31.00
C PHE A 800 -6.07 -3.78 -31.24
N THR A 801 -4.77 -3.56 -31.00
CA THR A 801 -3.74 -4.57 -31.14
C THR A 801 -2.88 -4.62 -29.87
N GLY A 802 -3.39 -5.17 -28.76
CA GLY A 802 -4.74 -5.66 -28.57
C GLY A 802 -4.91 -7.09 -29.08
N TRP A 803 -5.88 -7.80 -28.52
CA TRP A 803 -5.96 -9.25 -28.74
C TRP A 803 -6.57 -9.58 -30.11
N THR A 804 -7.13 -8.57 -30.80
CA THR A 804 -7.56 -8.82 -32.18
C THR A 804 -6.38 -9.37 -33.00
N SER A 805 -5.16 -8.99 -32.63
CA SER A 805 -3.96 -9.45 -33.33
C SER A 805 -3.76 -10.98 -33.21
N LEU A 806 -4.56 -11.66 -32.39
CA LEU A 806 -4.47 -13.12 -32.35
C LEU A 806 -4.68 -13.75 -33.73
N VAL A 807 -5.30 -13.00 -34.65
CA VAL A 807 -5.59 -13.55 -35.97
C VAL A 807 -4.31 -14.07 -36.60
N VAL A 808 -3.16 -13.47 -36.25
CA VAL A 808 -1.94 -13.94 -36.91
C VAL A 808 -1.66 -15.40 -36.53
N LYS A 809 -1.96 -15.77 -35.28
CA LYS A 809 -1.72 -17.11 -34.79
C LYS A 809 -2.80 -18.06 -35.29
N ILE A 810 -4.03 -17.56 -35.45
CA ILE A 810 -5.10 -18.37 -36.00
C ILE A 810 -4.72 -18.74 -37.44
N MET A 811 -4.18 -17.79 -38.22
CA MET A 811 -3.80 -18.07 -39.60
C MET A 811 -2.63 -19.07 -39.65
N SER A 812 -1.68 -18.92 -38.71
CA SER A 812 -0.50 -19.79 -38.57
C SER A 812 -0.89 -21.22 -38.27
N GLY A 813 -1.92 -21.39 -37.43
CA GLY A 813 -2.53 -22.70 -37.15
C GLY A 813 -1.61 -23.65 -36.37
N HIS A 814 -1.80 -24.97 -36.57
CA HIS A 814 -1.00 -26.05 -36.01
C HIS A 814 -0.75 -25.81 -34.51
N HIS A 815 -1.82 -25.77 -33.70
CA HIS A 815 -1.70 -25.48 -32.28
C HIS A 815 -1.04 -26.64 -31.52
N GLU B 35 -22.90 11.29 39.45
CA GLU B 35 -24.28 11.45 40.07
C GLU B 35 -24.23 12.27 41.37
N SER B 36 -23.27 12.03 42.28
CA SER B 36 -23.13 13.02 43.35
C SER B 36 -22.64 14.34 42.76
N ILE B 37 -23.06 15.46 43.34
CA ILE B 37 -22.57 16.77 42.94
C ILE B 37 -21.04 16.79 42.95
N LEU B 38 -20.43 16.23 44.01
CA LEU B 38 -18.99 16.33 44.10
C LEU B 38 -18.30 15.47 43.04
N HIS B 39 -18.80 14.25 42.82
CA HIS B 39 -18.20 13.37 41.80
C HIS B 39 -18.26 14.04 40.41
N SER B 40 -19.43 14.59 40.06
CA SER B 40 -19.58 15.28 38.78
C SER B 40 -18.55 16.40 38.64
N GLU B 41 -18.39 17.19 39.71
CA GLU B 41 -17.61 18.43 39.69
C GLU B 41 -16.14 18.04 39.47
N ILE B 42 -15.66 17.05 40.24
CA ILE B 42 -14.30 16.60 40.06
C ILE B 42 -14.13 16.05 38.64
N GLY B 43 -15.13 15.32 38.14
CA GLY B 43 -15.02 14.78 36.78
C GLY B 43 -14.89 15.95 35.78
N ARG B 44 -15.63 17.06 36.03
CA ARG B 44 -15.56 18.21 35.14
C ARG B 44 -14.21 18.91 35.23
N LEU B 45 -13.61 18.97 36.42
CA LEU B 45 -12.31 19.61 36.59
C LEU B 45 -11.22 18.77 35.93
N ASN B 46 -11.34 17.45 36.08
CA ASN B 46 -10.41 16.55 35.40
C ASN B 46 -10.49 16.68 33.88
N ASN B 47 -11.72 16.74 33.37
CA ASN B 47 -12.02 16.91 31.95
C ASN B 47 -11.38 18.22 31.44
N GLN B 48 -11.60 19.34 32.13
CA GLN B 48 -11.02 20.61 31.67
C GLN B 48 -9.50 20.58 31.78
N SER B 49 -9.00 19.91 32.83
CA SER B 49 -7.56 19.81 33.05
C SER B 49 -6.85 19.03 31.95
N LEU B 50 -7.48 17.93 31.50
CA LEU B 50 -6.79 16.97 30.65
C LEU B 50 -7.16 17.19 29.18
N LEU B 51 -8.02 18.16 28.89
CA LEU B 51 -8.65 18.23 27.57
C LEU B 51 -7.60 18.34 26.45
N TRP B 52 -6.59 19.18 26.64
CA TRP B 52 -5.61 19.39 25.58
C TRP B 52 -4.33 18.63 25.85
N GLY B 53 -3.64 18.16 24.80
CA GLY B 53 -2.30 17.66 24.99
C GLY B 53 -1.68 17.31 23.65
N PRO B 54 -0.43 16.79 23.61
CA PRO B 54 0.15 16.28 22.37
C PRO B 54 -0.32 14.83 22.17
N TYR B 55 -1.62 14.66 22.14
CA TYR B 55 -2.18 13.32 22.30
C TYR B 55 -2.19 12.58 20.96
N ARG B 56 -1.16 12.82 20.16
CA ARG B 56 -0.93 12.17 18.88
C ARG B 56 0.42 11.47 18.89
N PRO B 57 0.59 10.41 19.72
CA PRO B 57 1.90 9.78 19.88
C PRO B 57 2.38 9.05 18.62
N ASN B 58 1.47 8.78 17.68
CA ASN B 58 1.88 8.15 16.42
C ASN B 58 2.72 9.10 15.53
N ILE B 59 2.64 10.42 15.73
CA ILE B 59 3.53 11.33 14.98
C ILE B 59 4.61 11.94 15.89
N TYR B 60 5.71 12.42 15.29
CA TYR B 60 6.74 13.13 16.06
C TYR B 60 6.12 14.21 16.96
N PHE B 61 5.30 15.10 16.41
CA PHE B 61 4.73 16.17 17.22
C PHE B 61 3.44 16.72 16.62
N GLY B 62 2.42 16.72 17.47
CA GLY B 62 1.15 17.30 17.11
C GLY B 62 0.24 17.35 18.33
N THR B 63 -0.84 18.10 18.20
CA THR B 63 -1.73 18.20 19.33
C THR B 63 -3.13 17.85 18.87
N ARG B 64 -3.95 17.46 19.85
CA ARG B 64 -5.39 17.42 19.66
C ARG B 64 -6.04 17.47 21.04
N PRO B 65 -7.30 17.89 21.16
CA PRO B 65 -8.02 17.73 22.41
C PRO B 65 -8.71 16.36 22.44
N ARG B 66 -9.21 15.98 23.63
CA ARG B 66 -9.95 14.75 23.77
C ARG B 66 -11.38 14.97 23.28
N ILE B 67 -11.51 15.23 21.97
CA ILE B 67 -12.80 15.37 21.32
C ILE B 67 -12.64 14.67 19.97
N GLY B 68 -13.58 13.78 19.65
CA GLY B 68 -13.49 12.99 18.43
C GLY B 68 -13.30 13.87 17.18
N LYS B 69 -14.16 14.89 17.01
CA LYS B 69 -14.03 15.71 15.82
C LYS B 69 -13.70 17.14 16.21
N SER B 70 -12.46 17.58 15.99
CA SER B 70 -12.13 18.90 16.51
C SER B 70 -10.87 19.38 15.80
N LEU B 71 -10.14 20.27 16.46
CA LEU B 71 -8.94 20.85 15.88
C LEU B 71 -7.75 19.94 16.17
N MET B 72 -6.88 19.68 15.17
CA MET B 72 -5.69 18.86 15.33
C MET B 72 -4.48 19.53 14.67
N THR B 73 -3.26 19.30 15.18
CA THR B 73 -2.11 19.92 14.54
C THR B 73 -1.06 18.85 14.29
N GLY B 74 -0.12 19.13 13.39
CA GLY B 74 1.02 18.23 13.26
C GLY B 74 2.19 18.93 12.57
N LEU B 75 3.41 18.51 12.94
CA LEU B 75 4.66 19.08 12.46
C LEU B 75 5.35 18.18 11.44
N MET B 76 5.89 18.79 10.37
CA MET B 76 6.71 18.00 9.47
C MET B 76 7.96 18.82 9.17
N TRP B 77 9.06 18.14 8.84
CA TRP B 77 10.28 18.85 8.50
C TRP B 77 11.11 17.92 7.64
N GLY B 78 12.06 18.50 6.89
CA GLY B 78 12.95 17.73 6.05
C GLY B 78 13.89 18.67 5.30
N LYS B 79 15.14 18.24 5.10
CA LYS B 79 16.06 19.01 4.28
C LYS B 79 15.66 18.90 2.81
N ILE B 80 16.08 19.88 2.01
CA ILE B 80 15.86 19.80 0.59
C ILE B 80 17.12 20.22 -0.18
N GLU B 81 17.58 19.33 -1.06
CA GLU B 81 18.77 19.61 -1.84
C GLU B 81 18.48 19.43 -3.34
N SER B 82 17.38 18.73 -3.72
CA SER B 82 17.16 18.45 -5.13
C SER B 82 15.68 18.62 -5.44
N TYR B 83 15.31 18.37 -6.70
CA TYR B 83 13.94 18.51 -7.11
C TYR B 83 13.16 17.26 -6.72
N THR B 84 13.85 16.21 -6.24
CA THR B 84 13.15 14.96 -5.94
C THR B 84 13.48 14.34 -4.57
N ASP B 85 14.21 15.03 -3.67
CA ASP B 85 14.67 14.41 -2.43
C ASP B 85 13.66 14.61 -1.27
N PHE B 86 12.89 15.71 -1.26
CA PHE B 86 12.08 16.05 -0.09
C PHE B 86 11.12 14.94 0.31
N GLN B 87 10.54 14.24 -0.68
CA GLN B 87 9.66 13.09 -0.49
C GLN B 87 10.34 11.99 0.34
N HIS B 88 11.67 11.86 0.28
CA HIS B 88 12.39 10.86 1.06
C HIS B 88 12.85 11.38 2.42
N THR B 89 12.98 12.70 2.60
CA THR B 89 13.61 13.24 3.79
C THR B 89 12.55 13.67 4.82
N VAL B 90 11.35 13.99 4.34
CA VAL B 90 10.34 14.64 5.17
C VAL B 90 9.94 13.69 6.33
N ARG B 91 9.69 14.27 7.50
CA ARG B 91 9.37 13.55 8.73
C ARG B 91 7.95 13.90 9.11
N TYR B 92 7.16 12.90 9.50
CA TYR B 92 5.82 13.17 10.01
C TYR B 92 5.46 12.10 11.05
N THR B 93 5.25 10.86 10.55
CA THR B 93 4.95 9.65 11.32
C THR B 93 6.22 9.12 11.98
N CYS B 94 6.12 8.71 13.26
CA CYS B 94 7.26 8.13 13.96
C CYS B 94 7.69 6.80 13.31
N GLU B 95 9.00 6.65 13.12
CA GLU B 95 9.63 5.43 12.63
C GLU B 95 10.87 5.20 13.48
N GLN B 96 11.60 4.11 13.23
CA GLN B 96 12.93 3.97 13.83
C GLN B 96 13.78 3.11 12.90
N ASN B 97 14.87 3.70 12.39
CA ASN B 97 15.73 3.11 11.38
C ASN B 97 17.04 3.87 11.51
N GLU B 98 18.02 3.50 10.66
CA GLU B 98 19.37 4.04 10.59
C GLU B 98 19.35 5.57 10.55
N GLY B 99 18.40 6.17 9.85
CA GLY B 99 18.40 7.62 9.63
C GLY B 99 17.95 8.38 10.86
N MET B 100 17.52 7.65 11.92
CA MET B 100 17.09 8.36 13.12
C MET B 100 17.95 7.90 14.28
N LYS B 101 18.55 8.89 14.97
CA LYS B 101 19.36 8.50 16.12
C LYS B 101 18.44 8.06 17.27
N GLY B 102 17.45 8.88 17.60
CA GLY B 102 16.61 8.66 18.78
C GLY B 102 15.62 9.82 18.91
N TYR B 103 14.62 9.66 19.78
CA TYR B 103 13.71 10.73 20.13
C TYR B 103 12.89 10.26 21.31
N GLY B 104 12.26 11.21 22.00
CA GLY B 104 11.50 10.88 23.19
C GLY B 104 11.34 12.13 24.04
N TRP B 105 10.51 11.98 25.08
CA TRP B 105 10.20 13.07 26.01
C TRP B 105 11.25 13.07 27.11
N ASP B 106 11.87 14.24 27.34
CA ASP B 106 12.85 14.36 28.43
C ASP B 106 12.08 14.48 29.74
N GLU B 107 10.92 15.15 29.65
CA GLU B 107 10.03 15.37 30.77
C GLU B 107 8.62 15.51 30.24
N TYR B 108 7.67 15.06 31.02
CA TYR B 108 6.31 15.25 30.59
C TYR B 108 5.37 14.92 31.74
N ASP B 109 4.36 15.77 31.81
CA ASP B 109 3.22 15.66 32.66
C ASP B 109 2.04 16.09 31.83
N PRO B 110 1.03 15.22 31.62
CA PRO B 110 -0.13 15.52 30.79
C PRO B 110 -0.87 16.76 31.26
N ARG B 111 -0.75 17.12 32.57
CA ARG B 111 -1.48 18.31 33.00
C ARG B 111 -0.69 19.58 32.66
N ARG B 112 0.61 19.46 32.42
CA ARG B 112 1.41 20.67 32.48
C ARG B 112 2.11 20.91 31.14
N GLY B 113 2.52 19.79 30.55
CA GLY B 113 3.31 19.82 29.32
C GLY B 113 4.65 19.14 29.48
N GLY B 114 5.57 19.41 28.55
CA GLY B 114 6.82 18.67 28.54
C GLY B 114 7.76 19.17 27.46
N ILE B 115 8.87 18.45 27.29
CA ILE B 115 9.85 18.77 26.29
C ILE B 115 10.27 17.48 25.62
N GLN B 116 10.23 17.47 24.29
CA GLN B 116 10.66 16.31 23.53
C GLN B 116 11.92 16.70 22.77
N SER B 117 12.85 15.75 22.63
CA SER B 117 14.06 15.89 21.86
C SER B 117 14.04 14.85 20.73
N ILE B 118 14.47 15.26 19.53
CA ILE B 118 14.46 14.42 18.34
C ILE B 118 15.85 14.56 17.70
N HIS B 119 16.54 13.43 17.52
CA HIS B 119 17.88 13.36 16.93
C HIS B 119 17.79 12.69 15.56
N ASP B 120 17.67 13.54 14.54
CA ASP B 120 17.49 13.13 13.15
C ASP B 120 18.84 13.16 12.44
N ILE B 121 19.35 11.99 12.03
CA ILE B 121 20.61 11.89 11.33
C ILE B 121 20.41 12.24 9.85
N GLN B 122 19.36 11.71 9.21
CA GLN B 122 19.15 11.93 7.79
C GLN B 122 19.06 13.44 7.52
N ASN B 123 18.37 14.18 8.39
CA ASN B 123 18.13 15.60 8.20
C ASN B 123 19.18 16.46 8.90
N GLY B 124 20.12 15.83 9.60
CA GLY B 124 21.24 16.52 10.23
C GLY B 124 20.80 17.52 11.29
N LEU B 125 19.73 17.19 12.03
CA LEU B 125 19.07 18.15 12.91
C LEU B 125 18.75 17.52 14.28
N ASP B 126 18.99 18.30 15.34
CA ASP B 126 18.54 18.01 16.70
C ASP B 126 17.42 18.99 16.99
N ILE B 127 16.22 18.45 17.29
CA ILE B 127 15.02 19.27 17.45
C ILE B 127 14.48 19.07 18.86
N THR B 128 13.99 20.17 19.44
CA THR B 128 13.22 20.08 20.66
C THR B 128 11.87 20.70 20.36
N THR B 129 10.84 20.07 20.90
CA THR B 129 9.47 20.53 20.85
C THR B 129 9.04 20.67 22.30
N SER B 130 8.85 21.90 22.75
CA SER B 130 8.37 22.11 24.09
C SER B 130 6.88 22.47 24.05
N PHE B 131 6.07 21.88 24.94
CA PHE B 131 4.63 22.06 24.95
C PHE B 131 4.21 22.49 26.36
N VAL B 132 3.34 23.50 26.50
CA VAL B 132 2.91 23.86 27.84
C VAL B 132 1.43 24.13 27.81
N LYS B 133 0.73 23.88 28.92
CA LYS B 133 -0.70 24.15 29.00
C LYS B 133 -0.93 25.31 29.95
N ILE B 134 -1.90 26.17 29.66
CA ILE B 134 -2.14 27.36 30.45
C ILE B 134 -3.62 27.38 30.75
N PRO B 135 -4.01 27.02 31.99
CA PRO B 135 -5.42 26.95 32.35
C PRO B 135 -6.04 28.35 32.33
N GLY B 136 -7.36 28.37 32.12
CA GLY B 136 -8.13 29.60 31.93
C GLY B 136 -9.36 29.36 31.06
N GLY B 137 -10.49 29.93 31.48
CA GLY B 137 -11.71 29.87 30.70
C GLY B 137 -12.42 28.53 30.81
N ALA B 138 -13.38 28.33 29.90
CA ALA B 138 -14.36 27.27 30.04
C ALA B 138 -14.12 26.17 28.99
N HIS B 139 -13.02 26.19 28.25
CA HIS B 139 -12.93 25.29 27.10
C HIS B 139 -11.65 24.48 27.12
N GLY B 140 -11.07 24.29 28.32
CA GLY B 140 -9.90 23.43 28.41
C GLY B 140 -8.59 24.21 28.39
N GLY B 141 -8.70 25.53 28.44
CA GLY B 141 -7.56 26.43 28.59
C GLY B 141 -6.77 26.57 27.29
N SER B 142 -5.52 27.08 27.38
CA SER B 142 -4.70 27.45 26.24
C SER B 142 -3.43 26.62 26.27
N TRP B 143 -2.64 26.71 25.19
CA TRP B 143 -1.40 25.96 25.14
C TRP B 143 -0.44 26.67 24.21
N ALA B 144 0.85 26.28 24.27
CA ALA B 144 1.87 26.86 23.42
C ALA B 144 2.95 25.81 23.23
N ALA B 145 3.67 25.91 22.12
CA ALA B 145 4.79 25.04 21.79
C ALA B 145 5.87 25.89 21.14
N ARG B 146 7.12 25.53 21.43
CA ARG B 146 8.29 26.11 20.79
C ARG B 146 8.98 24.98 20.07
N ILE B 147 9.21 25.17 18.76
CA ILE B 147 9.88 24.24 17.89
C ILE B 147 11.30 24.79 17.61
N LYS B 148 12.32 24.05 18.04
CA LYS B 148 13.67 24.52 17.82
C LYS B 148 14.52 23.46 17.11
N GLY B 149 15.14 23.86 15.99
CA GLY B 149 16.04 22.97 15.28
C GLY B 149 17.47 23.52 15.19
N THR B 150 18.43 22.65 15.45
CA THR B 150 19.84 22.98 15.53
C THR B 150 20.58 21.95 14.70
N LEU B 151 21.22 22.41 13.59
CA LEU B 151 21.99 21.54 12.71
C LEU B 151 23.12 20.95 13.53
N ASN B 152 23.39 19.66 13.32
CA ASN B 152 24.48 18.98 14.00
C ASN B 152 25.78 19.32 13.24
N ASP B 153 26.91 18.82 13.73
CA ASP B 153 28.18 19.31 13.21
C ASP B 153 28.41 18.76 11.80
N ASP B 154 27.63 17.74 11.41
CA ASP B 154 27.89 17.00 10.18
C ASP B 154 27.17 17.62 8.98
N ALA B 155 26.18 18.48 9.24
CA ALA B 155 25.25 18.97 8.22
C ALA B 155 25.89 20.17 7.53
N PRO B 156 25.64 20.42 6.22
CA PRO B 156 26.14 21.65 5.60
C PRO B 156 25.52 22.84 6.34
N LYS B 157 26.35 23.81 6.73
CA LYS B 157 25.94 24.92 7.59
C LYS B 157 24.86 25.76 6.89
N ASP B 158 24.75 25.62 5.58
CA ASP B 158 23.73 26.40 4.89
C ASP B 158 22.55 25.53 4.44
N GLN B 159 22.37 24.34 5.08
CA GLN B 159 21.30 23.43 4.71
C GLN B 159 19.97 24.17 4.68
N LYS B 160 19.14 23.90 3.67
CA LYS B 160 17.78 24.42 3.69
C LYS B 160 16.85 23.32 4.23
N THR B 161 16.07 23.69 5.26
CA THR B 161 15.09 22.82 5.89
C THR B 161 13.71 23.42 5.71
N ILE B 162 12.83 22.63 5.12
CA ILE B 162 11.41 22.95 5.09
C ILE B 162 10.80 22.48 6.41
N VAL B 163 9.92 23.32 6.96
CA VAL B 163 9.15 23.02 8.16
C VAL B 163 7.70 23.35 7.84
N VAL B 164 6.82 22.36 8.08
CA VAL B 164 5.39 22.59 7.91
C VAL B 164 4.65 22.49 9.25
N PHE B 165 3.70 23.40 9.50
CA PHE B 165 2.74 23.25 10.57
C PHE B 165 1.37 23.07 9.92
N TYR B 166 0.81 21.87 10.10
CA TYR B 166 -0.46 21.43 9.53
C TYR B 166 -1.56 21.54 10.56
N VAL B 167 -2.66 22.20 10.21
CA VAL B 167 -3.76 22.34 11.14
C VAL B 167 -5.03 21.83 10.45
N SER B 168 -5.80 20.98 11.13
CA SER B 168 -7.08 20.63 10.53
C SER B 168 -8.20 20.77 11.54
N GLN B 169 -9.43 20.92 11.07
CA GLN B 169 -10.57 20.93 11.99
C GLN B 169 -11.74 20.18 11.37
N GLU B 170 -12.25 19.23 12.14
CA GLU B 170 -13.35 18.39 11.74
C GLU B 170 -14.55 18.73 12.62
N GLY B 171 -15.75 18.50 12.11
CA GLY B 171 -16.95 18.63 12.94
C GLY B 171 -17.85 19.79 12.49
N GLU B 172 -19.16 19.56 12.49
CA GLU B 172 -20.16 20.54 12.07
C GLU B 172 -20.06 21.83 12.90
N ASN B 173 -20.55 22.93 12.32
CA ASN B 173 -20.74 24.19 13.03
C ASN B 173 -19.43 24.72 13.59
N SER B 174 -18.37 24.63 12.78
CA SER B 174 -17.05 25.06 13.20
C SER B 174 -16.37 25.84 12.06
N GLU B 175 -15.54 26.82 12.39
CA GLU B 175 -14.91 27.64 11.36
C GLU B 175 -13.44 27.79 11.71
N LEU B 176 -12.64 27.97 10.67
CA LEU B 176 -11.24 28.26 10.91
C LEU B 176 -10.74 29.04 9.70
N GLU B 177 -9.95 30.09 9.94
CA GLU B 177 -9.67 31.05 8.90
C GLU B 177 -8.33 31.72 9.19
N ALA B 178 -7.44 31.72 8.21
CA ALA B 178 -6.15 32.38 8.28
C ALA B 178 -6.36 33.86 7.94
N VAL B 179 -5.87 34.77 8.78
CA VAL B 179 -5.93 36.19 8.49
C VAL B 179 -4.92 36.50 7.38
N PRO B 180 -5.29 37.20 6.26
CA PRO B 180 -4.34 37.54 5.19
C PRO B 180 -3.13 38.31 5.70
N SER B 181 -1.97 38.09 5.09
CA SER B 181 -0.86 38.95 5.39
C SER B 181 -1.07 40.30 4.69
N GLU B 182 -0.15 41.23 4.93
CA GLU B 182 -0.26 42.58 4.41
C GLU B 182 0.80 42.74 3.33
N ASN B 183 1.28 41.60 2.81
CA ASN B 183 2.40 41.53 1.88
C ASN B 183 2.04 40.63 0.71
N GLU B 184 2.75 40.82 -0.40
CA GLU B 184 2.21 40.35 -1.68
C GLU B 184 2.18 38.82 -1.70
N PHE B 185 3.32 38.20 -1.40
CA PHE B 185 3.51 36.79 -1.71
C PHE B 185 3.49 35.90 -0.45
N GLY B 186 3.06 36.43 0.72
CA GLY B 186 3.22 35.67 1.96
C GLY B 186 3.46 36.59 3.17
N TYR B 187 4.04 36.03 4.25
CA TYR B 187 4.00 36.69 5.54
C TYR B 187 5.42 37.01 5.94
N GLU B 188 5.57 38.26 6.40
CA GLU B 188 6.79 38.76 7.01
C GLU B 188 6.77 38.42 8.50
N GLY B 189 5.58 38.41 9.11
CA GLY B 189 5.45 38.22 10.56
C GLY B 189 4.74 36.91 10.93
N ASP B 190 3.85 37.02 11.92
CA ASP B 190 3.11 35.91 12.49
C ASP B 190 1.98 35.54 11.53
N VAL B 191 1.63 34.26 11.51
CA VAL B 191 0.41 33.78 10.87
C VAL B 191 -0.63 33.62 11.97
N ILE B 192 -1.81 34.19 11.76
CA ILE B 192 -2.89 34.13 12.72
C ILE B 192 -4.06 33.33 12.12
N LEU B 193 -4.44 32.22 12.78
CA LEU B 193 -5.69 31.50 12.49
C LEU B 193 -6.71 31.85 13.55
N LYS B 194 -7.94 32.17 13.12
CA LYS B 194 -9.04 32.43 14.01
C LYS B 194 -10.11 31.38 13.75
N GLY B 195 -10.65 30.81 14.82
CA GLY B 195 -11.56 29.68 14.70
C GLY B 195 -12.59 29.66 15.82
N ARG B 196 -13.51 28.73 15.73
CA ARG B 196 -14.65 28.66 16.62
C ARG B 196 -15.23 27.27 16.47
N SER B 197 -15.67 26.65 17.57
CA SER B 197 -16.44 25.43 17.48
C SER B 197 -17.25 25.38 18.77
N GLU B 198 -18.31 24.57 18.81
CA GLU B 198 -19.08 24.43 20.04
C GLU B 198 -18.16 24.04 21.20
N ALA B 199 -17.33 23.02 20.96
CA ALA B 199 -16.47 22.45 21.99
C ALA B 199 -15.39 23.43 22.43
N LEU B 200 -14.79 24.16 21.48
CA LEU B 200 -13.67 25.02 21.85
C LEU B 200 -14.05 26.49 22.09
N GLY B 201 -15.31 26.89 21.78
CA GLY B 201 -15.69 28.30 21.67
C GLY B 201 -14.82 28.98 20.62
N ASN B 202 -14.57 30.30 20.79
CA ASN B 202 -13.61 31.01 19.95
C ASN B 202 -12.20 30.81 20.47
N TYR B 203 -11.26 30.86 19.54
CA TYR B 203 -9.86 30.67 19.86
C TYR B 203 -9.06 31.27 18.72
N LYS B 204 -7.77 31.46 19.01
CA LYS B 204 -6.82 32.00 18.07
C LYS B 204 -5.62 31.06 18.10
N LEU B 205 -5.06 30.73 16.93
CA LEU B 205 -3.85 29.92 16.85
C LEU B 205 -2.81 30.67 16.03
N VAL B 206 -1.67 30.94 16.64
CA VAL B 206 -0.68 31.80 16.01
C VAL B 206 0.56 30.97 15.71
N VAL B 207 1.08 31.03 14.47
CA VAL B 207 2.42 30.51 14.24
C VAL B 207 3.36 31.71 14.06
N THR B 208 4.36 31.83 14.96
CA THR B 208 5.05 33.11 15.04
C THR B 208 6.10 33.17 13.94
N LYS B 209 6.60 34.41 13.69
CA LYS B 209 7.59 34.64 12.65
C LYS B 209 8.75 33.66 12.80
N GLY B 210 9.26 33.56 14.03
CA GLY B 210 10.43 32.73 14.32
C GLY B 210 11.76 33.46 14.23
N LYS B 211 12.84 32.72 14.43
CA LYS B 211 14.21 33.18 14.35
C LYS B 211 14.94 32.18 13.46
N GLY B 212 15.83 32.72 12.62
CA GLY B 212 16.69 32.01 11.69
C GLY B 212 16.65 32.68 10.32
N VAL B 213 17.67 32.38 9.50
CA VAL B 213 17.82 32.91 8.16
C VAL B 213 16.78 32.26 7.24
N ILE B 214 16.05 33.12 6.51
CA ILE B 214 15.12 32.72 5.45
C ILE B 214 15.83 32.86 4.10
N PRO B 215 16.15 31.80 3.32
CA PRO B 215 16.93 31.99 2.09
C PRO B 215 16.11 32.81 1.09
N GLN B 216 16.80 33.54 0.22
CA GLN B 216 16.11 34.44 -0.70
C GLN B 216 16.49 34.04 -2.12
N SER B 217 15.56 34.17 -3.04
CA SER B 217 15.88 33.80 -4.40
C SER B 217 15.82 35.02 -5.32
N ASP B 218 16.81 35.08 -6.23
CA ASP B 218 16.74 36.10 -7.28
C ASP B 218 16.51 35.42 -8.62
N HIS B 219 16.07 34.15 -8.62
CA HIS B 219 15.49 33.56 -9.82
C HIS B 219 14.30 34.40 -10.29
N ASP B 220 14.07 34.42 -11.60
CA ASP B 220 12.87 35.00 -12.18
C ASP B 220 11.57 34.45 -11.57
N LEU B 221 11.56 33.21 -11.09
CA LEU B 221 10.37 32.62 -10.45
C LEU B 221 9.88 33.51 -9.31
N SER B 222 10.81 34.28 -8.68
CA SER B 222 10.49 35.18 -7.57
C SER B 222 9.45 36.23 -7.95
N ARG B 223 9.30 36.52 -9.26
CA ARG B 223 8.35 37.51 -9.75
C ARG B 223 6.93 37.05 -9.48
N LEU B 224 6.74 35.72 -9.52
CA LEU B 224 5.43 35.12 -9.34
C LEU B 224 5.26 34.59 -7.91
N ARG B 225 6.36 34.20 -7.25
CA ARG B 225 6.32 33.39 -6.04
C ARG B 225 6.98 34.11 -4.86
N GLY B 226 7.54 35.29 -5.13
CA GLY B 226 8.21 36.06 -4.11
C GLY B 226 9.62 35.52 -3.92
N PRO B 227 10.51 36.27 -3.24
CA PRO B 227 11.89 35.82 -3.10
C PRO B 227 12.08 34.75 -2.02
N GLY B 228 11.01 34.46 -1.26
CA GLY B 228 11.10 33.49 -0.18
C GLY B 228 10.52 34.03 1.12
N GLN B 229 9.48 33.34 1.62
CA GLN B 229 8.78 33.83 2.79
C GLN B 229 7.86 32.74 3.34
N THR B 230 7.29 33.02 4.52
CA THR B 230 6.29 32.15 5.12
C THR B 230 5.03 32.20 4.26
N VAL B 231 4.40 31.03 4.07
CA VAL B 231 3.17 30.98 3.28
C VAL B 231 2.14 30.13 4.03
N VAL B 232 0.87 30.34 3.69
CA VAL B 232 -0.25 29.57 4.20
C VAL B 232 -1.15 29.17 3.03
N GLN B 233 -1.59 27.91 3.01
CA GLN B 233 -2.66 27.51 2.12
C GLN B 233 -3.85 27.09 2.97
N SER B 234 -5.00 27.71 2.72
CA SER B 234 -6.21 27.31 3.40
C SER B 234 -7.10 26.54 2.42
N LEU B 235 -7.50 25.33 2.81
CA LEU B 235 -8.02 24.34 1.86
C LEU B 235 -9.21 23.65 2.50
N THR B 236 -10.05 23.04 1.68
CA THR B 236 -11.19 22.29 2.19
C THR B 236 -11.05 20.87 1.65
N TYR B 237 -10.95 19.88 2.56
CA TYR B 237 -10.93 18.50 2.12
C TYR B 237 -12.11 17.75 2.74
N PRO B 238 -12.51 16.56 2.21
CA PRO B 238 -13.51 15.72 2.88
C PRO B 238 -12.96 15.31 4.26
N ASP B 239 -13.84 15.28 5.28
CA ASP B 239 -13.43 14.96 6.65
C ASP B 239 -12.70 13.65 6.76
N GLU B 240 -12.98 12.69 5.89
CA GLU B 240 -12.40 11.35 6.03
C GLU B 240 -10.93 11.33 5.66
N VAL B 241 -10.43 12.39 4.99
CA VAL B 241 -9.02 12.33 4.65
C VAL B 241 -8.19 13.34 5.45
N LEU B 242 -8.79 14.06 6.41
CA LEU B 242 -8.03 15.09 7.15
C LEU B 242 -6.80 14.49 7.84
N TRP B 243 -6.86 13.19 8.21
CA TRP B 243 -5.72 12.54 8.83
C TRP B 243 -4.57 12.28 7.85
N GLN B 244 -4.83 12.24 6.52
CA GLN B 244 -3.82 11.92 5.51
C GLN B 244 -3.01 13.18 5.20
N ALA B 245 -2.32 13.71 6.22
CA ALA B 245 -1.70 15.01 6.19
C ALA B 245 -0.55 15.07 5.18
N LYS B 246 0.22 13.99 5.15
CA LYS B 246 1.39 14.00 4.31
C LYS B 246 0.97 13.82 2.85
N PRO B 247 0.03 12.90 2.52
CA PRO B 247 -0.53 12.90 1.17
C PRO B 247 -1.14 14.24 0.74
N ILE B 248 -1.75 14.97 1.67
CA ILE B 248 -2.36 16.24 1.34
C ILE B 248 -1.27 17.27 1.03
N LEU B 249 -0.19 17.30 1.84
CA LEU B 249 0.92 18.19 1.57
C LEU B 249 1.53 17.86 0.21
N PHE B 250 1.74 16.58 -0.11
CA PHE B 250 2.40 16.25 -1.37
C PHE B 250 1.50 16.56 -2.58
N GLN B 251 0.18 16.54 -2.35
CA GLN B 251 -0.75 16.89 -3.40
C GLN B 251 -0.56 18.37 -3.73
N GLN B 252 -0.48 19.21 -2.68
CA GLN B 252 -0.32 20.64 -2.83
C GLN B 252 1.03 20.93 -3.46
N LEU B 253 2.10 20.21 -3.06
CA LEU B 253 3.42 20.50 -3.56
C LEU B 253 3.46 20.16 -5.05
N LYS B 254 2.88 19.01 -5.42
CA LYS B 254 2.80 18.55 -6.80
C LYS B 254 2.01 19.54 -7.64
N ALA B 255 0.86 20.00 -7.11
CA ALA B 255 0.05 20.99 -7.82
C ALA B 255 0.88 22.26 -8.07
N GLY B 256 1.69 22.65 -7.07
CA GLY B 256 2.51 23.87 -7.15
C GLY B 256 3.62 23.72 -8.19
N ILE B 257 4.02 22.47 -8.51
CA ILE B 257 5.04 22.17 -9.52
C ILE B 257 4.40 22.08 -10.91
N ASP B 258 3.22 21.47 -11.02
CA ASP B 258 2.45 21.43 -12.26
C ASP B 258 2.19 22.84 -12.80
N TRP B 259 1.91 23.76 -11.86
CA TRP B 259 1.65 25.17 -12.11
C TRP B 259 2.83 25.85 -12.84
N LEU B 260 4.06 25.32 -12.71
CA LEU B 260 5.22 25.96 -13.33
C LEU B 260 5.18 25.91 -14.87
N VAL B 261 4.63 24.84 -15.45
CA VAL B 261 4.60 24.65 -16.90
C VAL B 261 3.46 25.43 -17.57
N GLU B 262 2.66 26.13 -16.78
CA GLU B 262 1.51 26.83 -17.31
C GLU B 262 1.65 28.33 -17.06
N ASN B 263 2.81 28.75 -16.53
CA ASN B 263 2.97 30.11 -16.05
C ASN B 263 4.29 30.70 -16.56
N LYS B 264 4.30 32.02 -16.69
CA LYS B 264 5.30 32.79 -17.42
C LYS B 264 6.48 33.16 -16.52
N TYR B 265 7.63 32.48 -16.69
CA TYR B 265 8.85 32.94 -16.03
C TYR B 265 9.97 32.22 -16.74
N ASP B 266 11.19 32.72 -16.55
CA ASP B 266 12.36 32.27 -17.30
C ASP B 266 12.83 30.93 -16.76
N VAL B 267 13.02 29.95 -17.65
CA VAL B 267 13.36 28.62 -17.21
C VAL B 267 14.70 28.18 -17.76
N ALA B 268 15.51 29.16 -18.21
CA ALA B 268 16.86 28.83 -18.68
C ALA B 268 17.75 28.36 -17.52
N ASP B 269 17.58 28.95 -16.33
CA ASP B 269 18.40 28.60 -15.18
C ASP B 269 17.61 27.77 -14.17
N PRO B 270 18.24 26.74 -13.58
CA PRO B 270 17.61 25.94 -12.52
C PRO B 270 17.26 26.82 -11.34
N PRO B 271 15.99 26.79 -10.88
CA PRO B 271 15.57 27.56 -9.71
C PRO B 271 15.96 26.77 -8.48
N PRO B 272 16.04 27.41 -7.28
CA PRO B 272 16.40 26.68 -6.07
C PRO B 272 15.35 25.61 -5.76
N PRO B 273 15.73 24.35 -5.45
CA PRO B 273 14.76 23.34 -5.00
C PRO B 273 13.82 23.86 -3.92
N TRP B 274 14.33 24.62 -2.93
CA TRP B 274 13.46 25.06 -1.85
C TRP B 274 12.33 25.94 -2.40
N GLN B 275 12.60 26.70 -3.47
CA GLN B 275 11.61 27.65 -3.98
C GLN B 275 10.54 26.93 -4.79
N VAL B 276 10.92 25.91 -5.58
CA VAL B 276 9.90 25.20 -6.32
C VAL B 276 9.05 24.36 -5.36
N TYR B 277 9.60 24.02 -4.17
CA TYR B 277 8.83 23.37 -3.10
C TYR B 277 8.18 24.34 -2.10
N LEU B 278 8.22 25.66 -2.36
CA LEU B 278 7.51 26.57 -1.47
C LEU B 278 6.12 26.83 -2.07
N LEU B 279 5.07 26.40 -1.34
CA LEU B 279 3.68 26.55 -1.76
C LEU B 279 3.37 28.02 -2.07
N ALA B 280 2.39 28.26 -2.96
CA ALA B 280 1.86 29.59 -3.24
C ALA B 280 0.97 29.95 -2.05
N ASN B 281 1.06 31.20 -1.61
CA ASN B 281 0.28 31.72 -0.50
C ASN B 281 -1.19 31.86 -0.88
N LYS B 282 -2.09 31.22 -0.12
CA LYS B 282 -3.53 31.29 -0.38
C LYS B 282 -4.33 31.16 0.92
N PRO B 283 -4.12 32.09 1.90
CA PRO B 283 -4.82 32.02 3.18
C PRO B 283 -6.30 32.31 2.92
N GLY B 284 -7.13 31.86 3.87
CA GLY B 284 -8.57 32.02 3.83
C GLY B 284 -9.23 31.03 4.77
N SER B 285 -10.50 30.78 4.51
CA SER B 285 -11.30 29.86 5.28
C SER B 285 -11.01 28.45 4.76
N GLY B 286 -11.08 27.44 5.64
CA GLY B 286 -10.85 26.05 5.28
C GLY B 286 -10.93 25.12 6.50
N ASN B 287 -10.90 23.79 6.28
CA ASN B 287 -10.75 22.82 7.35
C ASN B 287 -9.32 22.25 7.36
N VAL B 288 -8.47 22.75 6.45
CA VAL B 288 -7.05 22.40 6.48
C VAL B 288 -6.29 23.70 6.25
N HIS B 289 -5.28 23.98 7.08
CA HIS B 289 -4.33 25.06 6.85
C HIS B 289 -2.92 24.51 6.94
N ILE B 290 -2.15 24.75 5.87
CA ILE B 290 -0.74 24.37 5.81
C ILE B 290 0.09 25.64 5.95
N VAL B 291 0.89 25.71 7.01
CA VAL B 291 1.76 26.86 7.21
C VAL B 291 3.17 26.37 6.95
N GLN B 292 3.90 27.04 6.05
CA GLN B 292 5.15 26.47 5.60
C GLN B 292 6.23 27.54 5.77
N LYS B 293 7.45 27.12 6.16
CA LYS B 293 8.58 28.02 6.30
C LYS B 293 9.78 27.30 5.72
N VAL B 294 10.74 28.08 5.23
CA VAL B 294 12.02 27.51 4.80
C VAL B 294 13.05 28.26 5.61
N PHE B 295 13.98 27.48 6.18
CA PHE B 295 15.06 28.08 6.94
C PHE B 295 16.37 27.63 6.35
N GLU B 296 17.38 28.50 6.52
CA GLU B 296 18.76 28.16 6.22
C GLU B 296 19.54 28.13 7.54
N GLY B 297 20.16 26.99 7.87
CA GLY B 297 20.77 26.85 9.19
C GLY B 297 19.73 26.63 10.28
N ASP B 298 20.06 27.07 11.52
CA ASP B 298 19.27 26.85 12.73
C ASP B 298 17.98 27.66 12.69
N PHE B 299 16.95 27.17 13.39
CA PHE B 299 15.71 27.91 13.39
C PHE B 299 14.95 27.59 14.67
N GLU B 300 13.99 28.47 14.93
CA GLU B 300 12.97 28.19 15.91
C GLU B 300 11.76 29.04 15.58
N PHE B 301 10.58 28.60 16.07
CA PHE B 301 9.38 29.42 16.08
C PHE B 301 8.41 28.87 17.13
N ASP B 302 7.34 29.62 17.38
CA ASP B 302 6.37 29.22 18.38
C ASP B 302 4.97 29.07 17.78
N ILE B 303 4.16 28.25 18.46
CA ILE B 303 2.76 28.11 18.17
C ILE B 303 2.03 28.50 19.45
N LEU B 304 1.13 29.47 19.30
CA LEU B 304 0.43 30.03 20.45
C LEU B 304 -1.06 29.80 20.27
N PHE B 305 -1.68 28.93 21.09
CA PHE B 305 -3.13 28.69 21.05
C PHE B 305 -3.80 29.43 22.20
N SER B 306 -4.68 30.40 21.91
CA SER B 306 -5.38 31.18 22.93
C SER B 306 -6.88 30.90 22.93
N SER B 307 -7.37 30.34 24.03
CA SER B 307 -8.79 30.11 24.23
C SER B 307 -9.38 31.48 24.52
N GLU B 308 -10.42 31.89 23.79
CA GLU B 308 -10.98 33.22 24.06
C GLU B 308 -11.52 33.30 25.49
N SER B 309 -12.21 32.23 25.93
CA SER B 309 -12.68 31.90 27.27
C SER B 309 -11.77 32.48 28.35
N ALA B 310 -10.46 32.23 28.21
CA ALA B 310 -9.45 32.57 29.20
C ALA B 310 -9.27 34.09 29.31
N GLY B 311 -9.81 34.87 28.37
CA GLY B 311 -9.85 36.33 28.45
C GLY B 311 -8.46 36.97 28.47
N LYS B 312 -7.46 36.19 28.05
CA LYS B 312 -6.05 36.57 28.01
C LYS B 312 -5.36 35.75 26.92
N GLU B 313 -4.74 36.45 25.97
CA GLU B 313 -4.04 35.83 24.86
C GLU B 313 -2.64 35.40 25.33
N VAL B 314 -2.20 34.19 24.95
CA VAL B 314 -0.91 33.61 25.31
C VAL B 314 0.18 34.30 24.49
N THR B 315 1.37 34.49 25.08
CA THR B 315 2.47 35.16 24.38
C THR B 315 3.69 34.25 24.41
N SER B 316 4.66 34.54 23.54
CA SER B 316 5.92 33.82 23.62
C SER B 316 6.57 33.94 25.01
N LYS B 317 6.38 35.07 25.71
CA LYS B 317 6.97 35.22 27.04
C LYS B 317 6.23 34.32 28.05
N ASP B 318 4.89 34.23 27.97
CA ASP B 318 4.13 33.22 28.71
C ASP B 318 4.66 31.81 28.43
N LEU B 319 4.89 31.47 27.16
CA LEU B 319 5.45 30.17 26.80
C LEU B 319 6.74 29.92 27.57
N GLU B 320 7.68 30.89 27.55
CA GLU B 320 9.01 30.63 28.13
C GLU B 320 8.94 30.52 29.66
N ARG B 321 8.11 31.35 30.29
CA ARG B 321 7.93 31.34 31.74
C ARG B 321 7.34 29.99 32.20
N GLU B 322 6.31 29.49 31.50
CA GLU B 322 5.58 28.28 31.88
C GLU B 322 6.42 27.03 31.63
N VAL B 323 7.19 27.02 30.55
CA VAL B 323 8.13 25.94 30.32
C VAL B 323 9.06 25.80 31.53
N LYS B 324 9.71 26.90 31.93
CA LYS B 324 10.69 26.86 33.03
C LYS B 324 10.04 26.35 34.33
N GLN B 325 8.81 26.81 34.62
CA GLN B 325 8.02 26.46 35.79
C GLN B 325 7.60 24.99 35.77
N ALA B 326 7.23 24.45 34.60
CA ALA B 326 6.80 23.07 34.50
C ALA B 326 7.97 22.12 34.73
N THR B 327 9.17 22.50 34.25
CA THR B 327 10.39 21.75 34.49
C THR B 327 10.67 21.64 35.99
N GLU B 328 10.56 22.76 36.71
CA GLU B 328 10.82 22.79 38.14
C GLU B 328 9.83 21.85 38.85
N VAL B 329 8.54 22.00 38.58
CA VAL B 329 7.51 21.20 39.23
C VAL B 329 7.72 19.72 38.91
N PHE B 330 8.24 19.43 37.71
CA PHE B 330 8.41 18.06 37.28
C PHE B 330 9.48 17.39 38.14
N GLY B 331 10.64 18.06 38.27
CA GLY B 331 11.77 17.61 39.08
C GLY B 331 11.38 17.34 40.54
N GLU B 332 10.68 18.29 41.15
CA GLU B 332 10.29 18.18 42.55
C GLU B 332 9.39 16.95 42.69
N ARG B 333 8.42 16.81 41.77
CA ARG B 333 7.45 15.74 41.83
C ARG B 333 8.11 14.36 41.60
N PHE B 334 9.08 14.28 40.69
CA PHE B 334 9.77 13.04 40.41
C PHE B 334 10.53 12.56 41.65
N ALA B 335 11.16 13.50 42.37
CA ALA B 335 11.90 13.21 43.60
C ALA B 335 11.01 12.59 44.68
N ARG B 336 9.81 13.14 44.87
CA ARG B 336 8.85 12.63 45.83
C ARG B 336 8.30 11.27 45.36
N VAL B 337 7.95 11.10 44.07
CA VAL B 337 7.13 9.95 43.67
C VAL B 337 8.01 8.74 43.35
N PHE B 338 9.14 9.00 42.68
CA PHE B 338 10.08 7.94 42.32
C PHE B 338 11.41 8.21 43.03
N ASP B 339 11.39 8.00 44.36
CA ASP B 339 12.57 8.14 45.22
C ASP B 339 13.49 6.97 44.96
N LEU B 340 14.45 7.10 44.04
CA LEU B 340 15.23 5.91 43.71
C LEU B 340 15.96 5.44 44.98
N LYS B 341 16.04 4.11 45.20
CA LYS B 341 16.70 3.58 46.39
C LYS B 341 18.04 2.95 46.02
N ALA B 342 18.91 2.72 47.02
CA ALA B 342 20.23 2.12 46.80
C ALA B 342 20.07 0.82 46.03
N PRO B 343 20.98 0.48 45.09
CA PRO B 343 22.11 1.32 44.69
C PRO B 343 21.90 2.20 43.45
N PHE B 344 20.71 2.79 43.33
CA PHE B 344 20.38 3.49 42.09
C PHE B 344 20.10 4.96 42.39
N GLN B 345 20.80 5.48 43.39
CA GLN B 345 20.56 6.84 43.83
C GLN B 345 21.40 7.83 43.02
N GLY B 346 22.27 7.33 42.14
CA GLY B 346 23.11 8.19 41.32
C GLY B 346 22.32 9.15 40.45
N ASP B 347 23.01 10.17 39.94
CA ASP B 347 22.42 11.11 38.99
C ASP B 347 22.16 10.40 37.67
N ASN B 348 22.99 9.42 37.32
CA ASN B 348 22.84 8.69 36.07
C ASN B 348 21.52 7.90 36.05
N TYR B 349 21.12 7.38 37.23
CA TYR B 349 19.95 6.54 37.36
C TYR B 349 18.72 7.45 37.40
N LYS B 350 18.89 8.61 38.04
CA LYS B 350 17.88 9.64 38.06
C LYS B 350 17.47 10.01 36.63
N LYS B 351 18.48 10.23 35.76
CA LYS B 351 18.24 10.67 34.39
C LYS B 351 17.61 9.52 33.63
N PHE B 352 18.09 8.30 33.89
CA PHE B 352 17.52 7.11 33.29
C PHE B 352 16.03 7.02 33.67
N GLY B 353 15.74 7.12 34.96
CA GLY B 353 14.36 7.04 35.42
C GLY B 353 13.45 8.09 34.80
N LYS B 354 13.94 9.33 34.66
CA LYS B 354 13.09 10.41 34.19
C LYS B 354 12.72 10.18 32.73
N SER B 355 13.67 9.60 32.00
CA SER B 355 13.52 9.30 30.59
C SER B 355 12.51 8.18 30.43
N MET B 356 12.76 7.06 31.13
CA MET B 356 11.87 5.90 31.11
C MET B 356 10.42 6.29 31.40
N PHE B 357 10.24 7.13 32.41
CA PHE B 357 8.92 7.51 32.89
C PHE B 357 8.30 8.54 31.93
N SER B 358 9.07 9.56 31.55
CA SER B 358 8.54 10.59 30.65
C SER B 358 8.10 9.98 29.32
N ASN B 359 8.86 9.03 28.79
CA ASN B 359 8.45 8.36 27.56
C ASN B 359 7.15 7.61 27.82
N LEU B 360 7.01 6.93 28.97
CA LEU B 360 5.79 6.14 29.21
C LEU B 360 4.58 7.08 29.25
N ILE B 361 4.63 8.10 30.10
CA ILE B 361 3.46 8.94 30.29
C ILE B 361 3.28 9.81 29.06
N GLY B 362 4.38 10.07 28.35
CA GLY B 362 4.33 10.94 27.17
C GLY B 362 3.75 10.22 25.95
N GLY B 363 3.61 8.90 26.02
CA GLY B 363 2.99 8.22 24.91
C GLY B 363 1.45 8.26 24.96
N ILE B 364 0.84 8.95 25.94
CA ILE B 364 -0.61 8.89 26.06
C ILE B 364 -1.26 9.50 24.81
N GLY B 365 -2.22 8.79 24.21
CA GLY B 365 -2.89 9.31 23.02
C GLY B 365 -4.39 9.41 23.24
N TYR B 366 -5.09 10.29 22.51
CA TYR B 366 -6.55 10.23 22.41
C TYR B 366 -6.92 9.69 21.03
N PHE B 367 -7.75 8.62 21.01
CA PHE B 367 -8.06 7.91 19.78
C PHE B 367 -9.57 7.92 19.62
N TYR B 368 -10.06 8.03 18.38
CA TYR B 368 -11.48 8.14 18.18
C TYR B 368 -11.85 7.63 16.78
N GLY B 369 -12.90 6.82 16.73
CA GLY B 369 -13.39 6.33 15.46
C GLY B 369 -14.02 4.95 15.59
N HIS B 370 -14.24 4.30 14.47
CA HIS B 370 -14.84 2.98 14.50
C HIS B 370 -13.80 1.87 14.69
N SER B 371 -14.27 0.73 15.18
CA SER B 371 -13.48 -0.47 15.46
C SER B 371 -14.06 -1.61 14.60
N LEU B 372 -13.21 -2.55 14.17
CA LEU B 372 -13.68 -3.65 13.34
C LEU B 372 -13.95 -4.88 14.21
N VAL B 373 -15.22 -5.32 14.26
CA VAL B 373 -15.61 -6.43 15.13
C VAL B 373 -16.51 -7.43 14.39
N ASP B 374 -16.21 -8.72 14.59
CA ASP B 374 -17.05 -9.83 14.14
C ASP B 374 -18.11 -10.10 15.20
N ARG B 375 -19.34 -9.70 14.94
CA ARG B 375 -20.44 -9.86 15.88
C ARG B 375 -21.33 -11.01 15.44
N SER B 376 -20.81 -11.96 14.65
CA SER B 376 -21.61 -13.13 14.26
C SER B 376 -21.82 -14.09 15.44
N TYR B 377 -20.88 -14.17 16.38
CA TYR B 377 -20.99 -15.18 17.44
C TYR B 377 -21.23 -16.56 16.81
N ALA B 378 -20.53 -16.85 15.69
CA ALA B 378 -20.61 -18.14 15.03
C ALA B 378 -20.38 -19.31 16.02
N PRO B 379 -21.07 -20.47 15.84
CA PRO B 379 -20.87 -21.64 16.71
C PRO B 379 -19.44 -22.19 16.69
N GLU B 380 -18.74 -22.01 15.57
CA GLU B 380 -17.33 -22.39 15.51
C GLU B 380 -16.51 -21.76 16.64
N TYR B 381 -16.92 -20.57 17.10
CA TYR B 381 -16.13 -19.75 18.02
C TYR B 381 -16.27 -20.27 19.46
N ASP B 382 -17.25 -21.17 19.69
CA ASP B 382 -17.38 -21.94 20.91
C ASP B 382 -16.19 -22.87 21.15
N GLU B 383 -15.47 -23.26 20.08
CA GLU B 383 -14.25 -24.08 20.17
C GLU B 383 -14.57 -25.43 20.87
N GLU B 384 -15.69 -26.06 20.51
CA GLU B 384 -16.07 -27.28 21.21
C GLU B 384 -15.34 -28.51 20.69
N ASN B 385 -14.83 -28.48 19.45
CA ASN B 385 -14.38 -29.74 18.85
C ASN B 385 -12.87 -29.74 18.73
N GLU B 386 -12.30 -30.94 18.59
CA GLU B 386 -10.93 -31.11 18.11
C GLU B 386 -10.76 -30.40 16.78
N GLY B 387 -9.55 -29.86 16.53
CA GLY B 387 -9.26 -29.00 15.38
C GLY B 387 -10.18 -27.76 15.28
N PHE B 388 -10.54 -27.16 16.43
CA PHE B 388 -11.37 -25.96 16.51
C PHE B 388 -10.75 -24.82 15.70
N TRP B 389 -9.43 -24.81 15.54
CA TRP B 389 -8.81 -23.70 14.83
C TRP B 389 -9.17 -23.71 13.35
N GLU B 390 -9.36 -24.92 12.80
CA GLU B 390 -9.83 -25.04 11.43
C GLU B 390 -11.24 -24.47 11.34
N ASP B 391 -12.10 -24.78 12.32
CA ASP B 391 -13.48 -24.32 12.30
C ASP B 391 -13.56 -22.77 12.39
N ALA B 392 -12.66 -22.18 13.20
CA ALA B 392 -12.61 -20.73 13.42
C ALA B 392 -12.24 -20.05 12.10
N ALA B 393 -11.24 -20.62 11.40
CA ALA B 393 -10.76 -20.08 10.13
C ALA B 393 -11.87 -20.09 9.07
N GLU B 394 -12.73 -21.12 9.11
CA GLU B 394 -13.85 -21.18 8.19
C GLU B 394 -14.94 -20.16 8.55
N ALA B 395 -15.19 -19.92 9.85
CA ALA B 395 -16.12 -18.86 10.22
C ALA B 395 -15.56 -17.47 9.82
N ARG B 396 -14.24 -17.24 9.97
CA ARG B 396 -13.67 -15.95 9.58
C ARG B 396 -13.80 -15.77 8.07
N ALA B 397 -13.66 -16.89 7.32
CA ALA B 397 -13.81 -16.87 5.88
C ALA B 397 -15.18 -16.33 5.48
N ARG B 398 -16.16 -16.38 6.38
CA ARG B 398 -17.49 -15.85 6.02
C ARG B 398 -17.55 -14.32 6.14
N HIS B 399 -16.50 -13.67 6.66
CA HIS B 399 -16.37 -12.21 6.69
C HIS B 399 -17.63 -11.49 7.16
N GLN B 400 -18.15 -11.84 8.34
CA GLN B 400 -19.26 -11.11 8.91
C GLN B 400 -18.81 -9.84 9.64
N GLU B 401 -17.51 -9.57 9.76
CA GLU B 401 -17.13 -8.43 10.59
C GLU B 401 -17.55 -7.11 9.94
N ALA B 402 -17.88 -6.11 10.77
CA ALA B 402 -18.31 -4.77 10.37
C ALA B 402 -17.69 -3.74 11.30
N LEU B 403 -17.57 -2.51 10.78
CA LEU B 403 -17.15 -1.37 11.57
C LEU B 403 -18.28 -1.00 12.53
N GLU B 404 -17.93 -0.65 13.76
CA GLU B 404 -18.95 -0.26 14.73
C GLU B 404 -18.36 0.84 15.61
N GLY B 405 -19.24 1.56 16.33
CA GLY B 405 -18.78 2.73 17.05
C GLY B 405 -19.55 3.93 16.52
N PRO B 406 -18.99 5.17 16.48
CA PRO B 406 -17.58 5.41 16.80
C PRO B 406 -17.26 5.30 18.30
N TYR B 407 -16.00 5.00 18.64
CA TYR B 407 -15.62 4.92 20.05
C TYR B 407 -14.47 5.88 20.30
N GLU B 408 -14.21 6.20 21.58
CA GLU B 408 -12.99 6.94 21.89
C GLU B 408 -12.15 6.15 22.91
N LEU B 409 -10.85 6.40 22.97
CA LEU B 409 -10.03 5.85 24.05
C LEU B 409 -8.94 6.87 24.36
N PHE B 410 -8.74 7.10 25.68
CA PHE B 410 -7.61 7.85 26.21
C PHE B 410 -6.69 6.86 26.93
N THR B 411 -5.46 6.67 26.45
CA THR B 411 -4.68 5.52 26.93
C THR B 411 -3.20 5.76 26.64
N SER B 412 -2.32 5.23 27.50
CA SER B 412 -0.91 5.01 27.23
C SER B 412 -0.82 4.00 26.10
N ILE B 413 0.37 3.84 25.48
CA ILE B 413 0.56 2.93 24.36
C ILE B 413 1.89 2.23 24.52
N PRO B 414 2.08 1.04 23.94
CA PRO B 414 3.39 0.38 24.01
C PRO B 414 4.51 1.03 23.21
N SER B 415 4.22 1.57 22.03
CA SER B 415 5.29 1.88 21.08
C SER B 415 4.84 2.91 20.05
N ARG B 416 5.42 4.11 20.11
CA ARG B 416 5.07 5.16 19.15
C ARG B 416 5.31 4.73 17.69
N PRO B 417 6.50 4.26 17.27
CA PRO B 417 6.71 3.95 15.85
C PRO B 417 6.09 2.64 15.36
N PHE B 418 5.87 1.68 16.28
CA PHE B 418 5.55 0.34 15.79
C PHE B 418 4.09 -0.06 16.06
N PHE B 419 3.54 0.34 17.20
CA PHE B 419 2.18 -0.04 17.50
C PHE B 419 1.55 0.97 18.45
N PRO B 420 1.26 2.19 17.93
CA PRO B 420 0.79 3.28 18.79
C PRO B 420 -0.72 3.15 19.00
N ARG B 421 -1.18 2.16 19.79
CA ARG B 421 -2.63 2.04 20.05
C ARG B 421 -2.81 1.31 21.39
N GLY B 422 -4.06 1.13 21.82
CA GLY B 422 -4.28 0.56 23.14
C GLY B 422 -4.21 -0.97 23.07
N PHE B 423 -3.44 -1.59 23.98
CA PHE B 423 -3.43 -3.02 24.20
C PHE B 423 -3.82 -3.26 25.66
N LEU B 424 -4.81 -4.14 25.84
CA LEU B 424 -5.56 -4.31 27.09
C LEU B 424 -4.65 -4.76 28.26
N TRP B 425 -3.93 -5.87 28.14
CA TRP B 425 -3.07 -6.24 29.28
C TRP B 425 -1.82 -5.32 29.43
N ASP B 426 -1.31 -4.74 28.31
CA ASP B 426 -0.21 -3.77 28.43
C ASP B 426 -0.59 -2.65 29.37
N GLU B 427 -1.83 -2.20 29.28
CA GLU B 427 -2.22 -0.98 29.95
C GLU B 427 -2.19 -1.20 31.47
N GLY B 428 -2.57 -2.41 31.95
CA GLY B 428 -2.45 -2.64 33.39
C GLY B 428 -1.03 -2.36 33.88
N PHE B 429 0.00 -2.72 33.09
CA PHE B 429 1.38 -2.47 33.46
C PHE B 429 1.74 -0.99 33.34
N HIS B 430 1.31 -0.33 32.24
CA HIS B 430 1.60 1.09 31.99
C HIS B 430 1.15 1.96 33.16
N LEU B 431 -0.05 1.65 33.67
CA LEU B 431 -0.68 2.52 34.65
C LEU B 431 -0.09 2.35 36.05
N LEU B 432 0.71 1.31 36.28
CA LEU B 432 1.36 1.12 37.58
C LEU B 432 2.24 2.32 37.91
N PRO B 433 3.22 2.74 37.06
CA PRO B 433 3.95 4.00 37.34
C PRO B 433 3.11 5.25 37.15
N ILE B 434 2.18 5.23 36.18
CA ILE B 434 1.37 6.44 35.99
C ILE B 434 0.49 6.73 37.23
N ALA B 435 -0.05 5.67 37.87
CA ALA B 435 -0.94 5.87 39.02
C ALA B 435 -0.16 6.43 40.22
N ASP B 436 1.13 6.07 40.36
CA ASP B 436 2.00 6.66 41.38
C ASP B 436 2.14 8.16 41.10
N TRP B 437 2.31 8.51 39.83
CA TRP B 437 2.43 9.91 39.49
C TRP B 437 1.16 10.69 39.73
N ASP B 438 0.01 10.12 39.29
CA ASP B 438 -1.22 10.86 39.10
C ASP B 438 -2.35 9.85 39.08
N ILE B 439 -2.87 9.55 40.28
CA ILE B 439 -3.89 8.54 40.42
C ILE B 439 -5.13 8.93 39.61
N ASP B 440 -5.50 10.23 39.63
CA ASP B 440 -6.70 10.70 38.93
C ASP B 440 -6.61 10.48 37.41
N LEU B 441 -5.39 10.62 36.85
CA LEU B 441 -5.14 10.36 35.44
C LEU B 441 -5.33 8.87 35.15
N ALA B 442 -4.72 8.03 36.00
CA ALA B 442 -4.86 6.59 35.83
C ALA B 442 -6.34 6.22 35.86
N LEU B 443 -7.08 6.78 36.82
CA LEU B 443 -8.50 6.44 36.96
C LEU B 443 -9.27 6.80 35.69
N GLU B 444 -8.88 7.93 35.09
CA GLU B 444 -9.51 8.42 33.87
C GLU B 444 -9.26 7.45 32.71
N ILE B 445 -8.04 6.91 32.65
CA ILE B 445 -7.70 5.94 31.61
C ILE B 445 -8.47 4.65 31.83
N ILE B 446 -8.51 4.16 33.08
CA ILE B 446 -9.23 2.94 33.39
C ILE B 446 -10.68 3.10 32.95
N LYS B 447 -11.25 4.27 33.19
CA LYS B 447 -12.66 4.47 32.92
C LYS B 447 -12.90 4.56 31.41
N SER B 448 -11.92 5.13 30.69
CA SER B 448 -11.93 5.11 29.23
C SER B 448 -11.98 3.68 28.70
N TRP B 449 -11.10 2.81 29.18
CA TRP B 449 -11.09 1.43 28.72
C TRP B 449 -12.43 0.72 29.05
N TYR B 450 -12.92 0.86 30.29
CA TYR B 450 -14.11 0.15 30.78
C TYR B 450 -15.36 0.69 30.09
N ASN B 451 -15.27 1.94 29.62
CA ASN B 451 -16.29 2.48 28.73
C ASN B 451 -16.39 1.74 27.38
N LEU B 452 -15.38 0.96 27.01
CA LEU B 452 -15.46 0.22 25.76
C LEU B 452 -16.03 -1.19 26.01
N MET B 453 -16.38 -1.55 27.25
CA MET B 453 -16.95 -2.88 27.50
C MET B 453 -18.37 -2.99 26.90
N ASP B 454 -18.66 -4.08 26.17
CA ASP B 454 -19.98 -4.29 25.58
C ASP B 454 -20.89 -4.86 26.67
N GLU B 455 -22.12 -5.23 26.33
CA GLU B 455 -23.09 -5.60 27.35
C GLU B 455 -22.77 -6.98 27.94
N ASP B 456 -21.93 -7.81 27.29
CA ASP B 456 -21.61 -9.13 27.84
C ASP B 456 -20.40 -9.07 28.77
N GLY B 457 -19.61 -7.97 28.71
CA GLY B 457 -18.40 -7.79 29.53
C GLY B 457 -17.09 -7.96 28.77
N TRP B 458 -17.14 -7.85 27.43
CA TRP B 458 -15.98 -7.98 26.56
C TRP B 458 -15.45 -6.58 26.19
N ILE B 459 -14.14 -6.41 26.32
CA ILE B 459 -13.35 -5.29 25.80
C ILE B 459 -12.38 -5.90 24.81
N ALA B 460 -12.39 -5.43 23.54
CA ALA B 460 -11.41 -5.96 22.59
C ALA B 460 -10.01 -5.75 23.15
N ARG B 461 -9.13 -6.72 22.91
CA ARG B 461 -7.83 -6.67 23.53
C ARG B 461 -6.92 -5.70 22.78
N GLU B 462 -7.31 -5.27 21.57
CA GLU B 462 -6.47 -4.36 20.77
C GLU B 462 -7.42 -3.30 20.21
N GLN B 463 -7.19 -2.03 20.57
CA GLN B 463 -8.17 -1.01 20.23
C GLN B 463 -7.62 -0.21 19.07
N ILE B 464 -8.20 -0.41 17.89
CA ILE B 464 -7.74 0.27 16.67
C ILE B 464 -8.91 1.17 16.28
N LEU B 465 -8.88 2.43 16.70
CA LEU B 465 -10.02 3.32 16.55
C LEU B 465 -9.76 4.38 15.50
N GLY B 466 -10.47 4.31 14.38
CA GLY B 466 -10.31 5.30 13.32
C GLY B 466 -9.40 4.85 12.17
N ALA B 467 -9.62 5.52 11.02
CA ALA B 467 -8.85 5.25 9.83
C ALA B 467 -7.37 5.53 10.09
N GLU B 468 -7.07 6.60 10.84
CA GLU B 468 -5.67 6.89 11.13
C GLU B 468 -5.02 5.69 11.87
N ALA B 469 -5.71 5.12 12.88
CA ALA B 469 -5.09 4.05 13.67
C ALA B 469 -4.92 2.81 12.79
N ARG B 470 -5.93 2.59 11.95
CA ARG B 470 -5.98 1.44 11.05
C ARG B 470 -4.83 1.45 10.04
N SER B 471 -4.34 2.64 9.67
CA SER B 471 -3.33 2.71 8.61
C SER B 471 -2.05 1.99 9.06
N LYS B 472 -1.86 1.75 10.35
CA LYS B 472 -0.64 1.13 10.81
C LYS B 472 -0.84 -0.38 11.05
N VAL B 473 -2.03 -0.90 10.76
CA VAL B 473 -2.34 -2.28 11.11
C VAL B 473 -2.70 -3.07 9.85
N PRO B 474 -1.94 -4.12 9.50
CA PRO B 474 -2.34 -5.05 8.43
C PRO B 474 -3.74 -5.56 8.70
N LYS B 475 -4.52 -5.69 7.62
CA LYS B 475 -5.92 -6.05 7.68
C LYS B 475 -6.14 -7.37 8.46
N GLU B 476 -5.28 -8.36 8.22
CA GLU B 476 -5.27 -9.63 8.94
C GLU B 476 -5.45 -9.46 10.45
N PHE B 477 -4.96 -8.34 11.00
CA PHE B 477 -4.98 -8.11 12.43
C PHE B 477 -6.10 -7.19 12.91
N GLN B 478 -6.87 -6.58 12.00
CA GLN B 478 -7.78 -5.53 12.42
C GLN B 478 -8.99 -6.07 13.18
N THR B 479 -9.59 -7.18 12.71
CA THR B 479 -10.88 -7.57 13.27
C THR B 479 -10.66 -8.10 14.71
N GLN B 480 -11.51 -7.71 15.63
CA GLN B 480 -11.50 -8.14 17.03
C GLN B 480 -12.63 -9.15 17.22
N TYR B 481 -12.41 -10.16 18.08
CA TYR B 481 -13.39 -11.23 18.26
C TYR B 481 -13.91 -11.21 19.69
N PRO B 482 -15.24 -11.16 19.85
CA PRO B 482 -15.85 -11.11 21.18
C PRO B 482 -15.61 -12.31 22.09
N HIS B 483 -14.96 -13.37 21.62
CA HIS B 483 -14.61 -14.50 22.49
C HIS B 483 -13.12 -14.46 22.87
N TYR B 484 -12.42 -13.39 22.47
CA TYR B 484 -10.98 -13.28 22.70
C TYR B 484 -10.67 -12.41 23.93
N ALA B 485 -10.05 -13.03 24.93
CA ALA B 485 -9.73 -12.36 26.17
C ALA B 485 -8.32 -11.77 26.05
N ASN B 486 -7.88 -11.12 27.16
CA ASN B 486 -6.50 -10.72 27.42
C ASN B 486 -6.36 -10.65 28.94
N PRO B 487 -5.15 -10.84 29.54
CA PRO B 487 -4.98 -10.67 30.99
C PRO B 487 -5.62 -9.42 31.57
N PRO B 488 -6.39 -9.58 32.67
CA PRO B 488 -7.02 -8.42 33.36
C PRO B 488 -6.07 -7.63 34.27
N THR B 489 -4.97 -7.13 33.66
CA THR B 489 -3.94 -6.46 34.42
C THR B 489 -4.45 -5.14 34.97
N LEU B 490 -5.52 -4.59 34.36
CA LEU B 490 -6.01 -3.34 34.92
C LEU B 490 -6.45 -3.52 36.39
N PHE B 491 -6.82 -4.73 36.80
CA PHE B 491 -7.19 -5.01 38.20
C PHE B 491 -6.00 -4.77 39.15
N LEU B 492 -4.76 -4.94 38.65
CA LEU B 492 -3.60 -4.71 39.51
C LEU B 492 -3.51 -3.22 39.84
N VAL B 493 -3.90 -2.36 38.88
CA VAL B 493 -3.88 -0.94 39.16
C VAL B 493 -4.95 -0.60 40.20
N LEU B 494 -6.12 -1.25 40.08
CA LEU B 494 -7.18 -0.93 41.00
C LEU B 494 -6.78 -1.39 42.40
N ASP B 495 -6.05 -2.50 42.52
CA ASP B 495 -5.61 -2.99 43.82
C ASP B 495 -4.77 -1.88 44.47
N ASN B 496 -3.84 -1.26 43.69
CA ASN B 496 -3.01 -0.18 44.22
C ASN B 496 -3.89 0.99 44.66
N PHE B 497 -4.87 1.35 43.84
CA PHE B 497 -5.81 2.41 44.20
C PHE B 497 -6.54 2.06 45.52
N VAL B 498 -7.04 0.82 45.64
CA VAL B 498 -7.83 0.46 46.83
C VAL B 498 -6.96 0.61 48.08
N GLU B 499 -5.73 0.09 48.01
CA GLU B 499 -4.70 0.26 49.03
C GLU B 499 -4.63 1.73 49.47
N ARG B 500 -4.48 2.64 48.51
CA ARG B 500 -4.34 4.05 48.80
C ARG B 500 -5.63 4.66 49.36
N LEU B 501 -6.77 4.05 49.04
CA LEU B 501 -8.03 4.60 49.48
C LEU B 501 -8.21 4.22 50.95
N ARG B 502 -7.64 3.08 51.34
CA ARG B 502 -7.66 2.62 52.72
C ARG B 502 -6.72 3.47 53.58
N LYS B 503 -5.50 3.72 53.12
CA LYS B 503 -4.49 4.45 53.89
C LYS B 503 -4.98 5.85 54.32
N THR B 520 -3.88 19.32 44.55
CA THR B 520 -3.78 19.08 43.09
C THR B 520 -4.93 18.16 42.60
N LEU B 521 -5.39 18.39 41.38
CA LEU B 521 -6.35 17.49 40.77
C LEU B 521 -5.81 16.05 40.70
N SER B 522 -4.48 15.92 40.71
CA SER B 522 -3.77 14.65 40.57
C SER B 522 -4.25 13.63 41.58
N THR B 523 -4.70 14.07 42.78
CA THR B 523 -4.99 13.14 43.87
C THR B 523 -6.35 13.45 44.51
N ALA B 524 -7.20 14.19 43.81
CA ALA B 524 -8.47 14.64 44.36
C ALA B 524 -9.35 13.45 44.73
N SER B 525 -9.17 12.31 44.05
CA SER B 525 -10.00 11.14 44.30
C SER B 525 -9.52 10.34 45.51
N VAL B 526 -8.30 10.62 45.99
CA VAL B 526 -7.80 10.01 47.21
C VAL B 526 -7.88 11.03 48.35
N ASP B 527 -7.55 12.30 48.08
CA ASP B 527 -7.56 13.29 49.15
C ASP B 527 -8.93 13.38 49.81
N ASN B 528 -9.99 13.28 49.02
CA ASN B 528 -11.32 13.07 49.57
C ASN B 528 -11.74 11.65 49.21
N PRO B 529 -11.59 10.66 50.11
CA PRO B 529 -11.72 9.26 49.73
C PRO B 529 -13.17 8.88 49.41
N GLU B 530 -14.16 9.73 49.74
CA GLU B 530 -15.53 9.47 49.32
C GLU B 530 -15.64 9.60 47.78
N VAL B 531 -14.78 10.43 47.18
CA VAL B 531 -14.73 10.58 45.72
C VAL B 531 -14.24 9.27 45.09
N GLY B 532 -13.12 8.74 45.61
CA GLY B 532 -12.62 7.45 45.16
C GLY B 532 -13.67 6.35 45.32
N LEU B 533 -14.29 6.28 46.51
CA LEU B 533 -15.27 5.24 46.76
C LEU B 533 -16.40 5.33 45.76
N GLU B 534 -16.87 6.54 45.42
CA GLU B 534 -17.96 6.66 44.47
C GLU B 534 -17.49 6.19 43.09
N TYR B 535 -16.25 6.53 42.73
CA TYR B 535 -15.67 6.05 41.49
C TYR B 535 -15.81 4.52 41.43
N LEU B 536 -15.36 3.86 42.50
CA LEU B 536 -15.36 2.41 42.58
C LEU B 536 -16.77 1.85 42.52
N ARG B 537 -17.70 2.54 43.20
CA ARG B 537 -19.10 2.16 43.24
C ARG B 537 -19.63 2.14 41.81
N ARG B 538 -19.23 3.14 41.02
CA ARG B 538 -19.67 3.19 39.64
C ARG B 538 -18.98 2.15 38.76
N LEU B 539 -17.70 1.83 39.00
CA LEU B 539 -16.96 0.95 38.09
C LEU B 539 -17.20 -0.53 38.43
N TYR B 540 -17.57 -0.78 39.71
CA TYR B 540 -17.67 -2.14 40.24
C TYR B 540 -18.59 -3.04 39.42
N PRO B 541 -19.82 -2.63 39.01
CA PRO B 541 -20.65 -3.50 38.16
C PRO B 541 -20.00 -3.93 36.83
N LEU B 542 -19.12 -3.09 36.24
CA LEU B 542 -18.42 -3.51 35.03
C LEU B 542 -17.33 -4.55 35.36
N LEU B 543 -16.64 -4.35 36.49
CA LEU B 543 -15.65 -5.31 36.94
C LEU B 543 -16.30 -6.68 37.17
N ARG B 544 -17.48 -6.67 37.80
CA ARG B 544 -18.23 -7.91 38.01
C ARG B 544 -18.67 -8.52 36.68
N ARG B 545 -19.09 -7.65 35.76
CA ARG B 545 -19.51 -8.11 34.45
C ARG B 545 -18.33 -8.76 33.73
N GLN B 546 -17.14 -8.20 33.86
CA GLN B 546 -16.00 -8.75 33.15
C GLN B 546 -15.66 -10.12 33.74
N PHE B 547 -15.72 -10.20 35.08
CA PHE B 547 -15.38 -11.44 35.78
C PHE B 547 -16.31 -12.58 35.34
N ASP B 548 -17.62 -12.31 35.44
CA ASP B 548 -18.65 -13.19 34.91
C ASP B 548 -18.30 -13.62 33.49
N TRP B 549 -17.90 -12.64 32.65
CA TRP B 549 -17.62 -12.88 31.23
C TRP B 549 -16.47 -13.86 31.08
N PHE B 550 -15.40 -13.69 31.89
CA PHE B 550 -14.28 -14.62 31.83
C PHE B 550 -14.77 -16.03 32.18
N ARG B 551 -15.56 -16.11 33.26
CA ARG B 551 -15.91 -17.41 33.79
C ARG B 551 -16.87 -18.15 32.85
N LYS B 552 -17.64 -17.41 32.04
CA LYS B 552 -18.54 -17.98 31.06
C LYS B 552 -17.83 -18.31 29.74
N THR B 553 -17.12 -17.35 29.14
CA THR B 553 -16.58 -17.54 27.80
C THR B 553 -15.21 -18.23 27.80
N GLN B 554 -14.47 -18.24 28.92
CA GLN B 554 -13.15 -18.89 28.88
C GLN B 554 -13.15 -20.14 29.79
N ALA B 555 -14.32 -20.71 30.05
CA ALA B 555 -14.47 -21.90 30.89
C ALA B 555 -13.73 -23.05 30.22
N GLY B 556 -12.97 -23.79 31.04
CA GLY B 556 -12.45 -25.08 30.63
C GLY B 556 -13.40 -26.21 31.06
N ASP B 557 -13.04 -27.44 30.70
CA ASP B 557 -13.95 -28.59 30.76
C ASP B 557 -13.36 -29.63 31.71
N ILE B 558 -14.03 -29.80 32.84
CA ILE B 558 -13.73 -30.87 33.77
C ILE B 558 -14.71 -32.04 33.57
N LYS B 559 -16.02 -31.71 33.42
CA LYS B 559 -17.11 -32.67 33.55
C LYS B 559 -17.00 -33.77 32.50
N SER B 560 -16.74 -33.38 31.26
CA SER B 560 -16.92 -34.30 30.15
C SER B 560 -15.72 -35.25 30.00
N TYR B 561 -14.75 -35.19 30.92
CA TYR B 561 -13.57 -36.02 30.79
C TYR B 561 -13.28 -36.81 32.06
N ASP B 562 -12.24 -37.66 31.99
CA ASP B 562 -11.79 -38.39 33.17
C ASP B 562 -10.90 -37.47 34.04
N ARG B 563 -11.54 -36.61 34.86
CA ARG B 563 -10.81 -35.54 35.53
C ARG B 563 -11.35 -35.37 36.94
N GLU B 564 -10.48 -35.48 37.94
CA GLU B 564 -10.89 -35.34 39.34
C GLU B 564 -10.34 -34.03 39.88
N ALA B 565 -11.17 -33.31 40.64
CA ALA B 565 -10.73 -32.02 41.18
C ALA B 565 -11.66 -31.61 42.31
N TYR B 566 -11.09 -30.92 43.31
CA TYR B 566 -11.81 -30.33 44.41
C TYR B 566 -13.09 -29.65 43.93
N SER B 567 -12.99 -28.87 42.84
CA SER B 567 -14.12 -28.15 42.27
C SER B 567 -14.29 -28.59 40.83
N THR B 568 -15.55 -28.82 40.44
CA THR B 568 -15.91 -29.18 39.08
C THR B 568 -16.19 -27.91 38.26
N LYS B 569 -15.98 -26.72 38.85
CA LYS B 569 -16.36 -25.48 38.19
C LYS B 569 -15.12 -24.68 37.73
N GLU B 570 -14.04 -24.71 38.52
CA GLU B 570 -12.91 -23.79 38.39
C GLU B 570 -11.88 -24.41 37.46
N ALA B 571 -11.90 -23.95 36.21
CA ALA B 571 -11.08 -24.53 35.16
C ALA B 571 -11.24 -23.63 33.95
N TYR B 572 -10.14 -23.37 33.25
CA TYR B 572 -10.10 -22.24 32.32
C TYR B 572 -9.24 -22.58 31.13
N ARG B 573 -9.72 -22.12 29.95
CA ARG B 573 -9.01 -22.36 28.70
C ARG B 573 -9.09 -21.11 27.81
N TRP B 574 -7.93 -20.57 27.40
CA TRP B 574 -7.92 -19.35 26.58
C TRP B 574 -8.57 -19.69 25.25
N ARG B 575 -9.67 -19.01 24.89
CA ARG B 575 -10.12 -19.05 23.50
C ARG B 575 -9.08 -18.41 22.56
N GLY B 576 -9.04 -18.87 21.31
CA GLY B 576 -8.36 -18.09 20.28
C GLY B 576 -7.01 -18.68 19.94
N ARG B 577 -6.76 -19.93 20.35
CA ARG B 577 -5.44 -20.44 20.06
C ARG B 577 -5.33 -21.02 18.65
N THR B 578 -4.10 -21.05 18.12
CA THR B 578 -3.82 -21.75 16.87
C THR B 578 -2.72 -22.76 17.17
N VAL B 579 -2.18 -23.39 16.11
CA VAL B 579 -1.31 -24.54 16.29
C VAL B 579 -0.05 -24.14 17.06
N SER B 580 0.50 -22.95 16.81
CA SER B 580 1.79 -22.56 17.38
C SER B 580 1.73 -21.29 18.25
N HIS B 581 0.52 -20.81 18.56
CA HIS B 581 0.41 -19.53 19.27
C HIS B 581 -0.73 -19.58 20.28
N CYS B 582 -0.70 -18.63 21.23
CA CYS B 582 -1.83 -18.29 22.07
C CYS B 582 -1.74 -16.80 22.32
N LEU B 583 -2.28 -16.03 21.37
CA LEU B 583 -2.15 -14.58 21.36
C LEU B 583 -2.96 -13.95 22.49
N THR B 584 -4.13 -14.53 22.80
CA THR B 584 -5.00 -13.96 23.82
C THR B 584 -4.30 -13.92 25.19
N SER B 585 -3.41 -14.87 25.46
CA SER B 585 -2.78 -15.00 26.76
C SER B 585 -1.76 -13.88 26.93
N GLY B 586 -1.29 -13.31 25.80
CA GLY B 586 -0.26 -12.29 25.93
C GLY B 586 1.13 -12.85 25.66
N LEU B 587 1.34 -14.15 25.90
CA LEU B 587 2.66 -14.74 25.72
C LEU B 587 2.62 -15.52 24.40
N ASP B 588 2.63 -14.75 23.28
CA ASP B 588 2.20 -15.20 21.97
C ASP B 588 2.59 -16.64 21.63
N ASP B 589 3.89 -16.98 21.73
CA ASP B 589 4.38 -18.26 21.21
C ASP B 589 4.96 -19.09 22.35
N TYR B 590 4.60 -18.74 23.59
CA TYR B 590 5.00 -19.66 24.65
C TYR B 590 4.46 -21.07 24.34
N PRO B 591 5.28 -22.14 24.48
CA PRO B 591 4.83 -23.50 24.11
C PRO B 591 3.62 -23.90 24.96
N ARG B 592 2.60 -24.42 24.28
CA ARG B 592 1.35 -24.87 24.85
C ARG B 592 1.18 -26.35 24.50
N PRO B 593 0.14 -27.06 25.01
CA PRO B 593 -0.11 -28.46 24.64
C PRO B 593 -0.29 -28.62 23.12
N GLN B 594 0.29 -29.69 22.55
CA GLN B 594 0.18 -29.97 21.12
C GLN B 594 -0.61 -31.26 20.93
N PRO B 595 -1.69 -31.30 20.14
CA PRO B 595 -2.17 -30.10 19.41
C PRO B 595 -2.99 -29.26 20.39
N PRO B 596 -3.54 -28.10 19.97
CA PRO B 596 -4.55 -27.43 20.77
C PRO B 596 -5.72 -28.40 20.81
N HIS B 597 -6.53 -28.29 21.86
CA HIS B 597 -7.56 -29.27 22.14
C HIS B 597 -8.61 -28.57 23.00
N PRO B 598 -9.93 -28.83 22.85
CA PRO B 598 -10.93 -28.25 23.75
C PRO B 598 -10.78 -28.69 25.21
N GLY B 599 -9.94 -29.73 25.44
CA GLY B 599 -9.68 -30.24 26.77
C GLY B 599 -8.48 -29.55 27.46
N GLU B 600 -7.87 -28.56 26.79
CA GLU B 600 -6.75 -27.84 27.39
C GLU B 600 -7.22 -27.09 28.62
N LEU B 601 -6.30 -26.94 29.58
CA LEU B 601 -6.48 -26.00 30.66
C LEU B 601 -5.23 -25.15 30.76
N HIS B 602 -5.43 -23.85 30.99
CA HIS B 602 -4.28 -22.98 30.99
C HIS B 602 -4.11 -22.42 32.39
N VAL B 603 -2.91 -22.60 32.98
CA VAL B 603 -2.77 -22.28 34.38
C VAL B 603 -2.59 -20.77 34.58
N ASP B 604 -2.05 -20.06 33.56
CA ASP B 604 -1.96 -18.60 33.67
C ASP B 604 -3.36 -17.97 33.67
N LEU B 605 -4.28 -18.47 32.84
CA LEU B 605 -5.65 -17.94 32.82
C LEU B 605 -6.33 -18.16 34.18
N MET B 606 -6.20 -19.38 34.70
CA MET B 606 -6.81 -19.64 36.00
C MET B 606 -6.22 -18.67 37.03
N SER B 607 -4.89 -18.48 36.99
CA SER B 607 -4.26 -17.50 37.88
C SER B 607 -4.86 -16.11 37.71
N TRP B 608 -5.12 -15.65 36.47
CA TRP B 608 -5.71 -14.32 36.28
C TRP B 608 -7.10 -14.27 36.91
N VAL B 609 -7.87 -15.36 36.82
CA VAL B 609 -9.20 -15.31 37.41
C VAL B 609 -9.05 -15.16 38.94
N GLY B 610 -8.01 -15.81 39.49
CA GLY B 610 -7.64 -15.64 40.90
C GLY B 610 -7.38 -14.16 41.24
N VAL B 611 -6.59 -13.47 40.41
CA VAL B 611 -6.30 -12.05 40.61
C VAL B 611 -7.62 -11.27 40.70
N MET B 612 -8.53 -11.56 39.76
CA MET B 612 -9.73 -10.77 39.65
C MET B 612 -10.59 -11.02 40.90
N VAL B 613 -10.74 -12.29 41.28
CA VAL B 613 -11.60 -12.61 42.43
C VAL B 613 -11.05 -11.94 43.72
N LYS B 614 -9.72 -11.90 43.89
CA LYS B 614 -9.19 -11.16 45.03
C LYS B 614 -9.48 -9.66 44.94
N SER B 615 -9.33 -9.05 43.75
CA SER B 615 -9.64 -7.62 43.69
C SER B 615 -11.11 -7.38 44.04
N LEU B 616 -11.96 -8.32 43.61
CA LEU B 616 -13.40 -8.13 43.81
C LEU B 616 -13.77 -8.32 45.28
N ILE B 617 -13.11 -9.28 45.97
CA ILE B 617 -13.27 -9.42 47.43
C ILE B 617 -12.96 -8.08 48.10
N SER B 618 -11.83 -7.47 47.72
CA SER B 618 -11.46 -6.31 48.50
C SER B 618 -12.30 -5.09 48.09
N ILE B 619 -12.66 -4.96 46.81
CA ILE B 619 -13.46 -3.81 46.39
C ILE B 619 -14.88 -4.02 46.92
N GLY B 620 -15.41 -5.23 46.75
CA GLY B 620 -16.77 -5.52 47.21
C GLY B 620 -16.89 -5.26 48.71
N SER B 621 -15.85 -5.64 49.47
CA SER B 621 -15.82 -5.39 50.90
C SER B 621 -15.88 -3.88 51.21
N LEU B 622 -15.18 -3.04 50.44
CA LEU B 622 -15.19 -1.59 50.63
C LEU B 622 -16.59 -1.01 50.38
N LEU B 623 -17.29 -1.59 49.42
CA LEU B 623 -18.59 -1.06 49.01
C LEU B 623 -19.74 -1.69 49.80
N GLY B 624 -19.47 -2.67 50.67
CA GLY B 624 -20.52 -3.32 51.45
C GLY B 624 -21.32 -4.37 50.68
N ALA B 625 -20.75 -4.92 49.59
CA ALA B 625 -21.44 -5.90 48.76
C ALA B 625 -21.36 -7.27 49.44
N THR B 626 -22.04 -7.36 50.57
CA THR B 626 -21.88 -8.48 51.48
C THR B 626 -22.25 -9.76 50.74
N GLU B 627 -23.28 -9.70 49.91
CA GLU B 627 -23.75 -10.89 49.22
C GLU B 627 -22.71 -11.37 48.20
N ASP B 628 -22.00 -10.44 47.56
CA ASP B 628 -21.00 -10.77 46.54
C ASP B 628 -19.75 -11.41 47.15
N VAL B 629 -19.27 -10.87 48.28
CA VAL B 629 -18.00 -11.30 48.88
C VAL B 629 -18.13 -12.78 49.26
N GLU B 630 -19.34 -13.22 49.65
CA GLU B 630 -19.58 -14.63 49.92
C GLU B 630 -19.27 -15.52 48.71
N PHE B 631 -19.76 -15.12 47.53
CA PHE B 631 -19.57 -15.92 46.32
C PHE B 631 -18.09 -15.93 45.94
N TYR B 632 -17.45 -14.76 46.02
CA TYR B 632 -16.04 -14.58 45.68
C TYR B 632 -15.15 -15.49 46.54
N THR B 633 -15.51 -15.63 47.82
CA THR B 633 -14.77 -16.42 48.79
C THR B 633 -14.75 -17.89 48.37
N LYS B 634 -15.93 -18.40 47.97
CA LYS B 634 -16.04 -19.75 47.44
C LYS B 634 -15.19 -19.94 46.18
N VAL B 635 -15.21 -18.93 45.30
CA VAL B 635 -14.54 -19.13 44.02
C VAL B 635 -13.03 -19.17 44.30
N LEU B 636 -12.57 -18.29 45.18
CA LEU B 636 -11.14 -18.20 45.44
C LEU B 636 -10.71 -19.52 46.10
N ASP B 637 -11.47 -19.98 47.09
CA ASP B 637 -11.19 -21.29 47.69
C ASP B 637 -11.11 -22.38 46.60
N ALA B 638 -12.06 -22.39 45.66
CA ALA B 638 -12.09 -23.42 44.63
C ALA B 638 -10.86 -23.32 43.73
N ILE B 639 -10.47 -22.08 43.40
CA ILE B 639 -9.33 -21.90 42.51
C ILE B 639 -8.04 -22.38 43.18
N GLU B 640 -7.86 -22.01 44.46
CA GLU B 640 -6.63 -22.40 45.17
C GLU B 640 -6.48 -23.92 45.19
N HIS B 641 -7.58 -24.65 45.29
CA HIS B 641 -7.49 -26.10 45.29
C HIS B 641 -7.24 -26.60 43.87
N ASN B 642 -8.02 -26.06 42.92
CA ASN B 642 -7.99 -26.60 41.57
C ASN B 642 -6.65 -26.30 40.91
N LEU B 643 -6.01 -25.18 41.28
CA LEU B 643 -4.64 -24.91 40.84
C LEU B 643 -3.77 -26.15 41.11
N ASP B 644 -3.85 -26.67 42.34
CA ASP B 644 -3.07 -27.85 42.74
C ASP B 644 -3.55 -29.11 42.00
N ASP B 645 -4.86 -29.34 42.03
CA ASP B 645 -5.44 -30.58 41.49
C ASP B 645 -5.18 -30.70 40.00
N LEU B 646 -5.42 -29.63 39.22
CA LEU B 646 -5.36 -29.70 37.76
C LEU B 646 -4.00 -29.29 37.18
N HIS B 647 -3.14 -28.54 37.89
CA HIS B 647 -1.99 -27.89 37.28
C HIS B 647 -0.63 -28.16 37.95
N TRP B 648 -0.60 -28.64 39.21
CA TRP B 648 0.68 -28.78 39.91
C TRP B 648 1.32 -30.09 39.46
N SER B 649 2.58 -30.05 39.03
CA SER B 649 3.34 -31.25 38.73
C SER B 649 4.33 -31.53 39.87
N GLU B 650 4.07 -32.57 40.66
CA GLU B 650 4.99 -33.00 41.71
C GLU B 650 6.32 -33.46 41.11
N LYS B 651 6.26 -34.15 39.98
CA LYS B 651 7.48 -34.58 39.30
C LYS B 651 8.34 -33.39 38.90
N GLU B 652 7.75 -32.33 38.29
CA GLU B 652 8.58 -31.28 37.74
C GLU B 652 8.84 -30.19 38.79
N GLY B 653 8.05 -30.16 39.87
CA GLY B 653 8.28 -29.08 40.84
C GLY B 653 7.75 -27.73 40.33
N CYS B 654 6.64 -27.72 39.57
CA CYS B 654 6.12 -26.43 39.09
C CYS B 654 4.70 -26.64 38.59
N TYR B 655 4.06 -25.54 38.17
CA TYR B 655 2.76 -25.59 37.53
C TYR B 655 2.91 -25.82 36.03
N CYS B 656 1.89 -26.47 35.47
CA CYS B 656 1.83 -26.82 34.06
C CYS B 656 0.42 -26.58 33.53
N ASP B 657 0.33 -26.23 32.24
CA ASP B 657 -0.90 -26.33 31.48
C ASP B 657 -1.30 -27.81 31.46
N ALA B 658 -2.58 -28.10 31.19
CA ALA B 658 -3.03 -29.49 31.09
C ALA B 658 -3.73 -29.69 29.76
N THR B 659 -3.85 -30.95 29.34
CA THR B 659 -4.64 -31.23 28.16
C THR B 659 -5.29 -32.59 28.33
N ILE B 660 -6.07 -32.99 27.30
CA ILE B 660 -6.56 -34.34 27.13
C ILE B 660 -5.75 -34.94 25.98
N ASP B 661 -4.99 -36.02 26.25
CA ASP B 661 -4.06 -36.50 25.24
C ASP B 661 -4.78 -37.45 24.27
N GLU B 662 -3.99 -38.05 23.37
CA GLU B 662 -4.47 -38.91 22.30
C GLU B 662 -5.18 -40.14 22.86
N PHE B 663 -4.84 -40.53 24.10
CA PHE B 663 -5.46 -41.65 24.77
C PHE B 663 -6.67 -41.18 25.59
N GLU B 664 -7.09 -39.93 25.41
CA GLU B 664 -8.23 -39.42 26.17
C GLU B 664 -7.90 -39.27 27.67
N GLU B 665 -6.61 -39.10 28.03
CA GLU B 665 -6.28 -38.90 29.43
C GLU B 665 -5.87 -37.45 29.77
N HIS B 666 -6.15 -37.04 31.01
CA HIS B 666 -5.65 -35.84 31.64
C HIS B 666 -4.13 -35.95 31.71
N LYS B 667 -3.47 -34.92 31.19
CA LYS B 667 -2.03 -34.95 31.02
C LYS B 667 -1.52 -33.52 31.25
N LEU B 668 -0.56 -33.39 32.17
CA LEU B 668 0.11 -32.12 32.39
C LEU B 668 1.11 -32.00 31.26
N VAL B 669 1.31 -30.77 30.76
CA VAL B 669 2.23 -30.49 29.68
C VAL B 669 3.13 -29.37 30.19
N CYS B 670 4.30 -29.80 30.62
CA CYS B 670 5.09 -28.92 31.45
C CYS B 670 6.21 -28.31 30.59
N HIS B 671 6.29 -26.99 30.58
CA HIS B 671 7.40 -26.29 29.94
C HIS B 671 7.88 -25.20 30.88
N LYS B 672 9.05 -25.44 31.47
CA LYS B 672 9.53 -24.63 32.57
C LYS B 672 9.87 -23.23 32.07
N GLY B 673 9.24 -22.21 32.69
CA GLY B 673 9.33 -20.84 32.20
C GLY B 673 8.28 -19.96 32.85
N TYR B 674 7.90 -18.84 32.19
CA TYR B 674 7.01 -17.89 32.88
C TYR B 674 5.70 -18.57 33.28
N ILE B 675 5.11 -19.37 32.37
CA ILE B 675 3.80 -19.94 32.63
C ILE B 675 3.81 -20.79 33.90
N SER B 676 4.94 -21.47 34.09
CA SER B 676 5.15 -22.44 35.16
C SER B 676 5.13 -21.76 36.56
N LEU B 677 5.34 -20.43 36.61
CA LEU B 677 5.42 -19.65 37.84
C LEU B 677 4.13 -18.86 38.12
N PHE B 678 3.08 -19.00 37.31
CA PHE B 678 1.99 -18.03 37.27
C PHE B 678 1.30 -17.83 38.63
N PRO B 679 0.89 -18.88 39.38
CA PRO B 679 0.28 -18.68 40.69
C PRO B 679 1.15 -17.84 41.64
N PHE B 680 2.49 -17.98 41.54
CA PHE B 680 3.41 -17.15 42.29
C PHE B 680 3.35 -15.69 41.77
N LEU B 681 3.51 -15.53 40.46
CA LEU B 681 3.59 -14.21 39.82
C LEU B 681 2.34 -13.37 40.12
N THR B 682 1.17 -13.99 40.32
CA THR B 682 -0.06 -13.26 40.50
C THR B 682 -0.44 -13.18 41.97
N GLY B 683 0.42 -13.74 42.84
CA GLY B 683 0.28 -13.46 44.26
C GLY B 683 -0.72 -14.38 44.94
N LEU B 684 -0.89 -15.60 44.42
CA LEU B 684 -1.93 -16.51 44.92
C LEU B 684 -1.40 -17.49 45.97
N LEU B 685 -0.08 -17.56 46.20
CA LEU B 685 0.46 -18.59 47.09
C LEU B 685 0.76 -17.95 48.43
N LYS B 686 0.45 -18.69 49.49
CA LYS B 686 0.79 -18.28 50.85
C LYS B 686 2.32 -18.40 51.02
N PRO B 687 2.94 -17.55 51.86
CA PRO B 687 4.39 -17.62 52.11
C PRO B 687 4.87 -18.91 52.76
N ASP B 688 3.96 -19.70 53.31
CA ASP B 688 4.43 -20.97 53.85
C ASP B 688 4.20 -22.11 52.87
N SER B 689 3.81 -21.81 51.61
CA SER B 689 3.45 -22.90 50.69
C SER B 689 4.69 -23.70 50.29
N PRO B 690 4.70 -25.04 50.40
CA PRO B 690 5.84 -25.79 49.89
C PRO B 690 6.00 -25.71 48.38
N LYS B 691 4.90 -25.34 47.68
CA LYS B 691 4.98 -25.18 46.24
C LYS B 691 5.76 -23.90 45.98
N LEU B 692 5.51 -22.91 46.82
CA LEU B 692 6.23 -21.66 46.68
C LEU B 692 7.74 -21.90 46.77
N GLY B 693 8.15 -22.75 47.72
CA GLY B 693 9.58 -23.08 47.85
C GLY B 693 10.20 -23.69 46.59
N LYS B 694 9.44 -24.57 45.94
CA LYS B 694 9.93 -25.25 44.75
C LYS B 694 10.04 -24.28 43.57
N LEU B 695 9.13 -23.33 43.52
CA LEU B 695 9.16 -22.35 42.44
C LEU B 695 10.35 -21.40 42.63
N LEU B 696 10.65 -21.06 43.88
CA LEU B 696 11.75 -20.20 44.22
C LEU B 696 13.06 -20.86 43.78
N ALA B 697 13.11 -22.21 43.91
CA ALA B 697 14.30 -22.96 43.52
C ALA B 697 14.47 -22.93 42.00
N LEU B 698 13.35 -23.04 41.28
CA LEU B 698 13.40 -22.97 39.82
C LEU B 698 13.78 -21.55 39.34
N ILE B 699 13.27 -20.50 40.02
CA ILE B 699 13.52 -19.12 39.64
C ILE B 699 15.01 -18.78 39.80
N GLY B 700 15.59 -19.26 40.91
CA GLY B 700 17.00 -19.04 41.20
C GLY B 700 17.94 -19.98 40.43
N ASP B 701 17.37 -20.96 39.72
CA ASP B 701 18.20 -21.96 39.07
C ASP B 701 18.80 -21.41 37.78
N GLU B 702 20.13 -21.16 37.76
CA GLU B 702 20.92 -20.63 36.65
C GLU B 702 20.85 -21.48 35.37
N SER B 703 20.68 -22.80 35.52
CA SER B 703 20.60 -23.73 34.40
C SER B 703 19.20 -23.76 33.78
N GLU B 704 18.21 -23.14 34.46
CA GLU B 704 16.83 -23.11 34.02
C GLU B 704 16.44 -21.68 33.63
N LEU B 705 16.12 -20.84 34.64
CA LEU B 705 15.45 -19.56 34.43
C LEU B 705 16.37 -18.34 34.69
N TRP B 706 17.36 -18.50 35.59
CA TRP B 706 18.14 -17.37 36.10
C TRP B 706 19.31 -17.02 35.17
N SER B 707 19.16 -15.95 34.36
CA SER B 707 20.25 -15.43 33.55
C SER B 707 20.92 -14.31 34.32
N PRO B 708 22.13 -13.85 33.92
CA PRO B 708 22.72 -12.64 34.48
C PRO B 708 21.87 -11.37 34.26
N TYR B 709 20.78 -11.45 33.48
CA TYR B 709 20.10 -10.26 33.00
C TYR B 709 18.62 -10.21 33.41
N GLY B 710 18.18 -11.24 34.13
CA GLY B 710 16.80 -11.36 34.51
C GLY B 710 16.32 -12.78 34.27
N LEU B 711 15.05 -13.04 34.58
CA LEU B 711 14.48 -14.35 34.37
C LEU B 711 14.16 -14.56 32.89
N ARG B 712 14.66 -15.68 32.35
CA ARG B 712 14.33 -16.15 31.03
C ARG B 712 12.85 -16.51 30.93
N SER B 713 12.21 -16.24 29.77
CA SER B 713 10.81 -16.58 29.57
C SER B 713 10.58 -18.09 29.50
N LEU B 714 11.58 -18.80 28.96
CA LEU B 714 11.54 -20.25 28.82
C LEU B 714 12.91 -20.81 29.23
N SER B 715 12.90 -21.97 29.93
CA SER B 715 14.08 -22.63 30.47
C SER B 715 15.03 -23.03 29.36
N LYS B 716 16.34 -22.82 29.60
CA LYS B 716 17.42 -23.29 28.72
C LYS B 716 17.27 -24.79 28.44
N LYS B 717 16.78 -25.54 29.44
CA LYS B 717 16.56 -26.98 29.35
C LYS B 717 15.29 -27.36 28.58
N ASP B 718 14.40 -26.42 28.26
CA ASP B 718 13.17 -26.81 27.56
C ASP B 718 13.50 -27.17 26.11
N GLU B 719 12.76 -28.13 25.55
CA GLU B 719 13.03 -28.52 24.18
C GLU B 719 12.74 -27.39 23.20
N PHE B 720 11.95 -26.39 23.61
CA PHE B 720 11.57 -25.30 22.70
C PHE B 720 12.42 -24.03 22.88
N TYR B 721 13.45 -24.10 23.74
CA TYR B 721 14.27 -22.93 24.04
C TYR B 721 14.86 -22.37 22.75
N GLY B 722 14.70 -21.06 22.50
CA GLY B 722 15.27 -20.42 21.33
C GLY B 722 14.68 -20.83 19.98
N THR B 723 13.59 -21.61 19.92
CA THR B 723 13.05 -22.07 18.65
C THR B 723 12.05 -21.09 18.02
N ALA B 724 11.76 -21.33 16.72
CA ALA B 724 10.82 -20.57 15.88
C ALA B 724 11.07 -19.06 15.98
N GLU B 725 10.01 -18.28 16.24
CA GLU B 725 10.18 -16.83 16.34
C GLU B 725 10.89 -16.48 17.66
N ASN B 726 10.92 -17.38 18.65
CA ASN B 726 11.71 -17.13 19.85
C ASN B 726 11.30 -15.82 20.53
N TYR B 727 9.98 -15.62 20.61
CA TYR B 727 9.44 -14.37 21.12
C TYR B 727 9.34 -14.47 22.64
N TRP B 728 8.68 -15.54 23.11
CA TRP B 728 8.51 -15.82 24.53
C TRP B 728 9.14 -17.18 24.86
N ARG B 729 10.19 -17.55 24.10
CA ARG B 729 10.81 -18.86 24.20
C ARG B 729 12.28 -18.75 24.61
N SER B 730 12.64 -17.62 25.26
CA SER B 730 13.92 -17.54 25.95
C SER B 730 14.14 -16.15 26.51
N PRO B 731 13.76 -15.07 25.76
CA PRO B 731 14.19 -13.73 26.12
C PRO B 731 13.61 -13.25 27.47
N VAL B 732 14.24 -12.19 28.01
CA VAL B 732 13.88 -11.59 29.28
C VAL B 732 12.85 -10.47 29.03
N TRP B 733 11.64 -10.61 29.60
CA TRP B 733 10.61 -9.58 29.50
C TRP B 733 10.43 -8.87 30.82
N ILE B 734 10.28 -7.53 30.77
CA ILE B 734 10.31 -6.69 31.96
C ILE B 734 8.99 -6.80 32.74
N ASN B 735 7.88 -7.06 32.05
CA ASN B 735 6.61 -7.03 32.77
C ASN B 735 6.51 -8.23 33.71
N ILE B 736 6.87 -9.40 33.19
CA ILE B 736 6.86 -10.62 33.96
C ILE B 736 7.91 -10.53 35.06
N ASN B 737 9.08 -9.96 34.73
CA ASN B 737 10.14 -9.82 35.71
C ASN B 737 9.70 -8.87 36.82
N TYR B 738 8.96 -7.82 36.45
CA TYR B 738 8.36 -6.93 37.44
C TYR B 738 7.49 -7.73 38.41
N LEU B 739 6.62 -8.60 37.89
CA LEU B 739 5.71 -9.31 38.79
C LEU B 739 6.50 -10.20 39.76
N ALA B 740 7.60 -10.79 39.27
CA ALA B 740 8.42 -11.68 40.08
C ALA B 740 9.05 -10.88 41.21
N ILE B 741 9.60 -9.70 40.85
CA ILE B 741 10.26 -8.82 41.80
C ILE B 741 9.30 -8.44 42.91
N VAL B 742 8.08 -8.07 42.51
CA VAL B 742 7.10 -7.63 43.48
C VAL B 742 6.79 -8.80 44.41
N GLN B 743 6.61 -10.00 43.87
CA GLN B 743 6.13 -11.09 44.71
C GLN B 743 7.30 -11.59 45.59
N LEU B 744 8.51 -11.52 45.07
CA LEU B 744 9.69 -11.84 45.88
C LEU B 744 9.79 -10.89 47.06
N TYR B 745 9.48 -9.61 46.82
CA TYR B 745 9.56 -8.60 47.86
C TYR B 745 8.55 -8.92 48.98
N ASN B 746 7.34 -9.34 48.57
CA ASN B 746 6.27 -9.70 49.48
C ASN B 746 6.73 -10.82 50.42
N ILE B 747 7.36 -11.87 49.86
CA ILE B 747 7.81 -12.97 50.70
C ILE B 747 8.93 -12.50 51.64
N ALA B 748 9.83 -11.65 51.13
CA ALA B 748 11.02 -11.25 51.87
C ALA B 748 10.65 -10.40 53.08
N THR B 749 9.40 -9.95 53.20
CA THR B 749 9.08 -8.95 54.20
C THR B 749 8.00 -9.50 55.13
N GLN B 750 7.91 -10.82 55.22
CA GLN B 750 7.11 -11.44 56.26
C GLN B 750 7.73 -12.77 56.71
N ASP B 751 7.26 -13.25 57.88
CA ASP B 751 7.75 -14.46 58.52
C ASP B 751 7.48 -15.65 57.63
N GLY B 752 8.50 -16.50 57.46
CA GLY B 752 8.26 -17.79 56.86
C GLY B 752 9.56 -18.49 56.47
N PRO B 753 9.52 -19.77 56.05
CA PRO B 753 10.76 -20.51 55.77
C PRO B 753 11.50 -19.99 54.56
N TYR B 754 10.79 -19.28 53.65
CA TYR B 754 11.43 -18.78 52.44
C TYR B 754 11.79 -17.30 52.48
N LYS B 755 11.59 -16.66 53.64
CA LYS B 755 11.83 -15.22 53.75
C LYS B 755 13.23 -14.88 53.25
N GLU B 756 14.23 -15.59 53.78
CA GLU B 756 15.60 -15.27 53.41
C GLU B 756 15.85 -15.57 51.93
N THR B 757 15.30 -16.66 51.40
CA THR B 757 15.50 -17.02 50.00
C THR B 757 14.92 -15.92 49.09
N ALA B 758 13.72 -15.44 49.43
CA ALA B 758 13.10 -14.34 48.69
C ALA B 758 13.91 -13.05 48.83
N ARG B 759 14.41 -12.68 50.03
CA ARG B 759 15.21 -11.47 50.17
C ARG B 759 16.35 -11.48 49.16
N ASP B 760 17.04 -12.62 49.09
CA ASP B 760 18.25 -12.73 48.31
C ASP B 760 17.92 -12.68 46.81
N LEU B 761 16.91 -13.43 46.38
CA LEU B 761 16.52 -13.38 44.97
C LEU B 761 15.96 -12.00 44.65
N TYR B 762 15.18 -11.40 45.56
CA TYR B 762 14.66 -10.05 45.29
C TYR B 762 15.81 -9.10 44.96
N THR B 763 16.81 -9.02 45.85
CA THR B 763 17.88 -8.04 45.79
C THR B 763 18.64 -8.25 44.49
N ARG B 764 18.85 -9.52 44.17
CA ARG B 764 19.69 -9.85 43.03
C ARG B 764 18.91 -9.61 41.72
N LEU B 765 17.63 -10.03 41.66
CA LEU B 765 16.90 -9.87 40.40
C LEU B 765 16.66 -8.38 40.15
N ARG B 766 16.34 -7.64 41.21
CA ARG B 766 16.20 -6.19 41.13
C ARG B 766 17.42 -5.63 40.41
N LYS B 767 18.63 -6.01 40.90
CA LYS B 767 19.84 -5.39 40.37
C LYS B 767 20.04 -5.81 38.91
N ASN B 768 19.84 -7.10 38.62
CA ASN B 768 20.06 -7.57 37.27
C ASN B 768 19.12 -6.86 36.28
N ILE B 769 17.84 -6.69 36.67
CA ILE B 769 16.86 -6.14 35.73
C ILE B 769 17.21 -4.68 35.47
N VAL B 770 17.37 -3.92 36.54
CA VAL B 770 17.61 -2.50 36.41
C VAL B 770 18.84 -2.26 35.55
N GLU B 771 19.90 -3.06 35.74
CA GLU B 771 21.18 -2.85 35.08
C GLU B 771 21.06 -3.18 33.58
N THR B 772 20.40 -4.30 33.29
CA THR B 772 20.17 -4.70 31.91
C THR B 772 19.47 -3.57 31.15
N VAL B 773 18.40 -3.00 31.72
CA VAL B 773 17.63 -1.96 31.04
C VAL B 773 18.41 -0.66 31.05
N TYR B 774 19.01 -0.31 32.20
CA TYR B 774 19.87 0.86 32.29
C TYR B 774 20.99 0.83 31.24
N ARG B 775 21.72 -0.30 31.14
CA ARG B 775 22.95 -0.33 30.34
C ARG B 775 22.60 -0.17 28.87
N ASN B 776 21.47 -0.74 28.45
CA ASN B 776 21.06 -0.66 27.06
C ASN B 776 20.57 0.75 26.77
N TRP B 777 19.93 1.38 27.75
CA TRP B 777 19.49 2.75 27.55
C TRP B 777 20.70 3.67 27.39
N GLU B 778 21.70 3.49 28.25
CA GLU B 778 22.95 4.23 28.16
C GLU B 778 23.57 4.06 26.78
N GLU B 779 23.63 2.83 26.29
CA GLU B 779 24.34 2.55 25.06
C GLU B 779 23.53 2.95 23.83
N THR B 780 22.20 2.76 23.82
CA THR B 780 21.46 2.84 22.57
C THR B 780 20.49 4.03 22.62
N GLY B 781 20.20 4.50 23.84
CA GLY B 781 19.20 5.53 24.00
C GLY B 781 17.75 5.01 24.01
N PHE B 782 17.54 3.68 23.93
CA PHE B 782 16.18 3.15 23.85
C PHE B 782 15.84 2.20 25.00
N ALA B 783 14.56 2.19 25.42
CA ALA B 783 13.92 1.06 26.04
C ALA B 783 13.61 -0.02 24.99
N TRP B 784 13.91 -1.27 25.31
CA TRP B 784 13.64 -2.32 24.33
C TRP B 784 12.46 -3.18 24.77
N GLU B 785 11.80 -3.83 23.80
CA GLU B 785 10.70 -4.76 24.02
C GLU B 785 11.12 -5.95 24.89
N GLN B 786 12.34 -6.48 24.69
CA GLN B 786 12.85 -7.62 25.45
C GLN B 786 14.37 -7.62 25.38
N TYR B 787 15.00 -8.53 26.16
CA TYR B 787 16.44 -8.51 26.33
C TYR B 787 17.01 -9.91 26.17
N ASN B 788 18.18 -9.96 25.52
CA ASN B 788 18.87 -11.21 25.25
C ASN B 788 19.29 -11.86 26.58
N PRO B 789 18.96 -13.14 26.84
CA PRO B 789 19.41 -13.79 28.07
C PRO B 789 20.88 -14.23 28.06
N GLU B 790 21.47 -14.44 26.86
CA GLU B 790 22.90 -14.68 26.66
C GLU B 790 23.75 -13.41 26.86
N THR B 791 23.37 -12.26 26.26
CA THR B 791 24.24 -11.08 26.25
C THR B 791 23.68 -9.89 27.04
N GLY B 792 22.37 -9.89 27.32
CA GLY B 792 21.75 -8.74 27.96
C GLY B 792 21.33 -7.63 26.98
N LYS B 793 21.51 -7.86 25.68
CA LYS B 793 21.24 -6.86 24.64
C LYS B 793 19.74 -6.66 24.40
N GLY B 794 19.29 -5.39 24.37
CA GLY B 794 17.95 -5.04 23.90
C GLY B 794 17.71 -5.58 22.50
N GLN B 795 16.63 -6.35 22.30
CA GLN B 795 16.27 -6.86 20.98
C GLN B 795 14.74 -6.76 20.77
N ARG B 796 14.26 -7.18 19.60
CA ARG B 796 12.95 -6.79 19.08
C ARG B 796 12.85 -5.27 19.00
N THR B 797 11.65 -4.67 19.15
CA THR B 797 11.49 -3.25 18.81
C THR B 797 12.04 -2.32 19.88
N GLN B 798 12.51 -1.15 19.43
CA GLN B 798 12.97 -0.08 20.29
C GLN B 798 11.75 0.79 20.60
N HIS B 799 11.94 1.78 21.47
CA HIS B 799 10.92 2.72 21.89
C HIS B 799 9.77 2.03 22.63
N PHE B 800 10.07 0.96 23.36
CA PHE B 800 9.01 0.17 23.98
C PHE B 800 8.75 0.70 25.39
N THR B 801 7.97 1.78 25.47
CA THR B 801 7.62 2.44 26.72
C THR B 801 6.10 2.67 26.73
N GLY B 802 5.29 1.61 26.89
CA GLY B 802 5.72 0.22 26.97
C GLY B 802 6.04 -0.18 28.41
N TRP B 803 5.83 -1.45 28.72
CA TRP B 803 5.93 -1.87 30.10
C TRP B 803 7.40 -1.92 30.53
N THR B 804 8.34 -1.70 29.60
CA THR B 804 9.74 -1.69 29.99
C THR B 804 10.01 -0.58 30.99
N SER B 805 9.17 0.45 30.95
CA SER B 805 9.26 1.60 31.84
C SER B 805 8.92 1.26 33.29
N LEU B 806 8.42 0.02 33.54
CA LEU B 806 8.21 -0.48 34.89
C LEU B 806 9.51 -0.37 35.72
N VAL B 807 10.64 -0.42 35.05
CA VAL B 807 11.94 -0.25 35.66
C VAL B 807 11.97 0.94 36.65
N VAL B 808 11.22 2.01 36.37
CA VAL B 808 11.20 3.15 37.29
C VAL B 808 10.68 2.73 38.67
N LYS B 809 9.65 1.89 38.72
CA LYS B 809 9.11 1.41 39.98
C LYS B 809 10.07 0.39 40.60
N ILE B 810 10.72 -0.42 39.76
CA ILE B 810 11.68 -1.36 40.32
C ILE B 810 12.74 -0.61 41.15
N MET B 811 13.25 0.52 40.64
CA MET B 811 14.25 1.32 41.34
C MET B 811 13.69 1.99 42.59
N SER B 812 12.39 2.28 42.58
CA SER B 812 11.78 3.07 43.63
C SER B 812 11.49 2.23 44.88
N GLY B 813 11.31 0.90 44.73
CA GLY B 813 11.02 0.00 45.84
C GLY B 813 9.52 -0.10 46.14
N HIS B 814 9.12 -1.01 47.06
CA HIS B 814 7.69 -1.28 47.20
C HIS B 814 7.19 -0.78 48.56
#